data_8R1G
#
_entry.id   8R1G
#
_cell.length_a   1.00
_cell.length_b   1.00
_cell.length_c   1.00
_cell.angle_alpha   90.00
_cell.angle_beta   90.00
_cell.angle_gamma   90.00
#
_symmetry.space_group_name_H-M   'P 1'
#
loop_
_entity.id
_entity.type
_entity.pdbx_description
1 polymer 'Ubiquitin-protein ligase E3A'
2 polymer 'Ubiquitin-like protein SMT3,Protein E6'
3 polymer 'Cellular tumor antigen p53'
4 non-polymer 'ZINC ION'
#
loop_
_entity_poly.entity_id
_entity_poly.type
_entity_poly.pdbx_seq_one_letter_code
_entity_poly.pdbx_strand_id
1 'polypeptide(L)'
;MDWSHPQFEKSAVDENLYFQGGGRMEKLHQCYWKSGEPQSDDIEASRMKRAAAKHLIERYYHQLTEGCGNEACTNEFCAS
CPTFLRMDNNAAAIKALELYKINAKLCDPHPSKKGASSAYLENSKGAPNNSCSEIKMNKKGARIDFKDVTYLTEEKVYEI
LELCREREDYSPLIRVIGRVFSSAEALVQSFRKVKQHTKEELKSLQAKDEDKDEDEKEKAACSAAAMEEDSEASSSRIGD
SSQGDNNLQKLGPDDVSVDIDAIRRVYTRLLSNEKIETAFLNALVYLSPNVECDLTYHNVYSRDPNYLNLFIIVMENRNL
HSPEYLEMALPLFCKAMSKLPLAAQGKLIRLWSKYNADQIRRMMETFQQLITYKVISNEFNSRNLVNDDDAIVAASKCLK
MVYYANVVGGEVDTNHNEEDDEEPIPESSELTLQELLGEERRNKKGPRVDPLETELGVKTLDCRKPLIPFEEFINEPLNE
VLEMDKDYTFFKVETENKFSFMTCPFILNAVTKNLGLYYDNRIRMYSERRITVLYSLVQGQQLNPYLRLKVRRDHIIDDA
LVRLEMIAMENPADLKKQLYVEFEGEQGVDEGGVSKEFFQLVVEEIFNPDIGMFTYDESTKLFWFNPSSFETEGQFTLIG
IVLGLAIYNNCILDVHFPMVVYRKLMGKKGTFRDLGDSHPVLYQSLKDLLEYEGNVEDDMMITFQISQTDLFGNPMMYDL
KENGDKIPITNENRKEFVNLYSDYILNKSVEKQFKAFRRGFHMVTNESPLKYLFRPEEIELLICGSRNLDFQALEETTEY
DGGYTRDSVLIREFWEIVHSFTDEQKRLFLQFTTGTDRAPVGGLGKLKMIIAKNGPDTERLPTSHTCFNVLLLPEYSSKE
KLKERLLKAITYAKGFGML
;
A,D
2 'polypeptide(L)'
;MSDSEVNQEAKPEVKPEVKPETHINLKVSDGSSEIFFKIKKTTPLRRLMEAFAKRQGKEMDSLRFLYDGIRIQADQTPED
LDMEDNDIIEAHREQIGGSADENLYFQGMHQKRTAMFQDPQERPRKLPQLCTELQTTIHDIILECVYCKQQLLRREVYDF
AFRDLCIVYRDGNPYAVCDKCLKFYSKISEYRHYSYSLYGTTLEQQYNKPLSDLLIRCINCQKPLSPEEKQRHLDKKQRF
HNIRGRWTGRCMSCSRSSRTRRETQL
;
B,E
3 'polypeptide(L)'
;MDWSHPQFEKSAVDENLYFQGGGRMEEPQSDPSVEPPLSQETFSDLWKLLPENNVLSPLPSQAMDDLMLSPDDIEQWFTE
DPGPDEAPRMPEAAPPVAPAPAAPTPAAPAPAPSWPLSSSVPSQKTYQGSYGFRLGFLHSGTAKSVTCTYSPALNKMFCQ
LAKTCPVQLWVDSTPPPGTRVRAMAIYKQSQHMTEVVRRCPHHERCSDSDGLAPPQHLIRVEGNLRVEYLDDRNTFRHSV
VVPYEPPEVGSDCTTIHYNYMCNSSCMGGMNRRPILTIITLEDSSGNLLGRNSFEVRVCACPGRDRRTEEENLRKKGEPH
HELPPGSTKRALPNNTSSSPQPKKKPLDGEYFTLQIRGRERFEMFRELNEALELKDAQAGKEPGGSRAHSSHLKSKKGQS
TSRHKKLMFKTEGPDSD
;
C,F
#
loop_
_chem_comp.id
_chem_comp.type
_chem_comp.name
_chem_comp.formula
ZN non-polymer 'ZINC ION' 'Zn 2'
#
# COMPACT_ATOMS: atom_id res chain seq x y z
N LYS A 147 -36.77 7.59 -1.59
CA LYS A 147 -36.28 8.90 -1.19
C LYS A 147 -34.79 8.86 -0.84
N ASP A 148 -33.98 8.39 -1.78
CA ASP A 148 -32.55 8.15 -1.51
C ASP A 148 -31.81 9.43 -1.14
N VAL A 149 -30.88 9.29 -0.19
CA VAL A 149 -30.07 10.40 0.33
C VAL A 149 -28.71 9.84 0.72
N THR A 150 -27.66 10.68 0.58
CA THR A 150 -26.28 10.24 0.78
C THR A 150 -25.81 10.27 2.23
N TYR A 151 -26.42 11.08 3.09
CA TYR A 151 -26.03 11.17 4.49
C TYR A 151 -27.30 11.33 5.31
N LEU A 152 -27.18 11.11 6.63
CA LEU A 152 -28.35 10.92 7.47
C LEU A 152 -28.33 11.80 8.72
N THR A 153 -29.52 12.21 9.17
CA THR A 153 -29.71 13.02 10.37
C THR A 153 -30.98 12.57 11.08
N GLU A 154 -31.11 13.02 12.34
CA GLU A 154 -32.28 12.69 13.14
C GLU A 154 -33.58 13.01 12.40
N GLU A 155 -33.67 14.22 11.83
CA GLU A 155 -34.89 14.61 11.13
C GLU A 155 -35.13 13.70 9.92
N LYS A 156 -34.08 13.43 9.15
CA LYS A 156 -34.21 12.55 8.00
C LYS A 156 -34.76 11.19 8.45
N VAL A 157 -34.30 10.70 9.60
CA VAL A 157 -34.80 9.43 10.14
C VAL A 157 -36.28 9.53 10.47
N TYR A 158 -36.67 10.62 11.13
CA TYR A 158 -38.07 10.77 11.51
C TYR A 158 -38.99 10.71 10.28
N GLU A 159 -38.53 11.23 9.14
CA GLU A 159 -39.33 11.15 7.92
C GLU A 159 -39.80 9.73 7.65
N ILE A 160 -38.98 8.74 8.01
CA ILE A 160 -39.29 7.36 7.71
C ILE A 160 -39.99 6.69 8.88
N LEU A 161 -39.64 7.06 10.10
CA LEU A 161 -40.35 6.46 11.24
C LEU A 161 -41.85 6.57 11.01
N GLU A 162 -42.29 7.77 10.67
CA GLU A 162 -43.73 7.99 10.47
C GLU A 162 -44.25 7.20 9.27
N LEU A 163 -43.52 7.24 8.15
CA LEU A 163 -44.00 6.59 6.93
C LEU A 163 -44.06 5.06 7.08
N CYS A 164 -43.03 4.47 7.68
CA CYS A 164 -42.99 3.04 7.91
C CYS A 164 -44.14 2.60 8.80
N ARG A 165 -44.42 3.36 9.86
CA ARG A 165 -45.59 3.01 10.66
C ARG A 165 -46.87 3.15 9.85
N GLU A 166 -46.95 4.20 9.03
CA GLU A 166 -48.18 4.45 8.27
C GLU A 166 -48.41 3.41 7.19
N ARG A 167 -47.34 2.89 6.58
CA ARG A 167 -47.44 1.85 5.57
C ARG A 167 -47.29 0.45 6.16
N GLU A 168 -47.31 0.34 7.49
CA GLU A 168 -47.12 -0.92 8.20
C GLU A 168 -45.94 -1.72 7.64
N ASP A 169 -44.83 -1.03 7.37
CA ASP A 169 -43.65 -1.68 6.81
C ASP A 169 -42.39 -1.16 7.49
N TYR A 170 -41.31 -1.93 7.34
CA TYR A 170 -39.98 -1.53 7.79
C TYR A 170 -38.91 -1.70 6.72
N SER A 171 -39.14 -2.53 5.72
CA SER A 171 -38.17 -2.75 4.65
C SER A 171 -37.63 -1.48 4.01
N PRO A 172 -38.39 -0.40 3.79
CA PRO A 172 -37.76 0.81 3.23
C PRO A 172 -36.75 1.43 4.17
N LEU A 173 -37.10 1.55 5.45
CA LEU A 173 -36.14 2.06 6.42
C LEU A 173 -34.93 1.14 6.54
N ILE A 174 -35.14 -0.17 6.40
CA ILE A 174 -34.04 -1.11 6.43
C ILE A 174 -33.15 -0.93 5.20
N ARG A 175 -33.75 -0.80 4.01
CA ARG A 175 -33.00 -0.45 2.82
C ARG A 175 -32.15 0.77 3.09
N VAL A 176 -32.77 1.81 3.64
CA VAL A 176 -32.06 3.05 3.93
C VAL A 176 -30.90 2.81 4.88
N ILE A 177 -31.20 2.31 6.07
CA ILE A 177 -30.16 2.15 7.09
C ILE A 177 -29.02 1.28 6.57
N GLY A 178 -29.35 0.18 5.88
CA GLY A 178 -28.28 -0.63 5.29
C GLY A 178 -27.45 0.15 4.31
N ARG A 179 -28.10 0.80 3.34
CA ARG A 179 -27.40 1.57 2.31
C ARG A 179 -26.63 2.74 2.90
N VAL A 180 -26.99 3.18 4.12
CA VAL A 180 -26.24 4.21 4.84
C VAL A 180 -25.06 3.58 5.55
N PHE A 181 -25.36 2.81 6.59
CA PHE A 181 -24.35 2.36 7.54
C PHE A 181 -23.36 1.37 6.95
N SER A 182 -23.62 0.80 5.78
CA SER A 182 -22.57 0.05 5.11
C SER A 182 -21.47 0.95 4.57
N SER A 183 -21.69 2.27 4.50
CA SER A 183 -20.75 3.22 3.91
C SER A 183 -20.04 4.00 5.00
N ALA A 184 -18.71 3.92 5.03
CA ALA A 184 -17.94 4.75 5.93
C ALA A 184 -18.10 6.23 5.62
N GLU A 185 -18.04 6.58 4.34
CA GLU A 185 -18.11 7.99 3.94
C GLU A 185 -19.44 8.62 4.36
N ALA A 186 -20.55 7.93 4.10
CA ALA A 186 -21.85 8.44 4.50
C ALA A 186 -21.85 8.76 5.98
N LEU A 187 -21.32 7.85 6.79
CA LEU A 187 -21.31 8.04 8.23
C LEU A 187 -20.42 9.20 8.63
N VAL A 188 -19.19 9.22 8.13
CA VAL A 188 -18.24 10.28 8.49
C VAL A 188 -18.84 11.64 8.18
N GLN A 189 -19.55 11.73 7.05
CA GLN A 189 -20.16 12.99 6.62
C GLN A 189 -21.47 13.32 7.33
N SER A 190 -22.11 12.34 7.98
CA SER A 190 -23.48 12.55 8.47
C SER A 190 -23.58 13.58 9.58
N PHE A 191 -22.56 13.75 10.39
CA PHE A 191 -22.69 14.67 11.53
C PHE A 191 -21.37 15.39 11.79
N VAL A 258 -20.21 14.13 15.25
CA VAL A 258 -20.01 14.82 16.52
C VAL A 258 -21.30 15.06 17.34
N ASP A 259 -22.48 14.95 16.72
CA ASP A 259 -23.75 15.27 17.39
C ASP A 259 -24.19 14.13 18.33
N ILE A 260 -23.45 13.98 19.43
CA ILE A 260 -23.67 12.89 20.40
C ILE A 260 -25.14 12.74 20.78
N ASP A 261 -25.77 13.81 21.26
CA ASP A 261 -27.14 13.67 21.77
C ASP A 261 -28.09 13.23 20.67
N ALA A 262 -27.89 13.73 19.45
CA ALA A 262 -28.74 13.30 18.35
C ALA A 262 -28.59 11.81 18.14
N ILE A 263 -27.36 11.32 18.14
CA ILE A 263 -27.09 9.89 18.00
C ILE A 263 -27.79 9.11 19.09
N ARG A 264 -27.70 9.61 20.33
CA ARG A 264 -28.35 8.93 21.43
C ARG A 264 -29.86 8.86 21.25
N ARG A 265 -30.47 9.98 20.82
CA ARG A 265 -31.91 9.94 20.59
C ARG A 265 -32.24 8.94 19.49
N VAL A 266 -31.49 9.00 18.39
CA VAL A 266 -31.74 8.11 17.26
C VAL A 266 -31.68 6.64 17.70
N TYR A 267 -30.61 6.26 18.40
CA TYR A 267 -30.53 4.88 18.86
C TYR A 267 -31.69 4.54 19.77
N THR A 268 -32.03 5.44 20.69
CA THR A 268 -33.12 5.15 21.63
C THR A 268 -34.43 4.92 20.89
N ARG A 269 -34.60 5.53 19.72
CA ARG A 269 -35.81 5.31 18.95
C ARG A 269 -35.74 4.06 18.08
N LEU A 270 -34.62 3.85 17.40
CA LEU A 270 -34.51 2.78 16.41
C LEU A 270 -34.38 1.41 17.07
N LEU A 271 -33.57 1.28 18.13
CA LEU A 271 -33.35 -0.05 18.66
C LEU A 271 -34.59 -0.64 19.32
N SER A 272 -35.72 0.10 19.31
CA SER A 272 -36.99 -0.41 19.81
C SER A 272 -37.65 -1.40 18.86
N ASN A 273 -37.13 -1.60 17.66
CA ASN A 273 -37.72 -2.49 16.68
C ASN A 273 -36.73 -3.61 16.34
N GLU A 274 -37.15 -4.87 16.56
CA GLU A 274 -36.29 -6.02 16.33
C GLU A 274 -35.81 -6.11 14.89
N LYS A 275 -36.70 -5.83 13.92
CA LYS A 275 -36.28 -5.98 12.54
C LYS A 275 -35.14 -5.04 12.20
N ILE A 276 -35.17 -3.86 12.80
CA ILE A 276 -34.15 -2.85 12.50
C ILE A 276 -32.83 -3.20 13.19
N GLU A 277 -32.90 -3.86 14.34
CA GLU A 277 -31.68 -4.29 15.01
C GLU A 277 -30.86 -5.20 14.11
N THR A 278 -31.51 -6.19 13.49
CA THR A 278 -30.74 -7.05 12.60
C THR A 278 -30.13 -6.26 11.45
N ALA A 279 -30.76 -5.17 11.04
CA ALA A 279 -30.20 -4.37 9.95
C ALA A 279 -28.96 -3.62 10.42
N PHE A 280 -28.99 -3.04 11.62
CA PHE A 280 -27.78 -2.42 12.15
C PHE A 280 -26.65 -3.42 12.18
N LEU A 281 -26.92 -4.59 12.78
CA LEU A 281 -25.90 -5.62 12.86
C LEU A 281 -25.35 -5.93 11.48
N ASN A 282 -26.25 -6.13 10.52
CA ASN A 282 -25.79 -6.59 9.22
C ASN A 282 -25.03 -5.49 8.50
N ALA A 283 -25.32 -4.22 8.81
CA ALA A 283 -24.57 -3.12 8.21
C ALA A 283 -23.19 -3.01 8.83
N LEU A 284 -23.10 -3.18 10.15
CA LEU A 284 -21.81 -3.04 10.82
C LEU A 284 -20.84 -4.11 10.34
N VAL A 285 -21.33 -5.34 10.16
CA VAL A 285 -20.47 -6.42 9.67
C VAL A 285 -19.90 -6.08 8.30
N TYR A 286 -20.67 -5.35 7.50
CA TYR A 286 -20.21 -4.93 6.18
C TYR A 286 -19.24 -3.76 6.26
N LEU A 287 -19.49 -2.86 7.21
CA LEU A 287 -18.73 -1.62 7.30
C LEU A 287 -17.29 -1.87 7.74
N SER A 288 -17.11 -2.55 8.87
CA SER A 288 -15.79 -2.56 9.51
C SER A 288 -14.65 -3.02 8.60
N PRO A 289 -14.76 -4.14 7.89
CA PRO A 289 -13.61 -4.60 7.09
C PRO A 289 -13.13 -3.57 6.07
N ASN A 290 -14.00 -2.70 5.59
CA ASN A 290 -13.59 -1.65 4.67
C ASN A 290 -12.85 -0.54 5.41
N VAL A 291 -13.33 -0.21 6.62
CA VAL A 291 -12.69 0.81 7.44
C VAL A 291 -11.27 0.39 7.79
N GLU A 292 -11.07 -0.91 8.04
CA GLU A 292 -9.71 -1.37 8.30
C GLU A 292 -8.80 -1.07 7.11
N CYS A 293 -9.30 -1.26 5.90
CA CYS A 293 -8.49 -0.94 4.72
C CYS A 293 -8.18 0.54 4.66
N ASP A 294 -9.18 1.38 4.91
CA ASP A 294 -8.94 2.82 4.86
C ASP A 294 -7.82 3.23 5.80
N LEU A 295 -7.83 2.69 7.01
CA LEU A 295 -6.85 3.08 8.01
C LEU A 295 -5.48 2.47 7.73
N THR A 296 -5.46 1.25 7.18
CA THR A 296 -4.21 0.54 6.99
C THR A 296 -3.49 0.92 5.70
N TYR A 297 -4.22 1.23 4.64
CA TYR A 297 -3.60 1.51 3.35
C TYR A 297 -3.79 2.93 2.85
N HIS A 298 -4.87 3.61 3.23
CA HIS A 298 -5.16 4.91 2.66
C HIS A 298 -4.94 6.07 3.63
N ASN A 299 -4.67 5.79 4.90
CA ASN A 299 -4.40 6.83 5.89
C ASN A 299 -5.47 7.91 5.89
N VAL A 300 -6.73 7.46 5.75
CA VAL A 300 -7.84 8.40 5.57
C VAL A 300 -7.88 9.46 6.66
N TYR A 301 -7.57 9.08 7.90
CA TYR A 301 -7.65 10.07 8.98
C TYR A 301 -6.71 11.23 8.73
N SER A 302 -5.57 10.97 8.10
CA SER A 302 -4.61 12.03 7.80
C SER A 302 -5.12 12.96 6.71
N ARG A 303 -6.13 12.55 5.95
CA ARG A 303 -6.77 13.40 4.97
C ARG A 303 -7.96 14.12 5.57
N ASP A 304 -8.74 13.42 6.38
CA ASP A 304 -9.93 13.98 7.01
C ASP A 304 -9.97 13.61 8.49
N PRO A 305 -9.60 14.55 9.38
CA PRO A 305 -9.69 14.27 10.82
C PRO A 305 -11.10 14.04 11.34
N ASN A 306 -12.14 14.21 10.52
CA ASN A 306 -13.49 13.88 10.94
C ASN A 306 -13.78 12.39 10.86
N TYR A 307 -12.88 11.61 10.26
CA TYR A 307 -13.12 10.18 10.13
C TYR A 307 -13.46 9.54 11.46
N LEU A 308 -12.90 10.08 12.54
CA LEU A 308 -13.14 9.51 13.87
C LEU A 308 -14.63 9.50 14.22
N ASN A 309 -15.40 10.39 13.61
CA ASN A 309 -16.84 10.45 13.88
C ASN A 309 -17.47 9.08 13.72
N LEU A 310 -17.01 8.31 12.73
CA LEU A 310 -17.59 6.99 12.47
C LEU A 310 -17.61 6.18 13.76
N PHE A 311 -16.45 6.05 14.39
CA PHE A 311 -16.37 5.22 15.58
C PHE A 311 -17.22 5.79 16.70
N ILE A 312 -17.21 7.11 16.86
CA ILE A 312 -18.06 7.68 17.90
C ILE A 312 -19.53 7.30 17.66
N ILE A 313 -19.98 7.40 16.40
CA ILE A 313 -21.36 7.06 16.08
C ILE A 313 -21.67 5.62 16.46
N VAL A 314 -20.79 4.70 16.09
CA VAL A 314 -21.09 3.29 16.34
C VAL A 314 -21.07 3.00 17.84
N MET A 315 -20.12 3.56 18.58
CA MET A 315 -19.98 3.16 19.97
C MET A 315 -21.17 3.59 20.81
N GLU A 316 -21.96 4.56 20.39
CA GLU A 316 -23.12 4.94 21.18
C GLU A 316 -24.27 3.94 21.07
N ASN A 317 -24.12 2.90 20.24
CA ASN A 317 -25.12 1.83 20.17
C ASN A 317 -25.09 1.00 21.44
N ARG A 318 -26.21 0.96 22.16
CA ARG A 318 -26.27 0.28 23.44
C ARG A 318 -26.26 -1.24 23.34
N ASN A 319 -26.58 -1.80 22.18
CA ASN A 319 -26.73 -3.24 22.08
C ASN A 319 -25.47 -3.96 21.63
N LEU A 320 -24.35 -3.26 21.49
CA LEU A 320 -23.13 -3.92 21.04
C LEU A 320 -22.71 -5.07 21.95
N HIS A 321 -23.15 -5.07 23.20
CA HIS A 321 -22.72 -6.12 24.11
C HIS A 321 -23.67 -7.30 24.17
N SER A 322 -24.72 -7.33 23.37
CA SER A 322 -25.54 -8.54 23.35
C SER A 322 -24.87 -9.62 22.50
N PRO A 323 -25.05 -10.90 22.84
CA PRO A 323 -24.28 -11.97 22.19
C PRO A 323 -24.26 -11.93 20.66
N GLU A 324 -25.37 -11.50 20.05
CA GLU A 324 -25.41 -11.47 18.60
C GLU A 324 -24.28 -10.62 18.06
N TYR A 325 -23.97 -9.53 18.73
CA TYR A 325 -22.89 -8.67 18.29
C TYR A 325 -21.54 -9.28 18.64
N LEU A 326 -21.45 -9.94 19.79
CA LEU A 326 -20.16 -10.46 20.25
C LEU A 326 -19.61 -11.50 19.30
N GLU A 327 -20.46 -12.26 18.61
CA GLU A 327 -19.90 -13.35 17.83
C GLU A 327 -19.14 -12.87 16.59
N MET A 328 -19.64 -11.86 15.89
CA MET A 328 -18.99 -11.42 14.66
C MET A 328 -18.87 -9.90 14.54
N ALA A 329 -19.96 -9.18 14.78
CA ALA A 329 -19.95 -7.75 14.50
C ALA A 329 -18.92 -7.01 15.35
N LEU A 330 -18.96 -7.22 16.66
CA LEU A 330 -18.01 -6.51 17.51
C LEU A 330 -16.57 -6.89 17.23
N PRO A 331 -16.20 -8.15 17.08
CA PRO A 331 -14.81 -8.46 16.70
C PRO A 331 -14.33 -7.70 15.49
N LEU A 332 -15.10 -7.70 14.42
CA LEU A 332 -14.68 -6.99 13.21
C LEU A 332 -14.49 -5.52 13.51
N PHE A 333 -15.42 -4.94 14.26
CA PHE A 333 -15.31 -3.53 14.60
C PHE A 333 -14.06 -3.27 15.44
N CYS A 334 -13.70 -4.21 16.31
CA CYS A 334 -12.49 -4.06 17.08
C CYS A 334 -11.27 -4.11 16.18
N LYS A 335 -11.25 -5.02 15.22
CA LYS A 335 -10.13 -5.07 14.30
C LYS A 335 -9.95 -3.72 13.63
N ALA A 336 -11.03 -3.14 13.14
CA ALA A 336 -10.90 -1.82 12.54
C ALA A 336 -10.42 -0.78 13.54
N MET A 337 -11.14 -0.63 14.65
CA MET A 337 -10.79 0.42 15.62
C MET A 337 -9.35 0.33 16.10
N SER A 338 -8.87 -0.88 16.40
CA SER A 338 -7.54 -1.03 16.96
C SER A 338 -6.44 -0.58 16.01
N LYS A 339 -6.75 -0.22 14.77
CA LYS A 339 -5.76 0.28 13.83
C LYS A 339 -5.69 1.81 13.78
N LEU A 340 -6.49 2.51 14.57
CA LEU A 340 -6.47 3.97 14.51
C LEU A 340 -5.08 4.51 14.82
N PRO A 341 -4.66 5.60 14.17
CA PRO A 341 -3.36 6.19 14.49
C PRO A 341 -3.38 6.86 15.86
N LEU A 342 -2.21 6.89 16.51
CA LEU A 342 -2.14 7.32 17.90
C LEU A 342 -2.86 8.64 18.14
N ALA A 343 -2.67 9.62 17.27
CA ALA A 343 -3.29 10.93 17.49
C ALA A 343 -4.81 10.80 17.54
N ALA A 344 -5.37 9.93 16.71
CA ALA A 344 -6.81 9.73 16.74
C ALA A 344 -7.23 9.08 18.05
N GLN A 345 -6.51 8.04 18.48
CA GLN A 345 -6.82 7.42 19.74
C GLN A 345 -6.81 8.45 20.85
N GLY A 346 -5.78 9.30 20.86
CA GLY A 346 -5.73 10.35 21.87
C GLY A 346 -6.95 11.25 21.84
N LYS A 347 -7.43 11.57 20.64
CA LYS A 347 -8.63 12.40 20.56
C LYS A 347 -9.82 11.66 21.18
N LEU A 348 -9.94 10.38 20.87
CA LEU A 348 -11.08 9.61 21.33
C LEU A 348 -11.05 9.42 22.84
N ILE A 349 -9.88 9.03 23.36
CA ILE A 349 -9.71 8.78 24.79
C ILE A 349 -10.05 10.04 25.56
N ARG A 350 -9.58 11.19 25.09
CA ARG A 350 -9.92 12.42 25.80
C ARG A 350 -11.42 12.63 25.85
N LEU A 351 -12.15 12.23 24.81
CA LEU A 351 -13.60 12.36 24.89
C LEU A 351 -14.19 11.40 25.91
N TRP A 352 -13.80 10.13 25.84
CA TRP A 352 -14.37 9.14 26.76
C TRP A 352 -14.13 9.51 28.21
N SER A 353 -13.00 10.16 28.51
CA SER A 353 -12.72 10.49 29.90
C SER A 353 -13.73 11.45 30.53
N LYS A 354 -14.70 11.95 29.76
CA LYS A 354 -15.75 12.80 30.31
C LYS A 354 -17.04 12.04 30.60
N TYR A 355 -17.10 10.75 30.29
CA TYR A 355 -18.31 9.96 30.44
C TYR A 355 -18.54 9.57 31.91
N ASN A 356 -19.78 9.17 32.21
CA ASN A 356 -20.15 8.71 33.55
C ASN A 356 -19.55 7.33 33.84
N ALA A 357 -19.31 7.07 35.14
CA ALA A 357 -18.70 5.81 35.54
C ALA A 357 -19.46 4.61 34.98
N ASP A 358 -20.79 4.65 35.00
CA ASP A 358 -21.55 3.52 34.47
C ASP A 358 -21.28 3.32 33.00
N GLN A 359 -21.02 4.41 32.27
CA GLN A 359 -20.74 4.27 30.85
C GLN A 359 -19.36 3.68 30.62
N ILE A 360 -18.36 4.12 31.40
CA ILE A 360 -17.06 3.47 31.33
C ILE A 360 -17.24 1.99 31.63
N ARG A 361 -18.00 1.69 32.68
CA ARG A 361 -18.28 0.31 33.00
C ARG A 361 -18.91 -0.42 31.82
N ARG A 362 -19.85 0.22 31.14
CA ARG A 362 -20.47 -0.45 30.00
C ARG A 362 -19.43 -0.73 28.93
N MET A 363 -18.59 0.25 28.60
CA MET A 363 -17.62 0.03 27.53
C MET A 363 -16.62 -1.03 27.93
N MET A 364 -16.11 -0.93 29.15
CA MET A 364 -15.23 -1.95 29.69
C MET A 364 -15.90 -3.31 29.58
N GLU A 365 -17.14 -3.40 30.01
CA GLU A 365 -17.87 -4.66 29.94
C GLU A 365 -18.02 -5.13 28.50
N THR A 366 -18.25 -4.20 27.58
CA THR A 366 -18.44 -4.60 26.19
C THR A 366 -17.21 -5.32 25.67
N PHE A 367 -16.03 -4.85 26.01
CA PHE A 367 -14.84 -5.57 25.55
C PHE A 367 -14.50 -6.75 26.46
N GLN A 368 -14.77 -6.62 27.75
CA GLN A 368 -14.49 -7.72 28.66
C GLN A 368 -15.28 -8.95 28.25
N GLN A 369 -16.55 -8.76 27.95
CA GLN A 369 -17.35 -9.89 27.52
C GLN A 369 -16.75 -10.50 26.26
N LEU A 370 -16.25 -9.68 25.35
CA LEU A 370 -15.68 -10.22 24.12
C LEU A 370 -14.41 -11.02 24.40
N ILE A 371 -13.50 -10.47 25.20
CA ILE A 371 -12.28 -11.20 25.52
C ILE A 371 -12.62 -12.50 26.21
N THR A 372 -13.53 -12.42 27.18
CA THR A 372 -13.99 -13.63 27.86
C THR A 372 -14.58 -14.62 26.86
N TYR A 373 -15.47 -14.14 25.99
CA TYR A 373 -16.16 -15.02 25.06
C TYR A 373 -15.16 -15.74 24.16
N LYS A 374 -14.20 -15.01 23.62
CA LYS A 374 -13.26 -15.64 22.70
C LYS A 374 -12.31 -16.57 23.43
N VAL A 375 -11.89 -16.22 24.65
CA VAL A 375 -11.03 -17.13 25.42
C VAL A 375 -11.76 -18.42 25.73
N ILE A 376 -13.04 -18.31 26.08
CA ILE A 376 -13.81 -19.50 26.44
C ILE A 376 -14.15 -20.32 25.20
N SER A 377 -14.44 -19.66 24.08
CA SER A 377 -14.90 -20.37 22.89
C SER A 377 -13.76 -21.09 22.15
N ASN A 378 -12.53 -20.61 22.24
CA ASN A 378 -11.43 -21.19 21.50
C ASN A 378 -10.52 -22.00 22.42
N GLU A 379 -9.96 -23.09 21.87
CA GLU A 379 -9.03 -23.94 22.62
C GLU A 379 -7.60 -23.42 22.46
N PHE A 380 -7.02 -22.90 23.53
CA PHE A 380 -5.66 -22.40 23.53
C PHE A 380 -4.71 -23.39 24.21
N ASN A 381 -3.51 -23.54 23.64
CA ASN A 381 -2.51 -24.46 24.17
C ASN A 381 -1.14 -23.96 23.77
N SER A 382 -0.10 -24.69 24.19
CA SER A 382 1.28 -24.24 23.96
C SER A 382 1.64 -24.11 22.49
N ARG A 383 0.80 -24.62 21.58
CA ARG A 383 1.01 -24.45 20.15
C ARG A 383 0.05 -23.44 19.54
N ASN A 384 -1.10 -23.20 20.17
CA ASN A 384 -2.07 -22.20 19.76
C ASN A 384 -2.14 -21.14 20.87
N LEU A 385 -1.34 -20.09 20.73
CA LEU A 385 -1.23 -19.05 21.76
C LEU A 385 -2.31 -18.00 21.62
N VAL A 386 -2.73 -17.45 22.76
CA VAL A 386 -3.66 -16.34 22.74
C VAL A 386 -3.04 -15.17 21.99
N ASN A 387 -1.71 -15.09 21.98
CA ASN A 387 -1.00 -14.03 21.27
C ASN A 387 -1.20 -14.08 19.76
N ASP A 388 -1.63 -15.21 19.21
CA ASP A 388 -1.82 -15.35 17.78
C ASP A 388 -3.25 -15.06 17.31
N ASP A 389 -4.17 -14.74 18.22
CA ASP A 389 -5.57 -14.48 17.87
C ASP A 389 -5.78 -12.99 17.64
N ASP A 390 -6.04 -12.60 16.38
CA ASP A 390 -6.31 -11.20 16.09
C ASP A 390 -7.52 -10.68 16.85
N ALA A 391 -8.53 -11.51 17.11
CA ALA A 391 -9.72 -10.97 17.76
C ALA A 391 -9.43 -10.53 19.18
N ILE A 392 -8.75 -11.38 19.97
CA ILE A 392 -8.43 -11.02 21.34
C ILE A 392 -7.42 -9.88 21.38
N VAL A 393 -6.41 -9.90 20.52
CA VAL A 393 -5.44 -8.81 20.50
C VAL A 393 -6.12 -7.50 20.15
N ALA A 394 -6.97 -7.52 19.12
CA ALA A 394 -7.68 -6.30 18.75
C ALA A 394 -8.56 -5.83 19.90
N ALA A 395 -9.30 -6.76 20.50
CA ALA A 395 -10.16 -6.39 21.62
C ALA A 395 -9.34 -5.80 22.76
N SER A 396 -8.19 -6.39 23.05
CA SER A 396 -7.36 -5.88 24.13
C SER A 396 -6.90 -4.46 23.82
N LYS A 397 -6.52 -4.21 22.58
CA LYS A 397 -6.09 -2.86 22.24
C LYS A 397 -7.24 -1.88 22.40
N CYS A 398 -8.45 -2.28 21.99
CA CYS A 398 -9.60 -1.44 22.29
C CYS A 398 -9.72 -1.22 23.79
N LEU A 399 -9.68 -2.29 24.57
CA LEU A 399 -9.85 -2.17 26.01
C LEU A 399 -8.80 -1.26 26.60
N LYS A 400 -7.58 -1.31 26.06
CA LYS A 400 -6.54 -0.39 26.49
C LYS A 400 -7.01 1.03 26.28
N MET A 401 -7.65 1.27 25.13
CA MET A 401 -8.17 2.59 24.86
C MET A 401 -9.14 3.02 25.96
N VAL A 402 -10.01 2.11 26.39
CA VAL A 402 -10.93 2.46 27.48
C VAL A 402 -10.15 2.69 28.76
N TYR A 403 -9.16 1.85 29.01
CA TYR A 403 -8.41 1.93 30.27
C TYR A 403 -7.83 3.31 30.45
N TYR A 404 -7.18 3.83 29.43
CA TYR A 404 -6.64 5.17 29.57
C TYR A 404 -7.74 6.19 29.71
N ALA A 405 -8.91 5.95 29.12
CA ALA A 405 -9.99 6.90 29.41
C ALA A 405 -10.32 6.90 30.89
N ASN A 406 -10.32 5.73 31.51
CA ASN A 406 -10.60 5.63 32.93
C ASN A 406 -9.53 6.38 33.73
N VAL A 407 -8.27 6.20 33.34
CA VAL A 407 -7.16 6.89 34.01
C VAL A 407 -7.37 8.40 33.94
N VAL A 408 -7.51 8.92 32.73
CA VAL A 408 -7.59 10.36 32.53
C VAL A 408 -8.86 10.92 33.12
N GLY A 409 -9.91 10.11 33.23
CA GLY A 409 -11.16 10.58 33.81
C GLY A 409 -11.18 10.64 35.32
N GLY A 410 -10.20 10.03 35.97
CA GLY A 410 -10.10 10.04 37.42
C GLY A 410 -9.47 11.33 37.94
N GLU A 411 -9.24 11.36 39.25
CA GLU A 411 -8.55 12.49 39.89
C GLU A 411 -7.05 12.34 39.65
N VAL A 412 -6.42 13.36 39.06
CA VAL A 412 -5.00 13.31 38.70
C VAL A 412 -4.27 14.47 39.36
N ASP A 413 -3.23 14.15 40.16
CA ASP A 413 -2.42 15.15 40.88
C ASP A 413 -0.98 15.14 40.33
N THR A 414 -0.67 16.02 39.39
CA THR A 414 0.65 16.05 38.75
C THR A 414 1.58 17.16 39.23
N ASN A 415 1.08 18.22 39.88
CA ASN A 415 1.90 19.41 40.13
C ASN A 415 2.54 19.49 41.52
N HIS A 416 2.19 18.60 42.46
CA HIS A 416 2.70 18.74 43.82
C HIS A 416 3.29 17.45 44.39
N ASN A 417 3.61 16.47 43.55
CA ASN A 417 3.98 15.16 44.09
C ASN A 417 5.13 14.43 43.40
N GLU A 418 5.90 15.06 42.51
CA GLU A 418 6.97 14.35 41.81
C GLU A 418 8.27 14.40 42.61
N GLU A 419 8.95 13.25 42.72
CA GLU A 419 10.28 13.14 43.31
C GLU A 419 11.31 12.72 42.26
N ASP A 420 12.53 13.22 42.39
CA ASP A 420 13.59 12.95 41.42
C ASP A 420 13.99 11.47 41.38
N ASP A 421 14.18 10.94 40.17
CA ASP A 421 14.67 9.57 39.98
C ASP A 421 16.18 9.53 40.28
N GLU A 422 16.54 8.98 41.43
CA GLU A 422 17.95 8.85 41.82
C GLU A 422 18.51 7.53 41.29
N GLU A 423 19.51 7.62 40.37
CA GLU A 423 20.08 6.41 39.79
C GLU A 423 21.48 6.15 40.35
N PRO A 424 21.79 4.89 40.68
CA PRO A 424 23.15 4.55 41.12
C PRO A 424 24.10 4.59 39.93
N ILE A 425 25.25 5.23 40.13
CA ILE A 425 26.25 5.36 39.06
C ILE A 425 26.78 3.98 38.69
N PRO A 426 26.89 3.64 37.38
CA PRO A 426 27.33 2.29 37.00
C PRO A 426 28.80 2.07 37.29
N GLU A 427 29.26 0.83 37.08
CA GLU A 427 30.65 0.49 37.33
C GLU A 427 31.58 1.23 36.37
N SER A 428 32.84 1.35 36.78
CA SER A 428 33.81 2.14 36.02
C SER A 428 33.88 1.73 34.56
N SER A 429 33.74 0.44 34.26
CA SER A 429 33.83 -0.01 32.87
C SER A 429 32.76 0.65 32.01
N GLU A 430 31.50 0.56 32.44
CA GLU A 430 30.43 1.18 31.67
C GLU A 430 30.60 2.69 31.66
N LEU A 431 31.09 3.26 32.76
CA LEU A 431 31.35 4.69 32.77
C LEU A 431 32.36 5.07 31.69
N THR A 432 33.47 4.33 31.59
CA THR A 432 34.47 4.65 30.58
C THR A 432 33.88 4.53 29.20
N LEU A 433 33.05 3.51 28.95
CA LEU A 433 32.44 3.40 27.62
C LEU A 433 31.48 4.56 27.37
N GLN A 434 30.78 5.01 28.40
CA GLN A 434 29.89 6.15 28.28
C GLN A 434 30.69 7.43 28.04
N GLU A 435 31.86 7.54 28.66
CA GLU A 435 32.75 8.68 28.45
C GLU A 435 33.36 8.65 27.05
N LEU A 436 33.67 7.46 26.53
CA LEU A 436 34.22 7.32 25.19
C LEU A 436 33.19 7.69 24.15
N LEU A 437 31.92 7.63 24.51
CA LEU A 437 30.80 8.10 23.72
C LEU A 437 30.44 9.49 24.25
N GLY A 438 29.48 10.15 23.61
CA GLY A 438 29.14 11.50 24.03
C GLY A 438 28.11 11.59 25.13
N GLU A 439 28.13 10.67 26.12
CA GLU A 439 27.05 10.53 27.08
C GLU A 439 27.42 10.83 28.54
N GLU A 440 28.39 11.73 28.80
CA GLU A 440 28.81 11.97 30.18
C GLU A 440 27.68 12.45 31.09
N ARG A 441 26.73 13.24 30.59
CA ARG A 441 25.66 13.80 31.43
C ARG A 441 24.29 13.20 31.13
N ARG A 442 24.21 12.19 30.27
CA ARG A 442 22.93 11.62 29.85
C ARG A 442 22.61 10.31 30.56
N ASN A 443 22.83 10.25 31.88
CA ASN A 443 22.57 9.04 32.67
C ASN A 443 21.09 8.77 32.91
N LYS A 444 20.18 9.73 32.66
CA LYS A 444 18.75 9.61 33.00
C LYS A 444 17.90 9.51 31.73
N LYS A 445 17.42 8.29 31.41
CA LYS A 445 16.63 8.05 30.20
C LYS A 445 15.24 7.44 30.41
N GLY A 446 14.89 7.00 31.62
CA GLY A 446 13.57 6.42 31.88
C GLY A 446 13.37 5.02 31.33
N PRO A 447 12.42 4.27 31.93
CA PRO A 447 12.10 2.93 31.40
C PRO A 447 11.28 3.02 30.12
N ARG A 448 10.93 1.86 29.55
CA ARG A 448 10.09 1.78 28.36
C ARG A 448 8.74 2.45 28.60
N VAL A 449 8.50 3.62 27.98
CA VAL A 449 7.27 4.37 28.22
C VAL A 449 6.22 3.99 27.18
N ASP A 450 4.98 3.89 27.62
CA ASP A 450 3.88 3.52 26.73
C ASP A 450 3.55 4.66 25.77
N PRO A 451 3.44 4.40 24.46
CA PRO A 451 3.13 5.50 23.53
C PRO A 451 1.90 6.29 23.92
N LEU A 452 0.85 5.63 24.42
CA LEU A 452 -0.34 6.38 24.78
C LEU A 452 -0.08 7.30 25.95
N GLU A 453 0.77 6.89 26.89
CA GLU A 453 1.10 7.78 28.00
C GLU A 453 1.80 9.02 27.48
N THR A 454 2.60 8.86 26.43
CA THR A 454 3.27 10.01 25.83
C THR A 454 2.26 10.91 25.15
N GLU A 455 1.35 10.32 24.38
CA GLU A 455 0.36 11.11 23.65
C GLU A 455 -0.59 11.83 24.60
N LEU A 456 -0.96 11.19 25.71
CA LEU A 456 -1.89 11.81 26.66
C LEU A 456 -1.20 12.70 27.67
N GLY A 457 0.09 12.49 27.91
CA GLY A 457 0.80 13.28 28.90
C GLY A 457 0.47 12.95 30.34
N VAL A 458 -0.17 11.82 30.61
CA VAL A 458 -0.55 11.41 31.95
C VAL A 458 -0.17 9.94 32.14
N LYS A 459 0.53 9.65 33.22
CA LYS A 459 0.99 8.30 33.54
C LYS A 459 -0.03 7.57 34.40
N THR A 460 0.01 6.23 34.34
CA THR A 460 -0.88 5.42 35.19
C THR A 460 -0.70 5.77 36.65
N LEU A 461 0.52 6.13 37.03
CA LEU A 461 0.84 6.48 38.40
C LEU A 461 0.34 7.86 38.81
N ASP A 462 -0.08 8.70 37.85
CA ASP A 462 -0.52 10.05 38.18
C ASP A 462 -1.96 10.08 38.69
N CYS A 463 -2.77 9.09 38.31
CA CYS A 463 -4.18 9.09 38.71
C CYS A 463 -4.31 8.60 40.14
N ARG A 464 -4.78 9.49 41.02
CA ARG A 464 -4.98 9.16 42.43
C ARG A 464 -6.21 8.30 42.64
N LYS A 465 -7.26 8.51 41.84
CA LYS A 465 -8.51 7.76 41.97
C LYS A 465 -9.22 7.64 40.63
N PRO A 466 -9.35 6.44 40.08
CA PRO A 466 -10.02 6.27 38.79
C PRO A 466 -11.54 6.29 38.96
N LEU A 467 -12.24 6.30 37.82
CA LEU A 467 -13.69 6.20 37.84
C LEU A 467 -14.13 4.78 38.18
N ILE A 468 -13.43 3.78 37.66
CA ILE A 468 -13.74 2.38 37.90
C ILE A 468 -12.45 1.73 38.44
N PRO A 469 -12.50 0.92 39.49
CA PRO A 469 -11.27 0.33 40.05
C PRO A 469 -10.44 -0.42 39.02
N PHE A 470 -9.13 -0.21 39.07
CA PHE A 470 -8.24 -0.83 38.10
C PHE A 470 -8.36 -2.34 38.12
N GLU A 471 -8.76 -2.90 39.25
CA GLU A 471 -8.87 -4.35 39.33
C GLU A 471 -9.94 -4.89 38.40
N GLU A 472 -10.95 -4.10 38.08
CA GLU A 472 -12.00 -4.62 37.19
C GLU A 472 -11.51 -4.78 35.77
N PHE A 473 -10.37 -4.19 35.41
CA PHE A 473 -9.83 -4.40 34.08
C PHE A 473 -9.11 -5.72 33.96
N ILE A 474 -8.85 -6.40 35.07
CA ILE A 474 -8.18 -7.69 35.03
C ILE A 474 -9.16 -8.71 34.48
N ASN A 475 -8.76 -9.42 33.44
CA ASN A 475 -9.59 -10.47 32.84
C ASN A 475 -9.07 -11.82 33.31
N GLU A 476 -9.70 -12.37 34.34
CA GLU A 476 -9.20 -13.61 34.91
C GLU A 476 -9.16 -14.77 33.92
N PRO A 477 -10.18 -15.02 33.10
CA PRO A 477 -10.06 -16.12 32.13
C PRO A 477 -8.82 -16.00 31.26
N LEU A 478 -8.54 -14.79 30.78
CA LEU A 478 -7.35 -14.59 29.98
C LEU A 478 -6.11 -14.95 30.77
N ASN A 479 -6.04 -14.51 32.03
CA ASN A 479 -4.86 -14.77 32.85
C ASN A 479 -4.66 -16.26 33.06
N GLU A 480 -5.77 -17.01 33.17
CA GLU A 480 -5.64 -18.46 33.34
C GLU A 480 -5.06 -19.14 32.11
N VAL A 481 -5.21 -18.52 30.94
CA VAL A 481 -4.72 -19.14 29.72
C VAL A 481 -3.35 -18.64 29.21
N LEU A 482 -2.91 -17.45 29.64
CA LEU A 482 -1.72 -16.79 29.06
C LEU A 482 -0.39 -17.41 29.50
N GLU A 483 0.49 -17.74 28.55
CA GLU A 483 1.83 -18.31 28.82
C GLU A 483 2.88 -17.19 28.89
N MET A 484 3.27 -16.82 30.12
CA MET A 484 4.09 -15.63 30.32
C MET A 484 5.50 -15.72 29.77
N ASP A 485 6.11 -16.91 29.70
CA ASP A 485 7.47 -16.95 29.17
C ASP A 485 7.49 -16.46 27.73
N LYS A 486 6.51 -16.89 26.94
CA LYS A 486 6.45 -16.47 25.56
C LYS A 486 6.03 -15.01 25.46
N ASP A 487 5.11 -14.56 26.31
CA ASP A 487 4.75 -13.16 26.25
C ASP A 487 5.94 -12.28 26.55
N TYR A 488 6.69 -12.61 27.60
CA TYR A 488 7.88 -11.83 27.92
C TYR A 488 8.84 -11.82 26.74
N THR A 489 8.97 -12.96 26.07
CA THR A 489 9.83 -12.99 24.88
C THR A 489 9.34 -11.99 23.84
N PHE A 490 8.05 -12.00 23.53
CA PHE A 490 7.51 -11.06 22.56
C PHE A 490 7.59 -9.63 23.07
N PHE A 491 7.59 -9.42 24.37
CA PHE A 491 7.76 -8.09 24.93
C PHE A 491 9.18 -7.60 24.70
N LYS A 492 10.16 -8.49 24.85
CA LYS A 492 11.55 -8.12 24.67
C LYS A 492 11.92 -8.03 23.19
N VAL A 493 11.45 -8.95 22.36
CA VAL A 493 11.80 -9.02 20.94
C VAL A 493 10.53 -8.80 20.12
N GLU A 494 10.43 -7.67 19.43
CA GLU A 494 9.25 -7.35 18.64
C GLU A 494 9.19 -8.24 17.39
N THR A 495 8.09 -8.97 17.22
CA THR A 495 7.82 -9.78 16.02
C THR A 495 6.55 -9.28 15.32
N GLU A 496 6.64 -9.09 14.00
CA GLU A 496 5.53 -8.50 13.25
C GLU A 496 4.22 -9.25 13.40
N ASN A 497 4.27 -10.56 13.63
CA ASN A 497 3.10 -11.42 13.59
C ASN A 497 2.55 -11.78 14.96
N LYS A 498 3.17 -11.32 16.06
CA LYS A 498 2.77 -11.70 17.41
C LYS A 498 2.68 -10.48 18.31
N PHE A 499 1.73 -10.51 19.23
CA PHE A 499 1.48 -9.43 20.19
C PHE A 499 2.00 -9.85 21.56
N SER A 500 2.14 -8.86 22.45
CA SER A 500 2.55 -9.11 23.84
C SER A 500 1.60 -8.44 24.79
N PHE A 501 1.01 -9.23 25.69
CA PHE A 501 0.06 -8.68 26.66
C PHE A 501 0.74 -7.86 27.73
N MET A 502 2.05 -8.03 27.92
CA MET A 502 2.76 -7.14 28.83
C MET A 502 2.68 -5.70 28.36
N THR A 503 2.46 -5.44 27.07
CA THR A 503 2.26 -4.07 26.65
C THR A 503 0.90 -3.54 27.09
N CYS A 504 0.06 -4.40 27.64
CA CYS A 504 -1.27 -4.05 28.14
C CYS A 504 -1.37 -4.50 29.59
N PRO A 505 -0.54 -3.94 30.47
CA PRO A 505 -0.40 -4.49 31.83
C PRO A 505 -1.67 -4.44 32.66
N PHE A 506 -2.59 -3.52 32.39
CA PHE A 506 -3.81 -3.41 33.17
C PHE A 506 -4.64 -4.70 33.14
N ILE A 507 -4.49 -5.53 32.11
CA ILE A 507 -5.32 -6.73 31.98
C ILE A 507 -4.76 -7.93 32.73
N LEU A 508 -3.52 -7.87 33.19
CA LEU A 508 -2.89 -9.01 33.86
C LEU A 508 -3.05 -8.93 35.38
N ASN A 509 -3.32 -10.06 36.03
CA ASN A 509 -3.40 -10.07 37.48
C ASN A 509 -2.00 -10.14 38.10
N ALA A 510 -1.91 -9.86 39.41
CA ALA A 510 -0.60 -9.75 40.06
C ALA A 510 0.22 -11.03 39.91
N VAL A 511 -0.41 -12.21 39.90
CA VAL A 511 0.36 -13.44 39.72
C VAL A 511 1.04 -13.44 38.37
N THR A 512 0.27 -13.17 37.32
CA THR A 512 0.81 -13.18 35.98
C THR A 512 1.91 -12.13 35.83
N LYS A 513 1.70 -10.93 36.38
CA LYS A 513 2.74 -9.91 36.32
C LYS A 513 3.99 -10.38 37.03
N ASN A 514 3.84 -10.89 38.24
CA ASN A 514 5.00 -11.33 39.00
C ASN A 514 5.77 -12.39 38.24
N LEU A 515 5.06 -13.27 37.54
CA LEU A 515 5.76 -14.28 36.77
C LEU A 515 6.56 -13.65 35.64
N GLY A 516 6.02 -12.59 35.03
CA GLY A 516 6.81 -11.87 34.04
C GLY A 516 8.06 -11.24 34.65
N LEU A 517 7.87 -10.56 35.77
CA LEU A 517 9.00 -9.92 36.45
C LEU A 517 10.04 -10.97 36.86
N TYR A 518 9.59 -12.12 37.31
CA TYR A 518 10.49 -13.21 37.69
C TYR A 518 11.27 -13.69 36.49
N TYR A 519 10.64 -13.73 35.31
CA TYR A 519 11.42 -14.06 34.12
C TYR A 519 12.46 -12.98 33.85
N ASP A 520 12.12 -11.72 34.05
CA ASP A 520 13.10 -10.65 33.85
C ASP A 520 14.28 -10.82 34.81
N ASN A 521 13.99 -10.98 36.10
CA ASN A 521 15.04 -11.17 37.10
C ASN A 521 15.91 -12.36 36.76
N ARG A 522 15.30 -13.49 36.42
CA ARG A 522 16.09 -14.68 36.13
C ARG A 522 16.92 -14.50 34.87
N ILE A 523 16.36 -13.87 33.83
CA ILE A 523 17.15 -13.66 32.62
C ILE A 523 18.33 -12.74 32.90
N ARG A 524 18.16 -11.74 33.77
CA ARG A 524 19.28 -10.89 34.13
C ARG A 524 20.31 -11.65 34.96
N MET A 525 19.87 -12.38 35.98
CA MET A 525 20.80 -13.14 36.78
C MET A 525 21.65 -14.01 35.88
N TYR A 526 21.01 -14.61 34.89
CA TYR A 526 21.70 -15.48 33.95
C TYR A 526 22.64 -14.68 33.05
N SER A 527 22.26 -13.46 32.68
CA SER A 527 23.18 -12.61 31.91
C SER A 527 24.40 -12.26 32.73
N GLU A 528 24.22 -11.89 33.99
CA GLU A 528 25.35 -11.58 34.85
C GLU A 528 26.26 -12.80 34.97
N ARG A 529 25.67 -13.99 35.04
CA ARG A 529 26.49 -15.20 35.06
C ARG A 529 27.32 -15.33 33.78
N ARG A 530 26.71 -15.02 32.63
CA ARG A 530 27.47 -15.05 31.37
C ARG A 530 28.60 -14.04 31.38
N ILE A 531 28.33 -12.84 31.89
CA ILE A 531 29.36 -11.81 31.96
C ILE A 531 30.51 -12.27 32.86
N THR A 532 30.16 -12.85 34.00
CA THR A 532 31.17 -13.41 34.91
C THR A 532 32.07 -14.36 34.16
N VAL A 533 31.47 -15.28 33.40
CA VAL A 533 32.25 -16.26 32.65
C VAL A 533 33.11 -15.58 31.59
N LEU A 534 32.55 -14.60 30.87
CA LEU A 534 33.30 -13.94 29.81
C LEU A 534 34.51 -13.20 30.37
N TYR A 535 34.31 -12.50 31.49
CA TYR A 535 35.43 -11.84 32.16
C TYR A 535 36.51 -12.85 32.53
N SER A 536 36.10 -14.01 33.07
CA SER A 536 37.08 -15.02 33.44
C SER A 536 37.84 -15.57 32.22
N LEU A 537 37.18 -15.66 31.07
CA LEU A 537 37.85 -16.19 29.88
C LEU A 537 38.86 -15.20 29.30
N VAL A 538 38.52 -13.91 29.31
CA VAL A 538 39.38 -12.94 28.63
C VAL A 538 40.47 -12.35 29.54
N GLN A 539 40.18 -12.17 30.82
CA GLN A 539 41.13 -11.54 31.74
C GLN A 539 41.57 -12.43 32.88
N GLY A 540 41.09 -13.67 32.96
CA GLY A 540 41.50 -14.61 33.99
C GLY A 540 40.95 -14.34 35.38
N GLN A 541 40.33 -13.19 35.61
CA GLN A 541 39.80 -12.83 36.93
C GLN A 541 38.59 -13.69 37.28
N GLN A 542 38.55 -14.19 38.53
CA GLN A 542 37.51 -15.12 38.98
C GLN A 542 36.48 -14.39 39.86
N LEU A 543 35.31 -14.11 39.30
CA LEU A 543 34.22 -13.45 40.01
C LEU A 543 33.12 -14.44 40.38
N ASN A 544 32.45 -14.19 41.52
CA ASN A 544 31.41 -15.11 41.99
C ASN A 544 30.10 -14.88 41.22
N PRO A 545 29.48 -15.92 40.68
CA PRO A 545 28.21 -15.73 39.95
C PRO A 545 27.01 -15.48 40.86
N TYR A 546 27.12 -15.70 42.17
CA TYR A 546 26.03 -15.49 43.10
C TYR A 546 26.35 -14.29 43.99
N LEU A 547 25.30 -13.69 44.54
CA LEU A 547 25.47 -12.65 45.56
C LEU A 547 25.58 -13.37 46.90
N ARG A 548 26.79 -13.84 47.17
CA ARG A 548 27.04 -14.69 48.33
C ARG A 548 27.25 -13.81 49.56
N LEU A 549 26.30 -13.82 50.48
CA LEU A 549 26.41 -13.10 51.74
C LEU A 549 26.80 -14.07 52.85
N LYS A 550 27.80 -13.69 53.65
CA LYS A 550 28.25 -14.46 54.80
C LYS A 550 28.15 -13.55 56.02
N VAL A 551 27.40 -13.97 57.03
CA VAL A 551 27.07 -13.13 58.17
C VAL A 551 27.08 -13.95 59.46
N ARG A 552 27.35 -13.27 60.57
CA ARG A 552 27.33 -13.88 61.90
C ARG A 552 26.01 -13.60 62.61
N ARG A 553 25.44 -14.64 63.24
CA ARG A 553 24.15 -14.51 63.90
C ARG A 553 24.13 -13.40 64.96
N ASP A 554 25.28 -13.05 65.53
CA ASP A 554 25.34 -12.02 66.56
C ASP A 554 25.56 -10.62 65.98
N HIS A 555 25.79 -10.51 64.67
CA HIS A 555 26.09 -9.23 64.03
C HIS A 555 25.46 -9.17 62.65
N ILE A 556 24.20 -9.60 62.53
CA ILE A 556 23.58 -9.72 61.22
C ILE A 556 23.53 -8.37 60.50
N ILE A 557 23.13 -7.30 61.22
CA ILE A 557 22.97 -6.01 60.56
C ILE A 557 24.32 -5.46 60.11
N ASP A 558 25.34 -5.51 60.99
CA ASP A 558 26.66 -4.98 60.64
C ASP A 558 27.29 -5.78 59.48
N ASP A 559 27.34 -7.10 59.62
CA ASP A 559 27.96 -7.90 58.57
C ASP A 559 27.27 -7.66 57.25
N ALA A 560 25.94 -7.63 57.27
CA ALA A 560 25.19 -7.44 56.04
C ALA A 560 25.47 -6.06 55.45
N LEU A 561 25.54 -5.03 56.29
CA LEU A 561 25.83 -3.69 55.80
C LEU A 561 27.20 -3.62 55.14
N VAL A 562 28.24 -3.96 55.88
CA VAL A 562 29.60 -3.86 55.35
C VAL A 562 29.70 -4.61 54.04
N ARG A 563 29.13 -5.81 53.99
CA ARG A 563 29.26 -6.62 52.79
C ARG A 563 28.49 -6.01 51.62
N LEU A 564 27.22 -5.63 51.85
CA LEU A 564 26.41 -5.06 50.77
C LEU A 564 26.95 -3.71 50.33
N GLU A 565 27.54 -2.95 51.23
CA GLU A 565 28.09 -1.66 50.87
C GLU A 565 29.41 -1.80 50.13
N MET A 566 30.30 -2.68 50.59
CA MET A 566 31.52 -2.97 49.82
C MET A 566 31.16 -3.45 48.43
N ILE A 567 30.11 -4.27 48.33
CA ILE A 567 29.67 -4.75 47.03
C ILE A 567 29.09 -3.61 46.19
N ALA A 568 28.26 -2.75 46.80
CA ALA A 568 27.66 -1.65 46.07
C ALA A 568 28.69 -0.63 45.61
N MET A 569 29.74 -0.43 46.39
CA MET A 569 30.79 0.54 46.06
C MET A 569 31.79 -0.03 45.07
N GLU A 570 32.19 -1.29 45.25
CA GLU A 570 33.13 -1.92 44.33
C GLU A 570 32.47 -2.25 43.01
N ASN A 571 31.24 -2.77 43.07
CA ASN A 571 30.54 -3.13 41.85
C ASN A 571 29.03 -3.11 42.06
N PRO A 572 28.36 -1.99 41.72
CA PRO A 572 26.91 -1.92 41.90
C PRO A 572 26.14 -2.90 41.05
N ALA A 573 26.77 -3.54 40.06
CA ALA A 573 26.07 -4.54 39.28
C ALA A 573 25.95 -5.87 40.02
N ASP A 574 26.81 -6.11 41.02
CA ASP A 574 26.75 -7.38 41.75
C ASP A 574 25.44 -7.56 42.49
N LEU A 575 24.81 -6.46 42.93
CA LEU A 575 23.56 -6.58 43.66
C LEU A 575 22.48 -7.25 42.84
N LYS A 576 22.70 -7.43 41.55
CA LYS A 576 21.73 -8.04 40.67
C LYS A 576 21.98 -9.52 40.46
N LYS A 577 22.86 -10.12 41.25
CA LYS A 577 23.10 -11.57 41.20
C LYS A 577 22.13 -12.31 42.12
N GLN A 578 22.05 -13.62 41.94
CA GLN A 578 21.15 -14.42 42.76
C GLN A 578 21.63 -14.46 44.20
N LEU A 579 20.74 -14.19 45.14
CA LEU A 579 21.12 -14.15 46.55
C LEU A 579 21.43 -15.55 47.06
N TYR A 580 22.47 -15.64 47.89
CA TYR A 580 22.88 -16.90 48.52
C TYR A 580 23.46 -16.57 49.88
N VAL A 581 22.87 -17.08 50.96
CA VAL A 581 23.25 -16.68 52.32
C VAL A 581 23.92 -17.85 53.05
N GLU A 582 24.93 -17.50 53.87
CA GLU A 582 25.65 -18.45 54.70
C GLU A 582 25.84 -17.85 56.09
N PHE A 583 25.30 -18.50 57.12
CA PHE A 583 25.52 -18.08 58.49
C PHE A 583 26.85 -18.63 58.98
N GLU A 584 27.72 -17.74 59.44
CA GLU A 584 29.06 -18.17 59.85
C GLU A 584 28.97 -19.12 61.04
N GLY A 585 29.35 -20.38 60.82
CA GLY A 585 29.27 -21.42 61.82
C GLY A 585 28.26 -22.49 61.49
N GLU A 586 27.33 -22.22 60.58
CA GLU A 586 26.30 -23.16 60.17
C GLU A 586 26.59 -23.69 58.78
N GLN A 587 25.97 -24.83 58.47
CA GLN A 587 26.31 -25.58 57.26
C GLN A 587 25.05 -26.16 56.63
N GLY A 588 24.86 -25.81 55.37
CA GLY A 588 23.68 -26.19 54.59
C GLY A 588 23.77 -25.48 53.25
N VAL A 589 22.97 -25.95 52.30
CA VAL A 589 22.89 -25.35 50.96
C VAL A 589 21.68 -24.43 50.93
N ASP A 590 21.89 -23.18 50.52
CA ASP A 590 20.79 -22.20 50.55
C ASP A 590 19.85 -22.44 49.37
N GLU A 591 18.83 -23.29 49.60
CA GLU A 591 17.76 -23.52 48.64
C GLU A 591 16.60 -22.55 48.85
N GLY A 592 16.85 -21.41 49.50
CA GLY A 592 15.85 -20.42 49.83
C GLY A 592 15.49 -20.40 51.30
N GLY A 593 15.57 -21.55 51.97
CA GLY A 593 15.24 -21.60 53.39
C GLY A 593 16.19 -20.78 54.24
N VAL A 594 17.50 -20.85 53.94
CA VAL A 594 18.45 -20.03 54.70
C VAL A 594 18.20 -18.56 54.43
N SER A 595 17.96 -18.21 53.16
CA SER A 595 17.63 -16.83 52.82
C SER A 595 16.38 -16.37 53.56
N LYS A 596 15.33 -17.20 53.56
CA LYS A 596 14.11 -16.81 54.24
C LYS A 596 14.40 -16.54 55.71
N GLU A 597 15.16 -17.42 56.34
CA GLU A 597 15.52 -17.22 57.73
C GLU A 597 16.31 -15.93 57.92
N PHE A 598 17.25 -15.67 57.01
CA PHE A 598 18.02 -14.42 57.07
C PHE A 598 17.08 -13.22 57.02
N PHE A 599 16.10 -13.24 56.12
CA PHE A 599 15.17 -12.13 56.04
C PHE A 599 14.39 -11.97 57.35
N GLN A 600 13.92 -13.08 57.93
CA GLN A 600 13.19 -12.99 59.19
C GLN A 600 14.04 -12.30 60.25
N LEU A 601 15.28 -12.74 60.38
CA LEU A 601 16.16 -12.17 61.39
C LEU A 601 16.38 -10.69 61.14
N VAL A 602 16.70 -10.33 59.91
CA VAL A 602 16.99 -8.93 59.60
C VAL A 602 15.78 -8.08 59.90
N VAL A 603 14.61 -8.51 59.44
CA VAL A 603 13.40 -7.70 59.64
C VAL A 603 13.11 -7.56 61.13
N GLU A 604 13.25 -8.63 61.89
CA GLU A 604 12.98 -8.55 63.32
C GLU A 604 13.94 -7.58 63.99
N GLU A 605 15.23 -7.68 63.64
CA GLU A 605 16.23 -6.84 64.28
C GLU A 605 16.03 -5.37 63.93
N ILE A 606 15.73 -5.08 62.65
CA ILE A 606 15.60 -3.70 62.20
C ILE A 606 14.40 -3.02 62.82
N PHE A 607 13.32 -3.75 63.07
CA PHE A 607 12.12 -3.12 63.62
C PHE A 607 12.09 -3.11 65.15
N ASN A 608 13.12 -3.61 65.82
CA ASN A 608 13.16 -3.59 67.29
C ASN A 608 13.22 -2.14 67.78
N PRO A 609 12.33 -1.72 68.68
CA PRO A 609 12.37 -0.32 69.11
C PRO A 609 13.71 0.10 69.70
N ASP A 610 14.52 -0.86 70.17
CA ASP A 610 15.82 -0.52 70.73
C ASP A 610 16.77 0.06 69.70
N ILE A 611 16.57 -0.26 68.42
CA ILE A 611 17.41 0.33 67.37
C ILE A 611 16.94 1.73 67.00
N GLY A 612 15.72 2.11 67.40
CA GLY A 612 15.17 3.45 67.21
C GLY A 612 14.90 3.87 65.78
N MET A 613 15.14 3.02 64.78
CA MET A 613 14.94 3.43 63.40
C MET A 613 13.47 3.62 63.05
N PHE A 614 12.57 2.82 63.62
CA PHE A 614 11.16 2.87 63.26
C PHE A 614 10.29 3.01 64.50
N THR A 615 9.13 3.63 64.32
CA THR A 615 8.10 3.71 65.34
C THR A 615 6.95 2.81 64.93
N TYR A 616 6.40 2.08 65.89
CA TYR A 616 5.35 1.11 65.65
C TYR A 616 4.03 1.63 66.17
N ASP A 617 2.98 1.56 65.34
CA ASP A 617 1.65 2.01 65.76
C ASP A 617 0.83 0.83 66.23
N GLU A 618 0.42 0.87 67.50
CA GLU A 618 -0.38 -0.20 68.09
C GLU A 618 -1.73 -0.35 67.38
N SER A 619 -2.28 0.75 66.88
CA SER A 619 -3.62 0.73 66.30
C SER A 619 -3.63 0.01 64.95
N THR A 620 -2.82 0.48 64.02
CA THR A 620 -2.77 -0.09 62.67
C THR A 620 -1.81 -1.27 62.55
N LYS A 621 -0.93 -1.46 63.54
CA LYS A 621 0.11 -2.48 63.44
C LYS A 621 0.98 -2.25 62.21
N LEU A 622 1.33 -0.98 61.97
CA LEU A 622 2.21 -0.56 60.88
C LEU A 622 3.43 0.18 61.42
N PHE A 623 4.53 0.11 60.69
CA PHE A 623 5.79 0.75 61.06
C PHE A 623 6.01 2.02 60.23
N TRP A 624 6.62 3.04 60.84
CA TRP A 624 6.92 4.29 60.14
C TRP A 624 8.28 4.82 60.57
N PHE A 625 8.92 5.56 59.66
CA PHE A 625 10.29 6.04 59.88
C PHE A 625 10.40 6.99 61.07
N ASN A 626 11.37 6.74 61.95
CA ASN A 626 11.56 7.61 63.11
C ASN A 626 12.27 8.88 62.71
N PRO A 627 11.60 10.04 62.77
CA PRO A 627 12.29 11.29 62.39
C PRO A 627 13.50 11.59 63.25
N SER A 628 13.48 11.17 64.51
CA SER A 628 14.53 11.51 65.46
C SER A 628 15.71 10.54 65.45
N SER A 629 15.73 9.57 64.55
CA SER A 629 16.79 8.56 64.52
C SER A 629 18.17 9.18 64.28
N PHE A 630 19.11 8.96 65.22
CA PHE A 630 20.52 9.32 65.02
C PHE A 630 21.27 8.27 64.21
N GLU A 631 20.70 7.08 64.03
CA GLU A 631 21.41 6.00 63.35
C GLU A 631 21.84 6.44 61.96
N THR A 632 22.89 5.80 61.46
CA THR A 632 23.47 6.28 60.20
C THR A 632 22.54 5.95 59.03
N GLU A 633 22.72 6.73 57.97
CA GLU A 633 21.97 6.50 56.75
C GLU A 633 22.25 5.12 56.17
N GLY A 634 23.30 4.46 56.63
CA GLY A 634 23.62 3.10 56.25
C GLY A 634 22.50 2.13 56.55
N GLN A 635 22.04 2.07 57.80
CA GLN A 635 20.99 1.10 58.12
C GLN A 635 19.76 1.30 57.25
N PHE A 636 19.36 2.56 57.02
CA PHE A 636 18.21 2.79 56.14
C PHE A 636 18.49 2.26 54.74
N THR A 637 19.73 2.45 54.26
CA THR A 637 20.07 1.89 52.95
C THR A 637 19.97 0.37 52.98
N LEU A 638 20.38 -0.24 54.08
CA LEU A 638 20.34 -1.69 54.17
C LEU A 638 18.93 -2.20 54.05
N ILE A 639 18.01 -1.63 54.83
CA ILE A 639 16.62 -2.12 54.76
C ILE A 639 16.05 -1.90 53.37
N GLY A 640 16.40 -0.79 52.73
CA GLY A 640 16.01 -0.60 51.35
C GLY A 640 16.49 -1.72 50.44
N ILE A 641 17.77 -2.06 50.55
CA ILE A 641 18.33 -3.12 49.72
C ILE A 641 17.63 -4.44 50.00
N VAL A 642 17.36 -4.73 51.28
CA VAL A 642 16.71 -5.98 51.64
C VAL A 642 15.36 -6.09 50.93
N LEU A 643 14.57 -5.02 50.94
CA LEU A 643 13.29 -5.07 50.24
C LEU A 643 13.50 -5.39 48.77
N GLY A 644 14.48 -4.72 48.16
CA GLY A 644 14.77 -5.03 46.76
C GLY A 644 15.10 -6.50 46.56
N LEU A 645 16.01 -7.01 47.37
CA LEU A 645 16.41 -8.40 47.25
C LEU A 645 15.24 -9.34 47.43
N ALA A 646 14.30 -8.99 48.30
CA ALA A 646 13.15 -9.86 48.52
C ALA A 646 12.30 -9.98 47.26
N ILE A 647 11.97 -8.83 46.63
CA ILE A 647 11.24 -8.89 45.35
C ILE A 647 12.04 -9.71 44.35
N TYR A 648 13.32 -9.41 44.23
CA TYR A 648 14.17 -10.07 43.25
C TYR A 648 14.22 -11.57 43.46
N ASN A 649 14.11 -12.05 44.70
CA ASN A 649 14.16 -13.47 45.01
C ASN A 649 12.79 -14.07 45.36
N ASN A 650 11.70 -13.33 45.10
CA ASN A 650 10.33 -13.83 45.30
C ASN A 650 10.10 -14.39 46.71
N CYS A 651 10.60 -13.68 47.72
CA CYS A 651 10.39 -14.12 49.11
C CYS A 651 9.51 -13.10 49.85
N ILE A 652 8.45 -13.59 50.50
CA ILE A 652 7.56 -12.68 51.22
C ILE A 652 8.20 -12.31 52.57
N LEU A 653 8.10 -11.04 52.94
CA LEU A 653 8.64 -10.52 54.19
C LEU A 653 7.50 -10.02 55.06
N ASP A 654 7.63 -10.20 56.38
CA ASP A 654 6.57 -9.76 57.28
C ASP A 654 6.73 -8.29 57.66
N VAL A 655 6.82 -7.41 56.65
CA VAL A 655 6.95 -5.96 56.85
C VAL A 655 5.58 -5.32 56.73
N HIS A 656 5.33 -4.29 57.52
CA HIS A 656 3.99 -3.70 57.60
C HIS A 656 4.04 -2.19 57.37
N PHE A 657 4.20 -1.76 56.10
CA PHE A 657 4.27 -0.32 55.84
C PHE A 657 2.95 0.22 55.28
N PRO A 658 2.59 1.45 55.66
CA PRO A 658 1.39 2.08 55.09
C PRO A 658 1.62 2.43 53.63
N MET A 659 0.51 2.66 52.93
CA MET A 659 0.59 2.85 51.47
C MET A 659 1.54 3.99 51.07
N VAL A 660 1.67 5.02 51.91
CA VAL A 660 2.55 6.14 51.53
C VAL A 660 3.95 5.65 51.19
N VAL A 661 4.45 4.64 51.91
CA VAL A 661 5.83 4.21 51.68
C VAL A 661 5.99 3.69 50.27
N TYR A 662 5.07 2.85 49.81
CA TYR A 662 5.21 2.34 48.45
C TYR A 662 5.01 3.44 47.42
N ARG A 663 4.20 4.46 47.73
CA ARG A 663 4.12 5.58 46.80
C ARG A 663 5.43 6.36 46.73
N LYS A 664 6.04 6.64 47.88
CA LYS A 664 7.32 7.33 47.89
C LYS A 664 8.38 6.52 47.15
N LEU A 665 8.38 5.19 47.30
CA LEU A 665 9.35 4.38 46.56
C LEU A 665 9.18 4.55 45.06
N MET A 666 7.96 4.70 44.59
CA MET A 666 7.74 4.87 43.16
C MET A 666 8.03 6.28 42.67
N GLY A 667 8.42 7.19 43.54
CA GLY A 667 8.73 8.54 43.11
C GLY A 667 7.61 9.54 43.26
N LYS A 668 6.60 9.24 44.06
CA LYS A 668 5.50 10.16 44.34
C LYS A 668 5.53 10.53 45.81
N LYS A 669 5.49 11.83 46.12
CA LYS A 669 5.48 12.27 47.50
C LYS A 669 4.16 11.89 48.16
N GLY A 670 4.21 11.65 49.47
CA GLY A 670 2.98 11.37 50.19
C GLY A 670 2.16 12.65 50.35
N THR A 671 0.87 12.55 50.04
CA THR A 671 -0.02 13.70 50.12
C THR A 671 -0.93 13.56 51.34
N PHE A 672 -1.61 14.66 51.67
CA PHE A 672 -2.47 14.68 52.86
C PHE A 672 -3.32 13.42 52.94
N ARG A 673 -3.86 12.99 51.81
CA ARG A 673 -4.75 11.84 51.80
C ARG A 673 -4.06 10.55 52.21
N ASP A 674 -2.74 10.49 52.13
CA ASP A 674 -2.05 9.26 52.51
C ASP A 674 -1.89 9.12 54.01
N LEU A 675 -2.16 10.17 54.79
CA LEU A 675 -2.11 10.04 56.24
C LEU A 675 -3.20 9.10 56.75
N GLY A 676 -4.19 8.77 55.92
CA GLY A 676 -5.32 7.98 56.34
C GLY A 676 -4.95 6.60 56.83
N ASP A 677 -3.76 6.15 56.51
CA ASP A 677 -3.23 4.85 56.93
C ASP A 677 -2.07 4.98 57.89
N SER A 678 -1.18 5.94 57.67
CA SER A 678 0.07 5.98 58.41
C SER A 678 -0.10 6.59 59.79
N HIS A 679 -0.97 7.58 59.93
CA HIS A 679 -1.14 8.31 61.18
C HIS A 679 -2.62 8.61 61.37
N PRO A 680 -3.43 7.60 61.66
CA PRO A 680 -4.87 7.86 61.83
C PRO A 680 -5.17 8.94 62.85
N VAL A 681 -4.51 8.89 64.02
CA VAL A 681 -4.67 9.96 65.02
C VAL A 681 -4.37 11.32 64.42
N LEU A 682 -3.44 11.39 63.46
CA LEU A 682 -3.14 12.66 62.82
C LEU A 682 -4.11 12.97 61.70
N TYR A 683 -4.33 12.00 60.81
CA TYR A 683 -5.22 12.24 59.67
C TYR A 683 -6.57 12.74 60.15
N GLN A 684 -7.13 12.05 61.15
CA GLN A 684 -8.43 12.47 61.66
C GLN A 684 -8.37 13.90 62.18
N SER A 685 -7.32 14.23 62.92
CA SER A 685 -7.22 15.57 63.49
C SER A 685 -7.16 16.62 62.40
N LEU A 686 -6.38 16.36 61.34
CA LEU A 686 -6.29 17.32 60.25
C LEU A 686 -7.61 17.43 59.50
N LYS A 687 -8.28 16.30 59.28
CA LYS A 687 -9.57 16.33 58.62
C LYS A 687 -10.57 17.14 59.42
N ASP A 688 -10.55 16.97 60.75
CA ASP A 688 -11.40 17.79 61.61
C ASP A 688 -11.08 19.26 61.43
N LEU A 689 -9.80 19.60 61.42
CA LEU A 689 -9.38 20.99 61.27
C LEU A 689 -9.88 21.58 59.95
N LEU A 690 -9.88 20.78 58.89
CA LEU A 690 -10.36 21.26 57.59
C LEU A 690 -11.87 21.43 57.58
N GLU A 691 -12.58 20.57 58.30
CA GLU A 691 -14.03 20.60 58.32
C GLU A 691 -14.61 21.68 59.23
N TYR A 692 -13.80 22.28 60.09
CA TYR A 692 -14.30 23.28 61.05
C TYR A 692 -14.66 24.60 60.36
N GLU A 693 -15.79 25.21 60.76
CA GLU A 693 -16.34 26.42 60.13
C GLU A 693 -16.18 27.72 60.94
N GLY A 694 -15.52 27.70 62.11
CA GLY A 694 -15.32 28.91 62.89
C GLY A 694 -13.94 29.55 62.65
N ASN A 695 -13.65 30.62 63.42
CA ASN A 695 -12.38 31.32 63.26
C ASN A 695 -11.24 30.45 63.79
N VAL A 696 -10.52 29.81 62.86
CA VAL A 696 -9.45 28.88 63.24
C VAL A 696 -8.42 29.58 64.14
N GLU A 697 -8.13 30.86 63.85
CA GLU A 697 -7.11 31.56 64.61
C GLU A 697 -7.53 31.77 66.06
N ASP A 698 -8.78 32.17 66.29
CA ASP A 698 -9.25 32.43 67.65
C ASP A 698 -9.68 31.15 68.36
N ASP A 699 -10.23 30.18 67.62
CA ASP A 699 -10.79 28.98 68.22
C ASP A 699 -9.78 27.87 68.48
N MET A 700 -8.73 27.76 67.66
CA MET A 700 -7.75 26.70 67.82
C MET A 700 -6.38 27.21 68.25
N MET A 701 -6.07 28.48 68.03
CA MET A 701 -4.82 29.12 68.47
C MET A 701 -3.58 28.31 68.10
N ILE A 702 -3.55 27.80 66.85
CA ILE A 702 -2.39 27.06 66.35
C ILE A 702 -1.61 27.95 65.39
N THR A 703 -0.29 27.75 65.36
CA THR A 703 0.63 28.52 64.54
C THR A 703 1.35 27.58 63.57
N PHE A 704 2.21 28.15 62.73
CA PHE A 704 2.98 27.35 61.77
C PHE A 704 4.15 26.64 62.46
N GLN A 705 4.01 26.35 63.75
CA GLN A 705 4.99 25.62 64.54
C GLN A 705 4.35 24.37 65.12
N ILE A 706 5.07 23.25 65.09
CA ILE A 706 4.58 21.95 65.54
C ILE A 706 5.61 21.32 66.49
N SER A 707 5.15 20.34 67.28
CA SER A 707 6.01 19.66 68.26
C SER A 707 6.23 18.20 67.89
N GLN A 708 7.49 17.76 67.96
CA GLN A 708 7.90 16.38 67.66
C GLN A 708 8.69 15.81 68.82
N THR A 709 8.49 14.53 69.14
CA THR A 709 9.17 13.90 70.27
C THR A 709 10.54 13.33 69.85
N ASP A 710 11.57 13.73 70.58
CA ASP A 710 12.92 13.22 70.46
C ASP A 710 12.99 11.81 71.05
N LEU A 711 14.10 11.09 70.75
CA LEU A 711 14.28 9.75 71.31
C LEU A 711 14.18 9.76 72.83
N PHE A 712 14.61 10.85 73.45
CA PHE A 712 14.57 11.02 74.89
C PHE A 712 13.23 11.59 75.38
N GLY A 713 12.22 11.62 74.51
CA GLY A 713 10.89 12.10 74.86
C GLY A 713 10.73 13.61 74.90
N ASN A 714 11.76 14.37 74.57
CA ASN A 714 11.70 15.83 74.62
C ASN A 714 10.90 16.37 73.43
N PRO A 715 9.97 17.34 73.63
CA PRO A 715 9.25 17.93 72.50
C PRO A 715 10.10 18.98 71.77
N MET A 716 10.48 18.65 70.53
CA MET A 716 11.27 19.53 69.67
C MET A 716 10.31 20.36 68.83
N MET A 717 10.43 21.68 68.89
CA MET A 717 9.55 22.56 68.13
C MET A 717 10.13 22.78 66.74
N TYR A 718 9.33 22.49 65.71
CA TYR A 718 9.73 22.64 64.32
C TYR A 718 8.85 23.69 63.65
N ASP A 719 9.49 24.65 62.97
CA ASP A 719 8.77 25.72 62.27
C ASP A 719 8.51 25.30 60.83
N LEU A 720 7.23 25.14 60.47
CA LEU A 720 6.87 24.84 59.09
C LEU A 720 7.17 25.99 58.15
N LYS A 721 7.22 27.21 58.70
CA LYS A 721 7.53 28.43 57.97
C LYS A 721 8.37 29.30 58.91
N GLU A 722 9.21 30.16 58.33
CA GLU A 722 10.25 30.83 59.13
C GLU A 722 9.61 31.67 60.24
N ASN A 723 10.20 31.60 61.44
CA ASN A 723 9.60 32.08 62.68
C ASN A 723 8.10 31.72 62.78
N GLY A 724 7.84 30.42 62.58
CA GLY A 724 6.49 29.89 62.54
C GLY A 724 5.68 30.09 63.81
N ASP A 725 6.34 30.33 64.95
CA ASP A 725 5.61 30.56 66.19
C ASP A 725 4.89 31.90 66.19
N LYS A 726 5.36 32.84 65.39
CA LYS A 726 4.76 34.17 65.27
C LYS A 726 3.71 34.25 64.16
N ILE A 727 3.49 33.17 63.41
CA ILE A 727 2.60 33.16 62.27
C ILE A 727 1.35 32.34 62.64
N PRO A 728 0.18 32.96 62.75
CA PRO A 728 -1.03 32.21 63.11
C PRO A 728 -1.68 31.54 61.90
N ILE A 729 -2.40 30.46 62.17
CA ILE A 729 -3.13 29.73 61.13
C ILE A 729 -4.53 30.31 61.03
N THR A 730 -4.89 30.75 59.82
CA THR A 730 -6.18 31.37 59.55
C THR A 730 -6.95 30.50 58.59
N ASN A 731 -8.26 30.76 58.51
CA ASN A 731 -9.11 29.98 57.61
C ASN A 731 -8.63 30.01 56.17
N GLU A 732 -8.02 31.12 55.73
CA GLU A 732 -7.55 31.21 54.35
C GLU A 732 -6.28 30.39 54.12
N ASN A 733 -5.46 30.20 55.16
CA ASN A 733 -4.19 29.51 55.02
C ASN A 733 -4.21 28.09 55.57
N ARG A 734 -5.34 27.63 56.14
CA ARG A 734 -5.37 26.31 56.74
C ARG A 734 -5.13 25.19 55.73
N LYS A 735 -5.66 25.31 54.51
CA LYS A 735 -5.38 24.25 53.54
C LYS A 735 -3.89 24.22 53.22
N GLU A 736 -3.28 25.39 53.13
CA GLU A 736 -1.83 25.44 52.95
C GLU A 736 -1.12 24.85 54.14
N PHE A 737 -1.55 25.21 55.36
CA PHE A 737 -0.96 24.62 56.56
C PHE A 737 -1.06 23.10 56.53
N VAL A 738 -2.22 22.57 56.15
CA VAL A 738 -2.37 21.13 56.09
C VAL A 738 -1.42 20.56 55.05
N ASN A 739 -1.30 21.22 53.90
CA ASN A 739 -0.36 20.74 52.90
C ASN A 739 1.07 20.75 53.43
N LEU A 740 1.44 21.82 54.14
CA LEU A 740 2.78 21.91 54.70
C LEU A 740 2.99 20.91 55.83
N TYR A 741 2.01 20.76 56.72
CA TYR A 741 2.13 19.83 57.84
C TYR A 741 2.19 18.40 57.32
N SER A 742 1.36 18.08 56.34
CA SER A 742 1.45 16.79 55.68
C SER A 742 2.80 16.62 55.03
N ASP A 743 3.27 17.66 54.35
CA ASP A 743 4.58 17.59 53.72
C ASP A 743 5.67 17.43 54.76
N TYR A 744 5.50 18.02 55.93
CA TYR A 744 6.51 17.86 56.97
C TYR A 744 6.52 16.43 57.48
N ILE A 745 5.36 15.93 57.89
CA ILE A 745 5.28 14.59 58.47
C ILE A 745 5.64 13.52 57.45
N LEU A 746 5.11 13.63 56.23
CA LEU A 746 5.34 12.61 55.22
C LEU A 746 6.67 12.77 54.50
N ASN A 747 7.23 13.97 54.44
CA ASN A 747 8.48 14.20 53.74
C ASN A 747 9.52 14.87 54.63
N LYS A 748 9.34 16.15 54.96
CA LYS A 748 10.47 16.93 55.45
C LYS A 748 10.95 16.52 56.84
N SER A 749 10.17 15.75 57.59
CA SER A 749 10.66 15.28 58.87
C SER A 749 11.51 14.02 58.76
N VAL A 750 11.24 13.15 57.78
CA VAL A 750 11.99 11.91 57.60
C VAL A 750 12.88 11.95 56.38
N GLU A 751 12.86 13.04 55.62
CA GLU A 751 13.53 13.08 54.32
C GLU A 751 14.97 12.61 54.41
N LYS A 752 15.68 12.97 55.50
CA LYS A 752 17.06 12.54 55.64
C LYS A 752 17.15 11.02 55.61
N GLN A 753 16.34 10.35 56.42
CA GLN A 753 16.34 8.89 56.47
C GLN A 753 15.72 8.30 55.21
N PHE A 754 14.56 8.82 54.82
CA PHE A 754 13.86 8.20 53.70
C PHE A 754 14.69 8.26 52.43
N LYS A 755 15.38 9.37 52.18
CA LYS A 755 16.16 9.45 50.95
C LYS A 755 17.18 8.32 50.90
N ALA A 756 17.79 8.00 52.04
CA ALA A 756 18.73 6.88 52.08
C ALA A 756 18.02 5.56 51.82
N PHE A 757 16.86 5.37 52.43
CA PHE A 757 16.11 4.15 52.22
C PHE A 757 15.78 3.97 50.73
N ARG A 758 15.24 5.00 50.12
CA ARG A 758 14.86 4.94 48.72
C ARG A 758 16.07 4.62 47.85
N ARG A 759 17.22 5.24 48.14
CA ARG A 759 18.42 4.93 47.39
C ARG A 759 18.73 3.44 47.47
N GLY A 760 18.71 2.89 48.68
CA GLY A 760 18.96 1.47 48.83
C GLY A 760 18.05 0.64 47.95
N PHE A 761 16.76 0.96 47.93
CA PHE A 761 15.83 0.18 47.12
C PHE A 761 16.14 0.29 45.62
N HIS A 762 16.39 1.51 45.14
CA HIS A 762 16.67 1.64 43.71
C HIS A 762 17.95 0.94 43.30
N MET A 763 18.88 0.76 44.21
CA MET A 763 20.10 0.07 43.82
C MET A 763 19.83 -1.33 43.31
N VAL A 764 18.68 -1.90 43.65
CA VAL A 764 18.34 -3.25 43.20
C VAL A 764 17.33 -3.18 42.06
N THR A 765 16.45 -2.18 42.05
CA THR A 765 15.35 -2.17 41.08
C THR A 765 15.48 -1.15 39.94
N ASN A 766 16.60 -0.43 39.80
CA ASN A 766 16.68 0.68 38.85
C ASN A 766 16.31 0.30 37.40
N GLU A 767 16.73 -0.88 36.92
CA GLU A 767 16.47 -1.28 35.54
C GLU A 767 15.26 -2.21 35.38
N SER A 768 14.50 -2.43 36.41
CA SER A 768 13.41 -3.39 36.40
C SER A 768 12.15 -2.83 35.73
N PRO A 769 11.35 -3.67 35.07
CA PRO A 769 10.08 -3.18 34.51
C PRO A 769 9.06 -2.85 35.59
N LEU A 770 9.50 -2.94 36.84
CA LEU A 770 8.63 -2.70 37.99
C LEU A 770 7.86 -1.39 37.87
N LYS A 771 8.54 -0.29 37.54
CA LYS A 771 7.85 1.00 37.49
C LYS A 771 6.75 1.03 36.43
N TYR A 772 6.82 0.13 35.44
CA TYR A 772 5.90 0.08 34.31
C TYR A 772 4.76 -0.92 34.55
N LEU A 773 5.05 -2.06 35.14
CA LEU A 773 4.04 -3.09 35.31
C LEU A 773 3.20 -2.90 36.57
N PHE A 774 3.76 -2.41 37.67
CA PHE A 774 3.05 -2.42 38.93
C PHE A 774 2.72 -1.02 39.41
N ARG A 775 1.86 -0.96 40.42
CA ARG A 775 1.42 0.25 41.11
C ARG A 775 1.72 0.09 42.59
N PRO A 776 1.71 1.18 43.36
CA PRO A 776 2.01 1.04 44.80
C PRO A 776 1.26 -0.09 45.47
N GLU A 777 -0.03 -0.20 45.20
CA GLU A 777 -0.83 -1.22 45.83
C GLU A 777 -0.36 -2.61 45.44
N GLU A 778 0.21 -2.76 44.25
CA GLU A 778 0.71 -4.06 43.83
C GLU A 778 2.13 -4.32 44.36
N ILE A 779 2.92 -3.28 44.56
CA ILE A 779 4.22 -3.48 45.19
C ILE A 779 4.02 -4.13 46.54
N GLU A 780 3.08 -3.58 47.33
CA GLU A 780 2.86 -4.18 48.64
C GLU A 780 2.66 -5.66 48.49
N LEU A 781 1.85 -6.07 47.52
CA LEU A 781 1.56 -7.48 47.36
C LEU A 781 2.82 -8.27 47.03
N LEU A 782 3.72 -7.68 46.23
CA LEU A 782 4.94 -8.42 45.91
C LEU A 782 5.80 -8.64 47.15
N ILE A 783 5.87 -7.64 48.02
CA ILE A 783 6.78 -7.70 49.18
C ILE A 783 6.16 -8.53 50.30
N CYS A 784 4.94 -8.22 50.69
CA CYS A 784 4.31 -8.78 51.89
C CYS A 784 3.44 -10.00 51.62
N GLY A 785 2.96 -10.18 50.39
CA GLY A 785 2.03 -11.25 50.08
C GLY A 785 0.58 -10.85 50.32
N SER A 786 -0.33 -11.68 49.83
CA SER A 786 -1.76 -11.38 49.83
C SER A 786 -2.45 -11.79 51.13
N ARG A 787 -3.57 -11.11 51.41
CA ARG A 787 -4.41 -11.31 52.59
C ARG A 787 -5.57 -12.27 52.36
N ASN A 788 -5.73 -12.80 51.14
CA ASN A 788 -6.80 -13.74 50.79
C ASN A 788 -6.29 -15.17 50.98
N LEU A 789 -7.05 -15.96 51.76
CA LEU A 789 -6.58 -17.28 52.25
C LEU A 789 -7.47 -18.42 51.72
N ASP A 790 -7.10 -18.97 50.55
CA ASP A 790 -7.85 -20.07 49.93
C ASP A 790 -7.28 -21.42 50.39
N PHE A 791 -7.92 -22.03 51.38
CA PHE A 791 -7.46 -23.31 51.93
C PHE A 791 -7.80 -24.51 51.05
N GLN A 792 -8.74 -24.38 50.11
CA GLN A 792 -8.98 -25.46 49.16
C GLN A 792 -7.75 -25.63 48.25
N ALA A 793 -7.23 -24.51 47.75
CA ALA A 793 -6.01 -24.54 46.93
C ALA A 793 -4.83 -25.09 47.73
N LEU A 794 -4.76 -24.75 49.03
CA LEU A 794 -3.72 -25.30 49.88
C LEU A 794 -3.82 -26.81 49.98
N GLU A 795 -5.04 -27.34 50.17
CA GLU A 795 -5.22 -28.78 50.22
C GLU A 795 -4.75 -29.43 48.92
N GLU A 796 -5.13 -28.84 47.78
CA GLU A 796 -4.79 -29.42 46.49
C GLU A 796 -3.28 -29.51 46.27
N THR A 797 -2.49 -28.59 46.81
CA THR A 797 -1.05 -28.60 46.59
C THR A 797 -0.22 -29.15 47.76
N THR A 798 -0.83 -29.51 48.88
CA THR A 798 -0.08 -30.00 50.05
C THR A 798 0.54 -31.37 49.78
N GLU A 799 1.79 -31.53 50.20
CA GLU A 799 2.53 -32.79 50.08
C GLU A 799 2.62 -33.50 51.42
N TYR A 800 2.80 -34.83 51.38
CA TYR A 800 2.73 -35.68 52.57
C TYR A 800 3.98 -36.54 52.72
N ASP A 801 4.47 -36.67 53.96
CA ASP A 801 5.72 -37.37 54.24
C ASP A 801 5.60 -38.15 55.55
N GLY A 802 6.54 -39.10 55.75
CA GLY A 802 6.54 -39.94 56.94
C GLY A 802 5.49 -41.04 56.93
N GLY A 803 4.91 -41.35 55.77
CA GLY A 803 3.91 -42.39 55.65
C GLY A 803 2.47 -41.91 55.59
N TYR A 804 2.22 -40.61 55.71
CA TYR A 804 0.90 -40.07 55.41
C TYR A 804 0.66 -40.06 53.89
N THR A 805 -0.62 -40.13 53.51
CA THR A 805 -1.05 -39.96 52.12
C THR A 805 -2.35 -39.17 52.11
N ARG A 806 -2.70 -38.63 50.94
CA ARG A 806 -3.94 -37.88 50.78
C ARG A 806 -5.17 -38.70 51.18
N ASP A 807 -5.10 -40.03 51.09
CA ASP A 807 -6.21 -40.91 51.46
C ASP A 807 -6.19 -41.37 52.92
N SER A 808 -5.26 -40.86 53.73
CA SER A 808 -5.21 -41.20 55.15
C SER A 808 -6.36 -40.56 55.92
N VAL A 809 -6.97 -41.33 56.82
CA VAL A 809 -8.12 -40.85 57.60
C VAL A 809 -7.77 -39.57 58.35
N LEU A 810 -6.64 -39.58 59.05
CA LEU A 810 -6.20 -38.42 59.83
C LEU A 810 -6.06 -37.18 58.94
N ILE A 811 -5.59 -37.35 57.71
CA ILE A 811 -5.42 -36.22 56.80
C ILE A 811 -6.78 -35.67 56.35
N ARG A 812 -7.73 -36.56 56.04
CA ARG A 812 -9.08 -36.10 55.70
C ARG A 812 -9.73 -35.37 56.87
N GLU A 813 -9.59 -35.90 58.08
CA GLU A 813 -10.11 -35.23 59.27
C GLU A 813 -9.40 -33.88 59.50
N PHE A 814 -8.10 -33.82 59.22
CA PHE A 814 -7.34 -32.57 59.31
C PHE A 814 -7.93 -31.51 58.40
N TRP A 815 -8.23 -31.87 57.14
CA TRP A 815 -8.82 -30.89 56.22
C TRP A 815 -10.25 -30.49 56.63
N GLU A 816 -11.04 -31.44 57.14
CA GLU A 816 -12.36 -31.06 57.68
C GLU A 816 -12.22 -30.02 58.79
N ILE A 817 -11.28 -30.24 59.72
CA ILE A 817 -11.06 -29.30 60.81
C ILE A 817 -10.61 -27.94 60.26
N VAL A 818 -9.55 -27.94 59.44
CA VAL A 818 -8.96 -26.70 58.96
C VAL A 818 -9.96 -25.91 58.12
N HIS A 819 -10.79 -26.59 57.31
CA HIS A 819 -11.84 -25.89 56.59
C HIS A 819 -12.89 -25.31 57.54
N SER A 820 -13.14 -25.96 58.69
CA SER A 820 -14.10 -25.43 59.64
C SER A 820 -13.55 -24.30 60.52
N PHE A 821 -12.26 -24.01 60.47
CA PHE A 821 -11.66 -22.95 61.29
C PHE A 821 -12.15 -21.56 60.87
N THR A 822 -12.12 -20.62 61.81
CA THR A 822 -12.38 -19.21 61.51
C THR A 822 -11.19 -18.59 60.78
N ASP A 823 -11.41 -17.42 60.16
CA ASP A 823 -10.33 -16.75 59.44
C ASP A 823 -9.16 -16.43 60.37
N GLU A 824 -9.44 -16.10 61.62
CA GLU A 824 -8.36 -15.81 62.58
C GLU A 824 -7.58 -17.08 62.92
N GLN A 825 -8.29 -18.18 63.17
CA GLN A 825 -7.62 -19.46 63.40
C GLN A 825 -6.80 -19.85 62.18
N LYS A 826 -7.32 -19.58 60.99
CA LYS A 826 -6.60 -19.87 59.75
C LYS A 826 -5.33 -19.03 59.63
N ARG A 827 -5.42 -17.73 59.94
CA ARG A 827 -4.23 -16.88 59.95
C ARG A 827 -3.20 -17.40 60.95
N LEU A 828 -3.65 -17.77 62.15
CA LEU A 828 -2.75 -18.34 63.15
C LEU A 828 -2.11 -19.63 62.66
N PHE A 829 -2.89 -20.50 62.01
CA PHE A 829 -2.34 -21.75 61.49
C PHE A 829 -1.25 -21.47 60.46
N LEU A 830 -1.46 -20.50 59.58
CA LEU A 830 -0.42 -20.16 58.60
C LEU A 830 0.79 -19.55 59.29
N GLN A 831 0.58 -18.62 60.22
CA GLN A 831 1.70 -18.04 60.95
C GLN A 831 2.53 -19.15 61.60
N PHE A 832 1.86 -20.11 62.23
CA PHE A 832 2.52 -21.24 62.88
C PHE A 832 3.30 -22.09 61.87
N THR A 833 2.66 -22.48 60.76
CA THR A 833 3.28 -23.41 59.81
C THR A 833 4.30 -22.75 58.88
N THR A 834 4.13 -21.45 58.58
CA THR A 834 4.88 -20.74 57.54
C THR A 834 5.63 -19.49 58.01
N GLY A 835 5.40 -19.00 59.23
CA GLY A 835 6.04 -17.78 59.71
C GLY A 835 5.40 -16.48 59.27
N THR A 836 4.32 -16.53 58.49
CA THR A 836 3.58 -15.34 58.07
C THR A 836 2.10 -15.71 58.00
N ASP A 837 1.24 -14.75 58.33
CA ASP A 837 -0.20 -14.97 58.27
C ASP A 837 -0.79 -14.60 56.92
N ARG A 838 0.03 -14.17 55.96
CA ARG A 838 -0.38 -13.84 54.60
C ARG A 838 0.01 -14.95 53.63
N ALA A 839 -0.72 -15.01 52.50
CA ALA A 839 -0.48 -15.97 51.42
C ALA A 839 0.45 -15.38 50.35
N PRO A 840 1.35 -16.17 49.74
CA PRO A 840 2.25 -15.63 48.72
C PRO A 840 1.51 -15.08 47.51
N VAL A 841 2.22 -14.42 46.59
CA VAL A 841 1.58 -13.94 45.37
C VAL A 841 0.99 -15.13 44.63
N GLY A 842 -0.32 -15.15 44.48
CA GLY A 842 -1.04 -16.27 43.88
C GLY A 842 -1.81 -17.13 44.85
N GLY A 843 -1.84 -16.79 46.13
CA GLY A 843 -2.64 -17.51 47.10
C GLY A 843 -1.92 -18.68 47.74
N LEU A 844 -2.62 -19.32 48.67
CA LEU A 844 -2.05 -20.42 49.45
C LEU A 844 -1.65 -21.62 48.59
N GLY A 845 -2.27 -21.78 47.41
CA GLY A 845 -1.91 -22.89 46.54
C GLY A 845 -0.46 -22.87 46.07
N LYS A 846 0.21 -21.72 46.13
CA LYS A 846 1.61 -21.67 45.75
C LYS A 846 2.54 -22.09 46.88
N LEU A 847 2.01 -22.26 48.08
CA LEU A 847 2.79 -22.59 49.26
C LEU A 847 2.92 -24.11 49.36
N LYS A 848 4.11 -24.64 49.05
CA LYS A 848 4.33 -26.08 49.08
C LYS A 848 4.37 -26.56 50.52
N MET A 849 3.22 -26.63 51.18
CA MET A 849 3.17 -27.10 52.56
C MET A 849 3.37 -28.61 52.58
N ILE A 850 4.13 -29.07 53.56
CA ILE A 850 4.42 -30.50 53.73
C ILE A 850 3.91 -30.92 55.10
N ILE A 851 2.98 -31.88 55.12
CA ILE A 851 2.49 -32.47 56.36
C ILE A 851 3.25 -33.78 56.57
N ALA A 852 4.15 -33.79 57.55
CA ALA A 852 5.06 -34.91 57.80
C ALA A 852 4.69 -35.59 59.10
N LYS A 853 4.62 -36.92 59.09
CA LYS A 853 4.20 -37.68 60.27
C LYS A 853 5.25 -37.62 61.36
N ASN A 854 4.85 -37.16 62.54
CA ASN A 854 5.74 -37.02 63.69
C ASN A 854 5.42 -38.09 64.73
N GLY A 855 5.44 -39.37 64.31
CA GLY A 855 5.19 -40.49 65.19
C GLY A 855 3.71 -40.83 65.40
N PRO A 856 3.44 -41.84 66.25
CA PRO A 856 2.05 -42.26 66.50
C PRO A 856 1.28 -41.31 67.43
N ASP A 857 0.09 -41.71 67.86
CA ASP A 857 -0.72 -40.89 68.76
C ASP A 857 0.03 -40.59 70.06
N THR A 858 0.10 -39.30 70.42
CA THR A 858 0.76 -38.85 71.65
C THR A 858 0.02 -37.62 72.18
N GLU A 859 0.35 -37.23 73.42
CA GLU A 859 -0.22 -36.04 74.03
C GLU A 859 0.46 -34.75 73.57
N ARG A 860 1.51 -34.85 72.77
CA ARG A 860 2.28 -33.69 72.33
C ARG A 860 1.48 -32.82 71.36
N LEU A 861 1.82 -31.52 71.32
CA LEU A 861 1.33 -30.59 70.31
C LEU A 861 2.08 -30.83 68.99
N PRO A 862 1.48 -30.48 67.86
CA PRO A 862 2.24 -30.50 66.60
C PRO A 862 3.32 -29.42 66.62
N THR A 863 4.34 -29.58 65.78
CA THR A 863 5.46 -28.63 65.69
C THR A 863 5.68 -28.24 64.23
N SER A 864 6.46 -27.16 63.99
CA SER A 864 6.64 -26.66 62.63
C SER A 864 8.07 -26.20 62.34
N HIS A 865 8.42 -26.24 61.07
CA HIS A 865 9.67 -25.68 60.53
C HIS A 865 9.28 -24.61 59.51
N THR A 866 9.18 -23.36 59.99
CA THR A 866 8.70 -22.23 59.18
C THR A 866 9.61 -21.92 57.98
N CYS A 867 10.89 -22.31 58.03
CA CYS A 867 11.81 -22.03 56.94
C CYS A 867 11.54 -22.89 55.71
N PHE A 868 10.86 -24.03 55.87
CA PHE A 868 10.52 -24.92 54.78
C PHE A 868 9.02 -25.25 54.72
N ASN A 869 8.20 -24.59 55.56
CA ASN A 869 6.75 -24.79 55.61
C ASN A 869 6.34 -26.22 55.94
N VAL A 870 7.11 -26.90 56.81
CA VAL A 870 6.82 -28.28 57.19
C VAL A 870 6.04 -28.31 58.51
N LEU A 871 4.92 -29.03 58.52
CA LEU A 871 4.11 -29.27 59.71
C LEU A 871 4.37 -30.70 60.21
N LEU A 872 4.94 -30.81 61.40
CA LEU A 872 5.25 -32.11 62.02
C LEU A 872 4.04 -32.55 62.85
N LEU A 873 3.21 -33.43 62.28
CA LEU A 873 1.89 -33.75 62.82
C LEU A 873 1.83 -35.17 63.38
N PRO A 874 1.61 -35.36 64.69
CA PRO A 874 1.44 -36.72 65.23
C PRO A 874 0.16 -37.39 64.73
N GLU A 875 0.19 -38.73 64.67
CA GLU A 875 -0.92 -39.52 64.14
C GLU A 875 -1.97 -39.76 65.24
N TYR A 876 -2.70 -38.68 65.58
CA TYR A 876 -3.66 -38.73 66.68
C TYR A 876 -4.78 -39.74 66.43
N SER A 877 -5.32 -40.28 67.53
CA SER A 877 -6.34 -41.31 67.49
C SER A 877 -7.76 -40.79 67.22
N SER A 878 -8.02 -39.49 67.30
CA SER A 878 -9.38 -39.00 67.06
C SER A 878 -9.40 -37.57 66.51
N LYS A 879 -10.47 -37.28 65.77
CA LYS A 879 -10.68 -35.95 65.18
C LYS A 879 -10.73 -34.86 66.25
N GLU A 880 -11.43 -35.12 67.36
CA GLU A 880 -11.52 -34.14 68.45
C GLU A 880 -10.14 -33.87 69.05
N LYS A 881 -9.34 -34.92 69.23
CA LYS A 881 -8.00 -34.73 69.77
C LYS A 881 -7.12 -33.95 68.80
N LEU A 882 -7.16 -34.29 67.52
CA LEU A 882 -6.44 -33.51 66.51
C LEU A 882 -6.85 -32.05 66.56
N LYS A 883 -8.16 -31.78 66.58
CA LYS A 883 -8.64 -30.40 66.60
C LYS A 883 -8.16 -29.67 67.85
N GLU A 884 -8.28 -30.30 69.02
CA GLU A 884 -7.90 -29.64 70.27
C GLU A 884 -6.39 -29.37 70.32
N ARG A 885 -5.56 -30.35 69.92
CA ARG A 885 -4.11 -30.14 69.92
C ARG A 885 -3.69 -29.09 68.90
N LEU A 886 -4.28 -29.13 67.69
CA LEU A 886 -3.91 -28.16 66.66
C LEU A 886 -4.34 -26.74 67.07
N LEU A 887 -5.56 -26.58 67.57
CA LEU A 887 -6.00 -25.28 68.06
C LEU A 887 -5.07 -24.76 69.16
N LYS A 888 -4.72 -25.63 70.11
CA LYS A 888 -3.83 -25.21 71.20
C LYS A 888 -2.47 -24.79 70.67
N ALA A 889 -1.89 -25.58 69.75
CA ALA A 889 -0.60 -25.21 69.17
C ALA A 889 -0.64 -23.85 68.51
N ILE A 890 -1.59 -23.63 67.60
CA ILE A 890 -1.63 -22.36 66.86
C ILE A 890 -2.01 -21.18 67.75
N THR A 891 -2.70 -21.41 68.87
CA THR A 891 -3.05 -20.31 69.78
C THR A 891 -1.92 -19.94 70.73
N TYR A 892 -1.17 -20.93 71.23
CA TYR A 892 -0.15 -20.71 72.23
C TYR A 892 1.25 -20.50 71.65
N ALA A 893 1.41 -20.61 70.34
CA ALA A 893 2.69 -20.32 69.68
C ALA A 893 2.95 -18.81 69.61
N MET B 116 49.24 21.01 27.95
CA MET B 116 48.52 20.06 28.87
C MET B 116 47.00 20.18 28.76
N PHE B 117 46.33 19.07 29.10
CA PHE B 117 44.89 18.95 29.03
C PHE B 117 44.27 18.82 30.42
N GLN B 118 44.91 19.47 31.37
CA GLN B 118 44.51 19.43 32.76
C GLN B 118 43.30 20.32 33.05
N ASP B 119 42.79 21.03 32.03
CA ASP B 119 41.52 21.74 32.16
C ASP B 119 40.40 20.78 31.79
N PRO B 120 39.53 20.38 32.73
CA PRO B 120 38.53 19.35 32.41
C PRO B 120 37.61 19.71 31.25
N GLN B 121 37.32 20.99 31.05
CA GLN B 121 36.32 21.38 30.07
C GLN B 121 36.89 21.72 28.71
N GLU B 122 38.15 22.17 28.62
CA GLU B 122 38.62 22.84 27.42
C GLU B 122 39.73 22.10 26.67
N ARG B 123 39.68 20.78 26.71
CA ARG B 123 40.60 19.91 26.00
C ARG B 123 39.89 19.28 24.79
N PRO B 124 40.59 19.11 23.65
CA PRO B 124 39.91 18.62 22.45
C PRO B 124 39.34 17.22 22.66
N ARG B 125 38.21 16.94 22.02
CA ARG B 125 37.48 15.69 22.22
C ARG B 125 37.75 14.64 21.15
N LYS B 126 37.90 15.05 19.89
CA LYS B 126 38.02 14.13 18.76
C LYS B 126 39.46 14.12 18.26
N LEU B 127 39.94 12.94 17.88
CA LEU B 127 41.34 12.79 17.53
C LEU B 127 41.83 13.85 16.55
N PRO B 128 41.15 14.13 15.45
CA PRO B 128 41.67 15.17 14.54
C PRO B 128 41.96 16.50 15.25
N GLN B 129 41.09 16.86 16.19
CA GLN B 129 41.31 18.08 16.93
C GLN B 129 42.58 17.97 17.77
N LEU B 130 42.77 16.82 18.42
CA LEU B 130 43.97 16.61 19.23
C LEU B 130 45.23 16.65 18.36
N CYS B 131 45.14 16.16 17.13
CA CYS B 131 46.28 16.26 16.22
C CYS B 131 46.72 17.70 16.09
N THR B 132 45.79 18.57 15.68
CA THR B 132 46.18 19.97 15.51
C THR B 132 46.54 20.64 16.83
N GLU B 133 45.90 20.24 17.92
CA GLU B 133 46.18 20.87 19.21
C GLU B 133 47.61 20.58 19.65
N LEU B 134 48.11 19.38 19.38
CA LEU B 134 49.49 19.01 19.66
C LEU B 134 50.40 19.28 18.46
N GLN B 135 49.94 20.09 17.50
CA GLN B 135 50.71 20.45 16.31
C GLN B 135 51.36 19.24 15.65
N THR B 136 50.57 18.16 15.53
CA THR B 136 51.03 16.88 15.01
C THR B 136 49.93 16.33 14.10
N THR B 137 50.25 15.32 13.27
CA THR B 137 49.25 14.69 12.42
C THR B 137 48.92 13.29 12.90
N ILE B 138 47.82 12.74 12.37
CA ILE B 138 47.43 11.38 12.73
C ILE B 138 48.54 10.39 12.38
N HIS B 139 49.39 10.74 11.42
CA HIS B 139 50.51 9.90 11.00
C HIS B 139 51.68 9.99 11.96
N ASP B 140 51.68 10.98 12.84
CA ASP B 140 52.78 11.25 13.75
C ASP B 140 52.48 10.86 15.19
N ILE B 141 51.22 10.82 15.58
CA ILE B 141 50.86 10.73 16.99
C ILE B 141 50.81 9.28 17.48
N ILE B 142 51.19 9.09 18.74
CA ILE B 142 51.20 7.80 19.43
C ILE B 142 50.34 7.93 20.68
N LEU B 143 49.39 7.01 20.90
CA LEU B 143 48.48 7.09 22.03
C LEU B 143 48.28 5.74 22.72
N GLU B 144 47.90 5.79 24.00
CA GLU B 144 47.65 4.62 24.82
C GLU B 144 46.15 4.30 24.89
N CYS B 145 45.84 3.00 24.99
CA CYS B 145 44.46 2.56 25.18
C CYS B 145 44.06 2.69 26.64
N VAL B 146 42.88 3.26 26.86
CA VAL B 146 42.46 3.66 28.20
C VAL B 146 42.39 2.50 29.19
N TYR B 147 42.14 1.27 28.73
CA TYR B 147 42.10 0.14 29.66
C TYR B 147 43.49 -0.46 29.91
N CYS B 148 44.13 -0.92 28.85
CA CYS B 148 45.38 -1.67 28.96
C CYS B 148 46.61 -0.78 28.92
N LYS B 149 46.45 0.50 28.61
CA LYS B 149 47.56 1.44 28.42
C LYS B 149 48.61 0.91 27.45
N GLN B 150 48.27 -0.09 26.65
CA GLN B 150 49.13 -0.51 25.55
C GLN B 150 49.02 0.50 24.41
N GLN B 151 50.07 0.57 23.59
CA GLN B 151 50.12 1.47 22.45
C GLN B 151 49.27 0.92 21.29
N LEU B 152 48.50 1.79 20.65
CA LEU B 152 47.68 1.37 19.51
C LEU B 152 48.54 1.16 18.26
N LEU B 153 48.19 0.15 17.48
CA LEU B 153 48.73 0.06 16.13
C LEU B 153 48.13 1.19 15.28
N ARG B 154 48.91 1.69 14.31
CA ARG B 154 48.45 2.80 13.50
C ARG B 154 47.11 2.48 12.84
N ARG B 155 46.92 1.23 12.43
CA ARG B 155 45.65 0.80 11.88
C ARG B 155 44.52 1.08 12.86
N GLU B 156 44.76 0.80 14.13
CA GLU B 156 43.74 1.05 15.14
C GLU B 156 43.53 2.54 15.33
N VAL B 157 44.59 3.34 15.29
CA VAL B 157 44.44 4.78 15.43
C VAL B 157 43.52 5.32 14.34
N TYR B 158 43.77 4.90 13.10
CA TYR B 158 42.89 5.34 12.02
C TYR B 158 41.46 4.94 12.34
N ASP B 159 41.25 3.68 12.68
CA ASP B 159 39.88 3.25 12.94
C ASP B 159 39.24 4.05 14.07
N PHE B 160 40.02 4.43 15.09
CA PHE B 160 39.46 5.23 16.17
C PHE B 160 38.97 6.55 15.62
N ALA B 161 39.70 7.11 14.66
CA ALA B 161 39.20 8.33 14.04
C ALA B 161 37.94 8.06 13.25
N PHE B 162 37.91 6.93 12.53
CA PHE B 162 36.76 6.57 11.70
C PHE B 162 35.54 6.19 12.54
N ARG B 163 35.74 5.70 13.75
CA ARG B 163 34.61 5.29 14.60
C ARG B 163 33.97 6.43 15.36
N ASP B 164 34.43 7.67 15.18
CA ASP B 164 33.83 8.84 15.83
C ASP B 164 33.72 8.68 17.35
N LEU B 165 34.86 8.35 17.99
CA LEU B 165 34.96 8.18 19.43
C LEU B 165 35.65 9.40 20.06
N CYS B 166 35.51 9.51 21.38
CA CYS B 166 36.04 10.64 22.14
C CYS B 166 37.32 10.29 22.88
N ILE B 167 38.28 11.22 22.91
CA ILE B 167 39.48 11.03 23.71
C ILE B 167 39.09 11.08 25.19
N VAL B 168 39.57 10.11 25.98
CA VAL B 168 39.39 10.14 27.43
C VAL B 168 40.66 10.71 28.05
N TYR B 169 40.51 11.56 29.06
CA TYR B 169 41.67 12.22 29.67
C TYR B 169 41.79 11.85 31.13
N ARG B 170 42.99 11.45 31.54
CA ARG B 170 43.31 11.22 32.94
C ARG B 170 44.52 12.08 33.30
N ASP B 171 44.33 12.98 34.26
CA ASP B 171 45.38 13.89 34.74
C ASP B 171 46.02 14.70 33.62
N GLY B 172 45.22 15.05 32.61
CA GLY B 172 45.71 15.80 31.47
C GLY B 172 46.36 14.97 30.39
N ASN B 173 46.30 13.65 30.49
CA ASN B 173 46.87 12.75 29.49
C ASN B 173 45.77 12.17 28.62
N PRO B 174 45.92 12.18 27.30
CA PRO B 174 44.89 11.60 26.42
C PRO B 174 45.02 10.08 26.29
N TYR B 175 43.87 9.42 26.20
CA TYR B 175 43.82 7.98 25.97
C TYR B 175 42.77 7.69 24.90
N ALA B 176 43.05 6.67 24.08
CA ALA B 176 42.17 6.19 23.03
C ALA B 176 41.67 4.79 23.44
N VAL B 177 41.15 4.04 22.47
CA VAL B 177 40.82 2.63 22.72
C VAL B 177 41.18 1.77 21.52
N CYS B 178 41.90 0.69 21.78
CA CYS B 178 42.31 -0.23 20.74
C CYS B 178 41.13 -1.13 20.34
N ASP B 179 41.34 -1.91 19.29
CA ASP B 179 40.25 -2.71 18.74
C ASP B 179 39.81 -3.81 19.70
N LYS B 180 40.76 -4.58 20.23
CA LYS B 180 40.40 -5.69 21.11
C LYS B 180 39.60 -5.19 22.31
N CYS B 181 40.08 -4.13 22.97
CA CYS B 181 39.38 -3.62 24.14
C CYS B 181 37.98 -3.13 23.78
N LEU B 182 37.86 -2.38 22.68
CA LEU B 182 36.55 -1.84 22.32
C LEU B 182 35.56 -2.96 22.09
N LYS B 183 35.92 -3.93 21.26
CA LYS B 183 35.00 -5.04 21.02
C LYS B 183 34.65 -5.74 22.31
N PHE B 184 35.64 -5.98 23.17
CA PHE B 184 35.41 -6.70 24.41
C PHE B 184 34.40 -5.96 25.29
N TYR B 185 34.69 -4.70 25.60
CA TYR B 185 33.79 -3.97 26.48
C TYR B 185 32.44 -3.73 25.85
N SER B 186 32.37 -3.57 24.53
CA SER B 186 31.06 -3.43 23.91
C SER B 186 30.26 -4.69 24.07
N LYS B 187 30.88 -5.85 23.85
CA LYS B 187 30.16 -7.10 23.97
C LYS B 187 29.67 -7.30 25.40
N ILE B 188 30.50 -6.92 26.37
CA ILE B 188 30.07 -7.01 27.76
C ILE B 188 28.89 -6.09 28.00
N SER B 189 28.97 -4.86 27.49
CA SER B 189 27.88 -3.92 27.69
C SER B 189 26.58 -4.41 27.05
N GLU B 190 26.68 -5.07 25.89
CA GLU B 190 25.51 -5.71 25.33
C GLU B 190 24.93 -6.71 26.31
N TYR B 191 25.76 -7.64 26.80
CA TYR B 191 25.25 -8.64 27.72
C TYR B 191 24.67 -8.00 28.97
N ARG B 192 25.09 -6.80 29.34
CA ARG B 192 24.63 -6.24 30.60
C ARG B 192 23.40 -5.34 30.49
N HIS B 193 23.35 -4.39 29.56
CA HIS B 193 22.28 -3.41 29.57
C HIS B 193 21.31 -3.54 28.39
N TYR B 194 21.19 -4.72 27.80
CA TYR B 194 20.20 -4.95 26.74
C TYR B 194 18.83 -4.62 27.26
N SER B 195 18.04 -3.87 26.49
CA SER B 195 16.69 -3.55 26.92
C SER B 195 15.64 -4.22 26.04
N TYR B 196 15.42 -3.70 24.83
CA TYR B 196 14.44 -4.32 23.94
C TYR B 196 14.85 -4.08 22.49
N SER B 197 14.30 -4.89 21.59
CA SER B 197 14.65 -4.84 20.17
C SER B 197 13.42 -4.51 19.34
N LEU B 198 13.53 -3.51 18.47
CA LEU B 198 12.42 -3.07 17.62
C LEU B 198 12.80 -3.16 16.15
N TYR B 199 11.79 -3.22 15.29
CA TYR B 199 12.05 -3.07 13.86
C TYR B 199 12.28 -1.61 13.53
N GLY B 200 13.12 -1.37 12.52
CA GLY B 200 13.41 0.01 12.16
C GLY B 200 12.14 0.81 11.94
N THR B 201 11.16 0.22 11.28
CA THR B 201 9.89 0.91 11.03
C THR B 201 9.25 1.34 12.35
N THR B 202 9.17 0.41 13.29
CA THR B 202 8.57 0.72 14.59
C THR B 202 9.37 1.80 15.28
N LEU B 203 10.69 1.69 15.20
CA LEU B 203 11.57 2.64 15.85
C LEU B 203 11.34 4.05 15.31
N GLU B 204 11.16 4.18 14.00
CA GLU B 204 10.87 5.48 13.40
C GLU B 204 9.61 6.08 14.00
N GLN B 205 8.62 5.24 14.24
CA GLN B 205 7.38 5.79 14.80
C GLN B 205 7.55 6.19 16.26
N GLN B 206 8.35 5.43 17.02
CA GLN B 206 8.55 5.80 18.42
C GLN B 206 9.31 7.11 18.54
N TYR B 207 10.25 7.38 17.62
CA TYR B 207 11.03 8.60 17.68
C TYR B 207 10.56 9.70 16.72
N ASN B 208 9.48 9.43 15.97
CA ASN B 208 8.89 10.43 15.06
C ASN B 208 9.94 11.04 14.11
N LYS B 209 10.84 10.20 13.61
CA LYS B 209 11.86 10.65 12.66
C LYS B 209 12.22 9.48 11.75
N PRO B 210 12.66 9.75 10.53
CA PRO B 210 13.10 8.66 9.65
C PRO B 210 14.43 8.08 10.12
N LEU B 211 14.57 6.76 9.93
CA LEU B 211 15.75 6.05 10.38
C LEU B 211 17.03 6.67 9.84
N SER B 212 16.97 7.24 8.65
CA SER B 212 18.13 7.90 8.06
C SER B 212 18.78 8.87 9.04
N ASP B 213 17.97 9.57 9.82
CA ASP B 213 18.45 10.65 10.67
C ASP B 213 18.82 10.21 12.08
N LEU B 214 18.39 9.03 12.51
CA LEU B 214 18.56 8.62 13.90
C LEU B 214 19.95 8.06 14.18
N LEU B 215 20.51 8.41 15.34
CA LEU B 215 21.88 8.04 15.69
C LEU B 215 21.92 6.58 16.13
N ILE B 216 22.55 5.72 15.34
CA ILE B 216 22.69 4.31 15.65
C ILE B 216 24.13 3.89 15.40
N ARG B 217 24.73 3.17 16.35
CA ARG B 217 26.10 2.71 16.25
C ARG B 217 26.18 1.20 16.13
N CYS B 218 27.33 0.71 15.72
CA CYS B 218 27.52 -0.73 15.64
C CYS B 218 27.60 -1.33 17.04
N ILE B 219 26.82 -2.37 17.28
CA ILE B 219 26.81 -3.01 18.58
C ILE B 219 28.14 -3.70 18.87
N ASN B 220 28.83 -4.19 17.84
CA ASN B 220 30.11 -4.87 18.07
C ASN B 220 31.29 -3.91 18.11
N CYS B 221 31.27 -2.81 17.33
CA CYS B 221 32.43 -1.94 17.22
C CYS B 221 32.10 -0.44 17.17
N GLN B 222 30.90 -0.04 17.59
CA GLN B 222 30.57 1.36 17.85
C GLN B 222 30.58 2.25 16.61
N LYS B 223 31.14 1.79 15.49
CA LYS B 223 31.13 2.62 14.28
C LYS B 223 29.69 3.07 13.97
N PRO B 224 29.46 4.35 13.71
CA PRO B 224 28.10 4.79 13.35
C PRO B 224 27.63 4.14 12.07
N LEU B 225 26.33 3.82 12.01
CA LEU B 225 25.76 3.11 10.87
C LEU B 225 25.36 4.07 9.76
N SER B 226 25.74 3.72 8.52
CA SER B 226 25.43 4.51 7.34
C SER B 226 23.99 4.25 6.89
N PRO B 227 23.34 5.22 6.22
CA PRO B 227 21.98 4.98 5.74
C PRO B 227 21.85 3.74 4.88
N GLU B 228 22.90 3.36 4.16
CA GLU B 228 22.88 2.10 3.42
C GLU B 228 22.73 0.91 4.37
N GLU B 229 23.53 0.89 5.43
CA GLU B 229 23.43 -0.17 6.42
C GLU B 229 22.06 -0.14 7.12
N LYS B 230 21.55 1.07 7.40
CA LYS B 230 20.23 1.20 7.99
C LYS B 230 19.17 0.58 7.07
N GLN B 231 19.29 0.88 5.78
CA GLN B 231 18.38 0.29 4.83
C GLN B 231 18.49 -1.23 4.88
N ARG B 232 19.71 -1.77 4.92
CA ARG B 232 19.87 -3.22 4.99
C ARG B 232 19.06 -3.80 6.14
N HIS B 233 19.12 -3.15 7.31
CA HIS B 233 18.31 -3.63 8.44
C HIS B 233 16.83 -3.69 8.06
N LEU B 234 16.34 -2.69 7.36
CA LEU B 234 14.93 -2.75 6.95
C LEU B 234 14.70 -3.86 5.93
N ASP B 235 15.61 -4.01 4.97
CA ASP B 235 15.48 -5.01 3.92
C ASP B 235 15.43 -6.42 4.48
N LYS B 236 16.29 -6.72 5.46
CA LYS B 236 16.39 -8.07 6.00
C LYS B 236 15.53 -8.25 7.25
N LYS B 237 14.60 -7.32 7.49
CA LYS B 237 13.68 -7.39 8.62
C LYS B 237 14.41 -7.69 9.93
N GLN B 238 15.48 -6.94 10.17
CA GLN B 238 16.30 -7.11 11.37
C GLN B 238 16.02 -5.96 12.34
N ARG B 239 16.13 -6.25 13.63
CA ARG B 239 15.79 -5.30 14.68
C ARG B 239 16.99 -4.53 15.18
N PHE B 240 16.70 -3.39 15.80
CA PHE B 240 17.70 -2.53 16.43
C PHE B 240 17.55 -2.67 17.94
N HIS B 241 18.68 -2.75 18.64
CA HIS B 241 18.69 -3.06 20.07
C HIS B 241 18.94 -1.80 20.89
N ASN B 242 18.12 -1.60 21.90
CA ASN B 242 18.32 -0.52 22.85
C ASN B 242 19.19 -1.04 24.00
N ILE B 243 20.33 -0.39 24.21
CA ILE B 243 21.26 -0.74 25.28
C ILE B 243 21.43 0.48 26.15
N ARG B 244 21.08 0.37 27.44
CA ARG B 244 21.19 1.46 28.42
C ARG B 244 20.54 2.74 27.92
N GLY B 245 19.67 2.66 26.93
CA GLY B 245 18.99 3.82 26.40
C GLY B 245 19.55 4.39 25.12
N ARG B 246 20.51 3.72 24.48
CA ARG B 246 21.05 4.14 23.20
C ARG B 246 20.89 3.00 22.21
N TRP B 247 20.72 3.31 20.93
CA TRP B 247 20.31 2.33 19.93
C TRP B 247 21.48 1.80 19.11
N THR B 248 21.47 0.50 18.80
CA THR B 248 22.57 -0.11 18.08
C THR B 248 22.06 -1.07 17.02
N GLY B 249 22.89 -1.30 15.99
CA GLY B 249 22.65 -2.23 14.90
C GLY B 249 23.95 -2.91 14.52
N ARG B 250 24.00 -3.69 13.43
CA ARG B 250 25.22 -4.39 12.99
C ARG B 250 25.67 -3.88 11.63
N CYS B 251 26.88 -3.31 11.58
CA CYS B 251 27.42 -2.77 10.35
C CYS B 251 27.86 -3.90 9.41
N MET B 252 28.09 -3.54 8.15
CA MET B 252 28.42 -4.55 7.15
C MET B 252 29.61 -5.39 7.58
N SER B 253 30.65 -4.75 8.08
CA SER B 253 31.85 -5.43 8.54
C SER B 253 31.65 -6.25 9.80
N CYS B 254 30.43 -6.29 10.35
CA CYS B 254 30.12 -7.14 11.48
C CYS B 254 28.97 -8.11 11.21
N SER B 255 28.15 -7.86 10.21
CA SER B 255 27.18 -8.84 9.75
C SER B 255 27.79 -9.82 8.78
N ARG B 256 28.92 -9.46 8.19
CA ARG B 256 29.82 -10.41 7.54
C ARG B 256 31.06 -10.54 8.40
N SER B 257 31.43 -11.78 8.72
CA SER B 257 32.60 -12.05 9.56
C SER B 257 33.17 -13.43 9.24
N TRP C 115 38.37 43.68 -3.54
CA TRP C 115 38.27 42.84 -2.35
C TRP C 115 39.32 43.27 -1.31
N PRO C 116 39.01 43.10 -0.02
CA PRO C 116 40.04 43.38 1.00
C PRO C 116 41.19 42.40 0.87
N LEU C 117 42.40 42.94 0.79
CA LEU C 117 43.58 42.14 0.48
C LEU C 117 44.32 41.60 1.71
N SER C 118 43.87 41.90 2.94
CA SER C 118 44.54 41.39 4.13
C SER C 118 43.57 41.35 5.31
N SER C 119 43.84 40.46 6.28
CA SER C 119 42.94 40.27 7.42
C SER C 119 43.66 39.54 8.56
N SER C 120 43.18 39.75 9.79
CA SER C 120 43.67 39.07 11.00
C SER C 120 43.20 37.61 11.03
N VAL C 121 43.81 36.80 11.89
CA VAL C 121 43.53 35.37 11.96
C VAL C 121 42.68 35.08 13.21
N PRO C 122 41.41 34.71 13.07
CA PRO C 122 40.61 34.30 14.24
C PRO C 122 41.07 32.96 14.82
N SER C 123 41.07 32.86 16.15
CA SER C 123 41.49 31.61 16.79
C SER C 123 40.53 30.46 16.47
N GLN C 124 41.11 29.33 16.07
CA GLN C 124 40.35 28.15 15.64
C GLN C 124 40.28 27.03 16.67
N LYS C 125 40.82 27.21 17.88
CA LYS C 125 40.91 26.12 18.84
C LYS C 125 39.55 25.78 19.46
N THR C 126 39.23 24.47 19.49
CA THR C 126 37.99 23.99 20.10
C THR C 126 37.93 24.35 21.58
N TYR C 127 36.75 24.79 22.02
CA TYR C 127 36.54 25.24 23.39
C TYR C 127 35.09 25.02 23.74
N GLN C 128 34.82 24.05 24.63
CA GLN C 128 33.44 23.69 24.96
C GLN C 128 32.80 24.68 25.91
N GLY C 129 33.60 25.37 26.72
CA GLY C 129 33.10 26.37 27.65
C GLY C 129 32.17 25.78 28.71
N SER C 130 31.56 26.70 29.47
CA SER C 130 30.70 26.35 30.58
C SER C 130 29.40 25.66 30.16
N TYR C 131 29.14 25.51 28.86
CA TYR C 131 27.91 24.88 28.38
C TYR C 131 28.15 23.58 27.61
N GLY C 132 29.40 23.09 27.58
CA GLY C 132 29.66 21.83 26.90
C GLY C 132 29.44 21.87 25.40
N PHE C 133 29.58 23.06 24.79
CA PHE C 133 29.22 23.25 23.39
C PHE C 133 30.02 22.33 22.46
N ARG C 134 29.30 21.44 21.75
CA ARG C 134 29.88 20.51 20.80
C ARG C 134 28.94 20.37 19.61
N LEU C 135 29.47 19.86 18.49
CA LEU C 135 28.72 19.72 17.24
C LEU C 135 28.38 18.27 16.95
N GLY C 136 27.50 18.07 15.97
CA GLY C 136 27.12 16.76 15.47
C GLY C 136 26.67 16.88 14.03
N PHE C 137 26.68 15.75 13.30
CA PHE C 137 26.36 15.75 11.88
C PHE C 137 25.58 14.47 11.54
N LEU C 138 24.58 14.58 10.66
CA LEU C 138 23.81 13.40 10.30
C LEU C 138 24.68 12.44 9.52
N HIS C 139 24.83 11.23 10.05
CA HIS C 139 25.70 10.23 9.46
C HIS C 139 25.14 9.79 8.11
N SER C 140 25.80 10.22 7.04
CA SER C 140 25.34 10.03 5.68
C SER C 140 26.25 9.06 4.93
N GLY C 141 25.68 8.39 3.93
CA GLY C 141 26.42 7.43 3.12
C GLY C 141 27.33 8.13 2.13
N THR C 142 27.93 7.31 1.25
CA THR C 142 28.86 7.81 0.22
C THR C 142 28.42 7.47 -1.19
N ALA C 143 27.13 7.23 -1.41
CA ALA C 143 26.60 6.91 -2.73
C ALA C 143 26.69 8.10 -3.68
N LYS C 144 26.65 7.81 -4.99
CA LYS C 144 26.79 8.86 -5.99
C LYS C 144 25.70 9.92 -5.88
N SER C 145 24.54 9.56 -5.32
CA SER C 145 23.41 10.47 -5.20
C SER C 145 23.43 11.35 -3.96
N VAL C 146 24.38 11.17 -3.03
CA VAL C 146 24.32 11.95 -1.79
C VAL C 146 24.68 13.41 -2.05
N THR C 147 23.78 14.32 -1.61
CA THR C 147 23.99 15.76 -1.76
C THR C 147 24.98 16.29 -0.72
N CYS C 148 25.05 15.65 0.45
CA CYS C 148 25.88 16.09 1.58
C CYS C 148 26.34 14.85 2.37
N THR C 149 27.58 14.86 2.87
CA THR C 149 28.10 13.73 3.63
C THR C 149 29.33 14.11 4.45
N TYR C 150 29.39 13.67 5.71
CA TYR C 150 30.42 14.07 6.65
C TYR C 150 31.38 12.92 6.96
N SER C 151 32.67 13.24 7.12
CA SER C 151 33.71 12.25 7.46
C SER C 151 34.28 12.54 8.85
N PRO C 152 34.04 11.68 9.86
CA PRO C 152 34.69 11.90 11.17
C PRO C 152 36.20 11.74 11.12
N ALA C 153 36.71 10.89 10.25
CA ALA C 153 38.15 10.67 10.21
C ALA C 153 38.89 11.91 9.74
N LEU C 154 38.32 12.64 8.78
CA LEU C 154 38.90 13.87 8.26
C LEU C 154 38.34 15.09 8.96
N ASN C 155 37.38 14.90 9.86
CA ASN C 155 36.58 15.98 10.45
C ASN C 155 36.11 16.94 9.37
N LYS C 156 35.52 16.38 8.31
CA LYS C 156 35.33 17.15 7.09
C LYS C 156 33.96 16.93 6.47
N MET C 157 33.35 18.02 6.01
CA MET C 157 32.06 18.00 5.34
C MET C 157 32.24 18.10 3.83
N PHE C 158 31.56 17.21 3.10
CA PHE C 158 31.57 17.19 1.63
C PHE C 158 30.14 17.45 1.18
N CYS C 159 29.94 18.47 0.34
CA CYS C 159 28.58 18.82 -0.04
C CYS C 159 28.53 19.39 -1.46
N GLN C 160 27.33 19.37 -2.04
CA GLN C 160 27.10 19.98 -3.34
C GLN C 160 26.74 21.46 -3.21
N LEU C 161 27.08 22.23 -4.25
CA LEU C 161 26.79 23.66 -4.29
C LEU C 161 25.33 23.94 -3.95
N ALA C 162 25.12 24.81 -2.96
CA ALA C 162 23.78 25.26 -2.56
C ALA C 162 22.82 24.11 -2.24
N LYS C 163 23.35 23.01 -1.69
CA LYS C 163 22.54 21.93 -1.14
C LYS C 163 22.62 21.96 0.39
N THR C 164 21.52 21.59 1.03
CA THR C 164 21.39 21.71 2.48
C THR C 164 22.38 20.79 3.20
N CYS C 165 23.12 21.37 4.14
CA CYS C 165 24.08 20.68 4.99
C CYS C 165 23.60 20.78 6.44
N PRO C 166 22.97 19.74 6.99
CA PRO C 166 22.49 19.83 8.37
C PRO C 166 23.58 19.66 9.40
N VAL C 167 23.54 20.53 10.41
CA VAL C 167 24.49 20.56 11.52
C VAL C 167 23.69 20.48 12.82
N GLN C 168 24.09 19.58 13.71
CA GLN C 168 23.47 19.46 15.03
C GLN C 168 24.30 20.23 16.06
N LEU C 169 23.62 20.94 16.95
CA LEU C 169 24.25 21.64 18.07
C LEU C 169 23.91 20.91 19.36
N TRP C 170 24.93 20.67 20.19
CA TRP C 170 24.78 19.95 21.45
C TRP C 170 25.35 20.79 22.58
N VAL C 171 24.62 20.87 23.70
CA VAL C 171 25.04 21.58 24.90
C VAL C 171 24.65 20.76 26.13
N ASP C 172 25.48 20.85 27.18
CA ASP C 172 25.19 20.19 28.44
C ASP C 172 24.13 20.93 29.23
N SER C 173 24.12 22.26 29.13
CA SER C 173 23.20 23.12 29.85
C SER C 173 22.78 24.25 28.91
N THR C 174 21.55 24.74 29.06
CA THR C 174 21.01 25.74 28.14
C THR C 174 21.75 27.08 28.28
N PRO C 175 22.28 27.65 27.20
CA PRO C 175 22.95 28.96 27.29
C PRO C 175 21.97 30.08 27.66
N PRO C 176 22.48 31.24 28.07
CA PRO C 176 21.58 32.34 28.51
C PRO C 176 20.73 32.86 27.37
N PRO C 177 19.61 33.52 27.69
CA PRO C 177 18.77 34.13 26.64
C PRO C 177 19.58 35.11 25.79
N GLY C 178 19.26 35.16 24.50
CA GLY C 178 19.98 36.02 23.58
C GLY C 178 21.27 35.44 23.04
N THR C 179 21.64 34.22 23.44
CA THR C 179 22.81 33.56 22.88
C THR C 179 22.65 33.40 21.36
N ARG C 180 23.78 33.45 20.65
CA ARG C 180 23.78 33.38 19.19
C ARG C 180 24.80 32.37 18.69
N VAL C 181 24.59 31.93 17.45
CA VAL C 181 25.45 30.96 16.77
C VAL C 181 25.99 31.64 15.51
N ARG C 182 27.31 31.78 15.44
CA ARG C 182 27.99 32.45 14.32
C ARG C 182 28.85 31.46 13.55
N ALA C 183 28.80 31.56 12.22
CA ALA C 183 29.63 30.76 11.32
C ALA C 183 30.58 31.67 10.57
N MET C 184 31.88 31.37 10.63
CA MET C 184 32.90 32.17 9.95
C MET C 184 33.92 31.25 9.27
N ALA C 185 34.35 31.61 8.06
CA ALA C 185 35.22 30.76 7.24
C ALA C 185 36.63 31.34 7.13
N ILE C 186 37.64 30.45 7.21
CA ILE C 186 39.04 30.80 7.05
C ILE C 186 39.72 29.72 6.23
N TYR C 187 40.82 30.07 5.57
CA TYR C 187 41.61 29.07 4.85
C TYR C 187 42.43 28.26 5.84
N LYS C 188 42.49 26.94 5.61
CA LYS C 188 43.13 26.04 6.56
C LYS C 188 44.65 26.13 6.51
N GLN C 189 45.21 26.42 5.33
CA GLN C 189 46.66 26.47 5.15
C GLN C 189 47.23 27.76 5.73
N SER C 190 48.24 27.63 6.59
CA SER C 190 48.70 28.75 7.42
C SER C 190 49.18 29.92 6.57
N GLN C 191 49.77 29.64 5.40
CA GLN C 191 50.21 30.69 4.49
C GLN C 191 49.07 31.52 3.93
N HIS C 192 47.82 31.05 4.05
CA HIS C 192 46.65 31.75 3.55
C HIS C 192 45.69 32.18 4.65
N MET C 193 45.97 31.87 5.91
CA MET C 193 45.02 32.15 6.99
C MET C 193 44.69 33.63 7.11
N THR C 194 45.53 34.52 6.59
CA THR C 194 45.26 35.95 6.64
C THR C 194 44.34 36.43 5.52
N GLU C 195 43.94 35.56 4.60
CA GLU C 195 43.07 35.95 3.50
C GLU C 195 41.61 35.73 3.85
N VAL C 196 40.74 36.61 3.32
CA VAL C 196 39.30 36.52 3.55
C VAL C 196 38.71 35.57 2.50
N VAL C 197 37.89 34.62 2.94
CA VAL C 197 37.24 33.68 2.04
C VAL C 197 36.03 34.38 1.42
N ARG C 198 36.08 34.65 0.11
CA ARG C 198 34.99 35.30 -0.61
C ARG C 198 34.49 34.42 -1.76
N ARG C 199 33.20 34.58 -2.07
CA ARG C 199 32.57 33.83 -3.15
C ARG C 199 33.25 34.14 -4.48
N CYS C 200 33.46 33.13 -5.30
CA CYS C 200 34.23 33.34 -6.51
C CYS C 200 33.48 34.25 -7.48
N PRO C 201 34.19 35.11 -8.22
CA PRO C 201 33.53 36.15 -9.02
C PRO C 201 32.41 35.66 -9.93
N HIS C 202 32.55 34.50 -10.57
CA HIS C 202 31.47 34.06 -11.46
C HIS C 202 30.19 33.82 -10.69
N HIS C 203 30.29 33.39 -9.44
CA HIS C 203 29.13 33.18 -8.60
C HIS C 203 28.72 34.46 -7.90
N GLU C 204 29.67 35.36 -7.66
CA GLU C 204 29.33 36.70 -7.18
C GLU C 204 28.51 37.45 -8.21
N ARG C 205 28.69 37.12 -9.49
CA ARG C 205 27.96 37.72 -10.61
C ARG C 205 26.67 36.98 -10.95
N CYS C 206 26.32 35.94 -10.20
CA CYS C 206 25.18 35.10 -10.55
C CYS C 206 23.90 35.62 -9.92
N SER C 207 22.78 35.45 -10.65
CA SER C 207 21.48 35.93 -10.19
C SER C 207 20.98 35.21 -8.95
N ASP C 208 21.58 34.06 -8.60
CA ASP C 208 21.14 33.27 -7.45
C ASP C 208 21.29 33.98 -6.12
N SER C 209 22.01 35.12 -6.05
CA SER C 209 22.13 35.87 -4.81
C SER C 209 20.92 36.75 -4.52
N ASP C 210 19.71 36.23 -4.76
CA ASP C 210 18.47 36.99 -4.58
C ASP C 210 18.03 37.10 -3.12
N GLY C 211 18.67 36.40 -2.19
CA GLY C 211 18.33 36.44 -0.78
C GLY C 211 18.83 37.68 -0.06
N LEU C 212 18.99 37.53 1.27
CA LEU C 212 19.39 38.61 2.17
C LEU C 212 20.87 38.54 2.56
N ALA C 213 21.70 37.79 1.80
CA ALA C 213 23.13 37.60 2.04
C ALA C 213 23.96 38.21 0.91
N PRO C 214 25.05 38.91 1.22
CA PRO C 214 25.85 39.59 0.16
C PRO C 214 26.35 38.62 -0.89
N PRO C 215 26.41 39.05 -2.18
CA PRO C 215 26.93 38.14 -3.23
C PRO C 215 28.32 37.59 -2.94
N GLN C 216 29.07 38.26 -2.07
CA GLN C 216 30.42 37.84 -1.71
C GLN C 216 30.43 36.88 -0.53
N HIS C 217 29.30 36.65 0.13
CA HIS C 217 29.23 35.72 1.25
C HIS C 217 29.13 34.29 0.72
N LEU C 218 30.05 33.45 1.16
CA LEU C 218 30.07 32.05 0.74
C LEU C 218 29.03 31.20 1.46
N ILE C 219 28.75 31.50 2.72
CA ILE C 219 27.88 30.68 3.57
C ILE C 219 26.52 31.36 3.69
N ARG C 220 25.46 30.55 3.58
CA ARG C 220 24.09 31.02 3.77
C ARG C 220 23.35 30.01 4.65
N VAL C 221 22.34 30.49 5.38
CA VAL C 221 21.59 29.68 6.32
C VAL C 221 20.18 29.51 5.76
N GLU C 222 19.68 28.27 5.76
CA GLU C 222 18.39 27.95 5.17
C GLU C 222 17.35 27.75 6.26
N GLY C 223 16.14 28.28 6.01
CA GLY C 223 15.01 28.12 6.90
C GLY C 223 14.92 29.05 8.10
N ASN C 224 15.90 29.93 8.33
CA ASN C 224 15.87 30.82 9.49
C ASN C 224 16.02 32.27 9.03
N LEU C 225 14.94 33.05 9.15
CA LEU C 225 14.90 34.44 8.71
C LEU C 225 15.46 35.42 9.73
N ARG C 226 15.81 34.96 10.94
CA ARG C 226 16.50 35.81 11.90
C ARG C 226 18.01 35.81 11.68
N VAL C 227 18.42 35.49 10.45
CA VAL C 227 19.83 35.41 10.09
C VAL C 227 20.37 36.79 9.81
N GLU C 228 21.59 37.03 10.31
CA GLU C 228 22.30 38.29 10.11
C GLU C 228 23.59 38.01 9.37
N TYR C 229 23.72 38.57 8.17
CA TYR C 229 24.94 38.42 7.38
C TYR C 229 25.85 39.59 7.74
N LEU C 230 26.91 39.30 8.50
CA LEU C 230 27.72 40.32 9.14
C LEU C 230 29.14 40.33 8.59
N ASP C 231 29.64 41.54 8.32
CA ASP C 231 31.00 41.77 7.87
C ASP C 231 31.79 42.32 9.05
N ASP C 232 32.88 41.64 9.40
CA ASP C 232 33.70 42.06 10.53
C ASP C 232 34.31 43.43 10.24
N ARG C 233 33.91 44.43 11.04
CA ARG C 233 34.40 45.79 10.85
C ARG C 233 35.91 45.90 10.98
N ASN C 234 36.54 45.00 11.73
CA ASN C 234 37.97 45.07 12.00
C ASN C 234 38.80 44.12 11.15
N THR C 235 38.25 42.96 10.76
CA THR C 235 38.96 42.00 9.92
C THR C 235 38.33 41.80 8.55
N PHE C 236 37.18 42.40 8.28
CA PHE C 236 36.50 42.34 6.98
C PHE C 236 35.96 40.96 6.66
N ARG C 237 36.07 40.00 7.57
CA ARG C 237 35.66 38.63 7.29
C ARG C 237 34.14 38.50 7.25
N HIS C 238 33.66 37.63 6.36
CA HIS C 238 32.23 37.40 6.14
C HIS C 238 31.74 36.31 7.10
N SER C 239 30.64 36.58 7.80
CA SER C 239 30.11 35.64 8.78
C SER C 239 28.58 35.64 8.74
N VAL C 240 27.99 34.53 9.17
CA VAL C 240 26.53 34.38 9.25
C VAL C 240 26.16 34.09 10.70
N VAL C 241 25.17 34.82 11.23
CA VAL C 241 24.75 34.65 12.63
C VAL C 241 23.25 34.37 12.71
N VAL C 242 22.87 33.44 13.60
CA VAL C 242 21.47 33.22 13.96
C VAL C 242 21.35 33.23 15.48
N PRO C 243 20.15 33.47 16.01
CA PRO C 243 19.92 33.27 17.44
C PRO C 243 20.06 31.80 17.82
N TYR C 244 20.50 31.53 19.04
CA TYR C 244 20.51 30.17 19.55
C TYR C 244 19.10 29.77 19.95
N GLU C 245 18.69 28.55 19.56
CA GLU C 245 17.36 28.06 19.85
C GLU C 245 17.44 26.71 20.57
N PRO C 246 16.79 26.55 21.72
CA PRO C 246 16.87 25.28 22.45
C PRO C 246 16.27 24.13 21.65
N PRO C 247 16.66 22.89 21.95
CA PRO C 247 16.12 21.73 21.21
C PRO C 247 14.61 21.60 21.34
N GLU C 248 14.00 21.02 20.30
CA GLU C 248 12.56 20.77 20.29
C GLU C 248 12.18 19.71 21.34
N VAL C 249 10.89 19.68 21.69
CA VAL C 249 10.40 18.73 22.69
C VAL C 249 10.66 17.32 22.21
N GLY C 250 11.45 16.56 22.99
CA GLY C 250 11.86 15.23 22.62
C GLY C 250 13.25 15.15 22.01
N SER C 251 13.87 16.29 21.72
CA SER C 251 15.19 16.33 21.12
C SER C 251 16.26 16.73 22.14
N ASP C 252 17.46 16.25 21.88
CA ASP C 252 18.66 16.47 22.67
C ASP C 252 19.56 17.56 22.08
N CYS C 253 19.30 17.96 20.84
CA CYS C 253 20.18 18.85 20.09
C CYS C 253 19.34 19.68 19.13
N THR C 254 19.90 20.82 18.69
CA THR C 254 19.24 21.73 17.76
C THR C 254 19.89 21.59 16.39
N THR C 255 19.08 21.43 15.33
CA THR C 255 19.62 21.29 13.98
C THR C 255 19.48 22.58 13.18
N ILE C 256 20.61 23.07 12.66
CA ILE C 256 20.67 24.22 11.76
C ILE C 256 21.03 23.71 10.36
N HIS C 257 20.52 24.39 9.35
CA HIS C 257 20.76 24.03 7.95
C HIS C 257 21.61 25.09 7.26
N TYR C 258 22.81 24.69 6.82
CA TYR C 258 23.74 25.60 6.13
C TYR C 258 23.86 25.25 4.65
N ASN C 259 24.17 26.25 3.83
CA ASN C 259 24.35 26.09 2.40
C ASN C 259 25.60 26.84 1.96
N TYR C 260 26.44 26.18 1.17
CA TYR C 260 27.67 26.78 0.65
C TYR C 260 27.45 27.15 -0.81
N MET C 261 27.64 28.42 -1.15
CA MET C 261 27.21 28.97 -2.44
C MET C 261 28.35 29.07 -3.48
N CYS C 262 29.47 28.38 -3.27
CA CYS C 262 30.59 28.40 -4.20
C CYS C 262 31.32 27.07 -4.12
N ASN C 263 31.89 26.62 -5.25
CA ASN C 263 32.60 25.34 -5.28
C ASN C 263 34.07 25.55 -4.87
N SER C 264 34.59 24.63 -4.05
CA SER C 264 35.94 24.81 -3.52
C SER C 264 36.98 24.90 -4.62
N SER C 265 36.71 24.30 -5.77
CA SER C 265 37.62 24.29 -6.90
C SER C 265 37.60 25.59 -7.69
N CYS C 266 36.81 26.58 -7.27
CA CYS C 266 36.59 27.77 -8.08
C CYS C 266 37.85 28.62 -8.18
N MET C 267 38.21 29.00 -9.40
CA MET C 267 39.26 29.97 -9.62
C MET C 267 38.79 31.36 -9.20
N GLY C 268 39.73 32.18 -8.72
CA GLY C 268 39.38 33.50 -8.23
C GLY C 268 38.65 33.51 -6.91
N GLY C 269 38.37 32.34 -6.33
CA GLY C 269 37.73 32.22 -5.04
C GLY C 269 38.54 31.31 -4.14
N MET C 270 37.97 30.15 -3.81
CA MET C 270 38.70 29.19 -2.97
C MET C 270 39.88 28.57 -3.70
N ASN C 271 39.74 28.34 -5.00
CA ASN C 271 40.82 27.84 -5.86
C ASN C 271 41.54 26.63 -5.26
N ARG C 272 40.75 25.62 -4.88
CA ARG C 272 41.20 24.33 -4.34
C ARG C 272 41.84 24.42 -2.95
N ARG C 273 41.97 25.61 -2.37
CA ARG C 273 42.53 25.74 -1.01
C ARG C 273 41.49 25.27 0.01
N PRO C 274 41.84 24.36 0.93
CA PRO C 274 40.86 23.90 1.92
C PRO C 274 40.45 25.03 2.86
N ILE C 275 39.18 25.01 3.25
CA ILE C 275 38.64 26.01 4.15
C ILE C 275 38.06 25.35 5.39
N LEU C 276 38.19 26.05 6.52
CA LEU C 276 37.68 25.61 7.80
C LEU C 276 36.51 26.50 8.19
N THR C 277 35.38 25.89 8.53
CA THR C 277 34.22 26.60 9.04
C THR C 277 34.31 26.56 10.56
N ILE C 278 34.32 27.73 11.19
CA ILE C 278 34.38 27.85 12.64
C ILE C 278 32.99 28.24 13.12
N ILE C 279 32.41 27.44 14.01
CA ILE C 279 31.11 27.73 14.60
C ILE C 279 31.37 28.23 16.02
N THR C 280 30.88 29.43 16.33
CA THR C 280 31.05 30.01 17.65
C THR C 280 29.70 30.23 18.31
N LEU C 281 29.63 29.85 19.58
CA LEU C 281 28.49 30.12 20.44
C LEU C 281 28.83 31.37 21.22
N GLU C 282 28.00 32.40 21.10
CA GLU C 282 28.32 33.72 21.64
C GLU C 282 27.13 34.26 22.44
N ASP C 283 27.41 35.16 23.38
CA ASP C 283 26.32 35.80 24.10
C ASP C 283 25.71 36.92 23.23
N SER C 284 24.72 37.63 23.78
CA SER C 284 24.05 38.68 23.04
C SER C 284 24.98 39.83 22.65
N SER C 285 26.17 39.91 23.26
CA SER C 285 27.14 40.96 22.97
C SER C 285 28.31 40.47 22.14
N GLY C 286 28.35 39.17 21.81
CA GLY C 286 29.43 38.60 21.03
C GLY C 286 30.55 37.97 21.83
N ASN C 287 30.40 37.85 23.15
CA ASN C 287 31.43 37.22 23.97
C ASN C 287 31.38 35.71 23.79
N LEU C 288 32.55 35.07 23.77
CA LEU C 288 32.65 33.66 23.41
C LEU C 288 32.19 32.76 24.56
N LEU C 289 31.10 32.04 24.33
CA LEU C 289 30.61 31.01 25.24
C LEU C 289 31.08 29.60 24.87
N GLY C 290 31.37 29.37 23.58
CA GLY C 290 31.88 28.09 23.11
C GLY C 290 32.30 28.18 21.66
N ARG C 291 33.20 27.27 21.25
CA ARG C 291 33.73 27.26 19.88
C ARG C 291 34.07 25.85 19.43
N ASN C 292 33.78 25.56 18.15
CA ASN C 292 34.19 24.30 17.51
C ASN C 292 34.32 24.54 16.01
N SER C 293 34.91 23.59 15.28
CA SER C 293 35.20 23.85 13.86
C SER C 293 35.32 22.55 13.07
N PHE C 294 35.17 22.68 11.74
CA PHE C 294 35.29 21.55 10.82
C PHE C 294 35.61 22.02 9.40
N GLU C 295 36.21 21.13 8.62
CA GLU C 295 36.65 21.42 7.26
C GLU C 295 35.52 21.19 6.25
N VAL C 296 35.54 21.91 5.14
CA VAL C 296 34.47 21.86 4.14
C VAL C 296 35.05 21.69 2.74
N ARG C 297 34.37 20.89 1.91
CA ARG C 297 34.69 20.74 0.49
C ARG C 297 33.41 20.76 -0.32
N VAL C 298 33.18 21.82 -1.07
CA VAL C 298 31.98 21.95 -1.90
C VAL C 298 32.32 21.40 -3.27
N CYS C 299 31.59 20.36 -3.70
CA CYS C 299 31.98 19.61 -4.88
C CYS C 299 30.77 18.93 -5.51
N ALA C 300 30.90 18.59 -6.80
CA ALA C 300 29.79 18.02 -7.56
C ALA C 300 29.43 16.60 -7.12
N CYS C 301 30.37 15.84 -6.55
CA CYS C 301 30.16 14.44 -6.20
C CYS C 301 30.69 14.14 -4.79
N PRO C 302 29.98 14.59 -3.76
CA PRO C 302 30.47 14.38 -2.38
C PRO C 302 30.84 12.95 -2.02
N GLY C 303 29.98 11.98 -2.32
CA GLY C 303 30.30 10.61 -1.94
C GLY C 303 31.60 10.15 -2.54
N ARG C 304 31.87 10.56 -3.78
CA ARG C 304 33.08 10.13 -4.47
C ARG C 304 34.30 10.80 -3.86
N ASP C 305 34.23 12.12 -3.70
CA ASP C 305 35.36 12.86 -3.15
C ASP C 305 35.67 12.44 -1.73
N ARG C 306 34.62 12.23 -0.93
CA ARG C 306 34.82 11.74 0.42
C ARG C 306 35.54 10.41 0.42
N ARG C 307 35.04 9.43 -0.35
CA ARG C 307 35.72 8.15 -0.40
C ARG C 307 37.17 8.31 -0.85
N THR C 308 37.43 9.23 -1.77
CA THR C 308 38.77 9.41 -2.28
C THR C 308 39.71 9.91 -1.19
N GLU C 309 39.32 11.00 -0.51
CA GLU C 309 40.20 11.55 0.52
C GLU C 309 40.34 10.59 1.68
N GLU C 310 39.27 9.89 2.03
CA GLU C 310 39.35 8.91 3.11
C GLU C 310 40.30 7.77 2.76
N GLU C 311 40.24 7.29 1.51
CA GLU C 311 41.14 6.23 1.08
C GLU C 311 42.59 6.72 1.09
N ASN C 312 42.82 7.94 0.63
CA ASN C 312 44.18 8.49 0.68
C ASN C 312 44.68 8.55 2.10
N LEU C 313 43.81 8.90 3.04
CA LEU C 313 44.20 8.92 4.45
C LEU C 313 44.56 7.52 4.93
N ARG C 314 43.72 6.54 4.61
CA ARG C 314 43.97 5.18 5.07
C ARG C 314 45.26 4.60 4.48
N LYS C 315 45.57 4.94 3.24
CA LYS C 315 46.79 4.47 2.61
C LYS C 315 48.05 5.00 3.26
N LYS C 316 47.97 6.07 4.03
CA LYS C 316 49.19 6.69 4.59
C LYS C 316 49.61 6.05 5.90
N LYS D 147 -9.02 -31.59 19.20
CA LYS D 147 -8.06 -32.14 18.24
C LYS D 147 -7.69 -31.10 17.17
N ASP D 148 -7.20 -29.94 17.61
CA ASP D 148 -6.96 -28.82 16.70
C ASP D 148 -5.89 -29.15 15.65
N VAL D 149 -6.13 -28.66 14.43
CA VAL D 149 -5.26 -28.87 13.28
C VAL D 149 -5.33 -27.64 12.39
N THR D 150 -4.22 -27.34 11.70
CA THR D 150 -4.10 -26.10 10.92
C THR D 150 -4.65 -26.19 9.51
N TYR D 151 -4.75 -27.39 8.92
CA TYR D 151 -5.27 -27.54 7.57
C TYR D 151 -6.12 -28.81 7.55
N LEU D 152 -6.94 -28.97 6.51
CA LEU D 152 -7.99 -29.98 6.52
C LEU D 152 -7.99 -30.85 5.27
N THR D 153 -8.40 -32.11 5.44
CA THR D 153 -8.51 -33.09 4.36
C THR D 153 -9.74 -33.96 4.60
N GLU D 154 -10.13 -34.70 3.55
CA GLU D 154 -11.27 -35.60 3.64
C GLU D 154 -11.16 -36.54 4.83
N GLU D 155 -10.00 -37.17 4.99
CA GLU D 155 -9.81 -38.10 6.10
C GLU D 155 -9.94 -37.39 7.44
N LYS D 156 -9.31 -36.23 7.56
CA LYS D 156 -9.42 -35.47 8.80
C LYS D 156 -10.88 -35.17 9.11
N VAL D 157 -11.68 -34.86 8.09
CA VAL D 157 -13.11 -34.62 8.29
C VAL D 157 -13.81 -35.88 8.80
N TYR D 158 -13.50 -37.02 8.18
CA TYR D 158 -14.15 -38.25 8.58
C TYR D 158 -13.93 -38.55 10.07
N GLU D 159 -12.73 -38.19 10.59
CA GLU D 159 -12.46 -38.38 12.01
C GLU D 159 -13.58 -37.79 12.87
N ILE D 160 -14.16 -36.69 12.41
CA ILE D 160 -15.16 -35.98 13.21
C ILE D 160 -16.56 -36.44 12.85
N LEU D 161 -16.80 -36.76 11.58
CA LEU D 161 -18.14 -37.24 11.23
C LEU D 161 -18.54 -38.35 12.19
N GLU D 162 -17.64 -39.32 12.35
CA GLU D 162 -17.96 -40.45 13.23
C GLU D 162 -18.11 -40.01 14.68
N LEU D 163 -17.20 -39.18 15.17
CA LEU D 163 -17.21 -38.79 16.58
C LEU D 163 -18.45 -37.95 16.92
N CYS D 164 -18.79 -37.00 16.05
CA CYS D 164 -19.96 -36.17 16.26
C CYS D 164 -21.23 -37.01 16.29
N ARG D 165 -21.35 -37.98 15.38
CA ARG D 165 -22.49 -38.88 15.46
C ARG D 165 -22.48 -39.68 16.76
N GLU D 166 -21.30 -40.13 17.17
CA GLU D 166 -21.20 -40.98 18.36
C GLU D 166 -21.49 -40.20 19.64
N ARG D 167 -21.12 -38.93 19.69
CA ARG D 167 -21.39 -38.08 20.84
C ARG D 167 -22.69 -37.28 20.67
N GLU D 168 -23.48 -37.61 19.66
CA GLU D 168 -24.74 -36.91 19.34
C GLU D 168 -24.56 -35.39 19.38
N ASP D 169 -23.45 -34.91 18.81
CA ASP D 169 -23.17 -33.48 18.80
C ASP D 169 -22.63 -33.05 17.43
N TYR D 170 -22.69 -31.75 17.19
CA TYR D 170 -22.11 -31.14 16.00
C TYR D 170 -21.23 -29.94 16.31
N SER D 171 -21.40 -29.31 17.48
CA SER D 171 -20.60 -28.15 17.86
C SER D 171 -19.10 -28.33 17.72
N PRO D 172 -18.50 -29.48 18.00
CA PRO D 172 -17.03 -29.60 17.78
C PRO D 172 -16.66 -29.49 16.32
N LEU D 173 -17.40 -30.18 15.46
CA LEU D 173 -17.15 -30.08 14.03
C LEU D 173 -17.42 -28.65 13.54
N ILE D 174 -18.40 -27.98 14.12
CA ILE D 174 -18.68 -26.58 13.77
C ILE D 174 -17.53 -25.68 14.22
N ARG D 175 -17.05 -25.86 15.45
CA ARG D 175 -15.84 -25.17 15.89
C ARG D 175 -14.72 -25.38 14.88
N VAL D 176 -14.50 -26.62 14.49
CA VAL D 176 -13.44 -26.94 13.54
C VAL D 176 -13.66 -26.20 12.22
N ILE D 177 -14.78 -26.45 11.57
CA ILE D 177 -15.03 -25.89 10.25
C ILE D 177 -14.95 -24.36 10.30
N GLY D 178 -15.52 -23.73 11.32
CA GLY D 178 -15.39 -22.29 11.43
C GLY D 178 -13.94 -21.87 11.55
N ARG D 179 -13.21 -22.46 12.50
CA ARG D 179 -11.82 -22.11 12.72
C ARG D 179 -10.95 -22.43 11.51
N VAL D 180 -11.41 -23.31 10.62
CA VAL D 180 -10.72 -23.59 9.36
C VAL D 180 -11.10 -22.54 8.33
N PHE D 181 -12.34 -22.58 7.88
CA PHE D 181 -12.78 -21.84 6.70
C PHE D 181 -12.81 -20.33 6.92
N SER D 182 -12.71 -19.84 8.14
CA SER D 182 -12.49 -18.41 8.33
C SER D 182 -11.09 -18.00 7.90
N SER D 183 -10.17 -18.94 7.71
CA SER D 183 -8.77 -18.64 7.41
C SER D 183 -8.47 -18.90 5.95
N ALA D 184 -8.01 -17.88 5.24
CA ALA D 184 -7.58 -18.07 3.86
C ALA D 184 -6.37 -19.00 3.80
N GLU D 185 -5.40 -18.80 4.67
CA GLU D 185 -4.18 -19.60 4.63
C GLU D 185 -4.47 -21.08 4.84
N ALA D 186 -5.28 -21.41 5.84
CA ALA D 186 -5.64 -22.80 6.08
C ALA D 186 -6.18 -23.42 4.81
N LEU D 187 -7.08 -22.70 4.13
CA LEU D 187 -7.71 -23.24 2.94
C LEU D 187 -6.70 -23.39 1.80
N VAL D 188 -5.91 -22.35 1.55
CA VAL D 188 -4.94 -22.39 0.46
C VAL D 188 -4.00 -23.56 0.64
N GLN D 189 -3.62 -23.83 1.89
CA GLN D 189 -2.70 -24.91 2.21
C GLN D 189 -3.36 -26.29 2.26
N SER D 190 -4.69 -26.37 2.37
CA SER D 190 -5.34 -27.64 2.65
C SER D 190 -5.21 -28.66 1.54
N PHE D 191 -5.11 -28.24 0.29
CA PHE D 191 -5.09 -29.22 -0.80
C PHE D 191 -4.16 -28.75 -1.92
N VAL D 258 -6.47 -28.13 -4.95
CA VAL D 258 -6.56 -28.77 -6.25
C VAL D 258 -7.34 -30.10 -6.28
N ASP D 259 -7.56 -30.74 -5.12
CA ASP D 259 -8.19 -32.06 -5.06
C ASP D 259 -9.72 -31.97 -5.25
N ILE D 260 -10.12 -31.65 -6.48
CA ILE D 260 -11.54 -31.42 -6.83
C ILE D 260 -12.44 -32.54 -6.30
N ASP D 261 -12.16 -33.79 -6.64
CA ASP D 261 -13.07 -34.86 -6.27
C ASP D 261 -13.20 -35.00 -4.76
N ALA D 262 -12.09 -34.79 -4.04
CA ALA D 262 -12.17 -34.86 -2.59
C ALA D 262 -13.11 -33.77 -2.08
N ILE D 263 -12.98 -32.56 -2.61
CA ILE D 263 -13.85 -31.46 -2.24
C ILE D 263 -15.30 -31.83 -2.51
N ARG D 264 -15.55 -32.40 -3.68
CA ARG D 264 -16.91 -32.79 -4.02
C ARG D 264 -17.46 -33.82 -3.04
N ARG D 265 -16.66 -34.83 -2.69
CA ARG D 265 -17.13 -35.81 -1.72
C ARG D 265 -17.43 -35.13 -0.38
N VAL D 266 -16.51 -34.27 0.06
CA VAL D 266 -16.66 -33.60 1.35
C VAL D 266 -17.95 -32.80 1.37
N TYR D 267 -18.19 -31.98 0.36
CA TYR D 267 -19.43 -31.21 0.32
C TYR D 267 -20.64 -32.13 0.33
N THR D 268 -20.59 -33.19 -0.49
CA THR D 268 -21.74 -34.09 -0.56
C THR D 268 -22.05 -34.72 0.79
N ARG D 269 -21.04 -34.86 1.65
CA ARG D 269 -21.28 -35.42 2.97
C ARG D 269 -21.72 -34.36 3.97
N LEU D 270 -21.06 -33.20 3.97
CA LEU D 270 -21.30 -32.18 4.99
C LEU D 270 -22.61 -31.45 4.79
N LEU D 271 -22.94 -31.08 3.55
CA LEU D 271 -24.13 -30.25 3.37
C LEU D 271 -25.43 -31.01 3.69
N SER D 272 -25.33 -32.28 4.09
CA SER D 272 -26.47 -33.06 4.52
C SER D 272 -26.97 -32.69 5.91
N ASN D 273 -26.25 -31.83 6.63
CA ASN D 273 -26.64 -31.43 7.98
C ASN D 273 -26.90 -29.94 8.03
N GLU D 274 -28.12 -29.56 8.43
CA GLU D 274 -28.51 -28.14 8.47
C GLU D 274 -27.61 -27.30 9.39
N LYS D 275 -27.25 -27.85 10.56
CA LYS D 275 -26.45 -27.06 11.49
C LYS D 275 -25.12 -26.70 10.88
N ILE D 276 -24.56 -27.60 10.08
CA ILE D 276 -23.26 -27.37 9.49
C ILE D 276 -23.34 -26.38 8.33
N GLU D 277 -24.48 -26.37 7.63
CA GLU D 277 -24.67 -25.40 6.56
C GLU D 277 -24.53 -23.98 7.09
N THR D 278 -25.20 -23.67 8.21
CA THR D 278 -25.06 -22.33 8.74
C THR D 278 -23.61 -22.02 9.12
N ALA D 279 -22.84 -23.04 9.47
CA ALA D 279 -21.44 -22.79 9.80
C ALA D 279 -20.63 -22.45 8.56
N PHE D 280 -20.85 -23.18 7.46
CA PHE D 280 -20.17 -22.81 6.23
C PHE D 280 -20.48 -21.37 5.87
N LEU D 281 -21.78 -21.04 5.86
CA LEU D 281 -22.18 -19.69 5.52
C LEU D 281 -21.46 -18.69 6.42
N ASN D 282 -21.47 -18.94 7.72
CA ASN D 282 -20.93 -17.95 8.64
C ASN D 282 -19.42 -17.86 8.50
N ALA D 283 -18.76 -18.93 8.06
CA ALA D 283 -17.32 -18.87 7.82
C ALA D 283 -17.01 -18.08 6.55
N LEU D 284 -17.80 -18.30 5.51
CA LEU D 284 -17.53 -17.62 4.24
C LEU D 284 -17.67 -16.11 4.40
N VAL D 285 -18.70 -15.68 5.15
CA VAL D 285 -18.89 -14.25 5.37
C VAL D 285 -17.69 -13.65 6.07
N TYR D 286 -17.02 -14.43 6.91
CA TYR D 286 -15.83 -13.96 7.60
C TYR D 286 -14.61 -13.97 6.67
N LEU D 287 -14.53 -14.98 5.82
CA LEU D 287 -13.36 -15.19 4.98
C LEU D 287 -13.20 -14.10 3.93
N SER D 288 -14.23 -13.88 3.12
CA SER D 288 -14.05 -13.07 1.91
C SER D 288 -13.47 -11.69 2.14
N PRO D 289 -13.96 -10.89 3.08
CA PRO D 289 -13.41 -9.53 3.24
C PRO D 289 -11.91 -9.51 3.47
N ASN D 290 -11.35 -10.55 4.09
CA ASN D 290 -9.92 -10.61 4.31
C ASN D 290 -9.19 -10.95 3.02
N VAL D 291 -9.76 -11.85 2.23
CA VAL D 291 -9.19 -12.23 0.95
C VAL D 291 -9.12 -11.02 0.02
N GLU D 292 -10.14 -10.16 0.08
CA GLU D 292 -10.08 -8.95 -0.73
C GLU D 292 -8.87 -8.11 -0.38
N CYS D 293 -8.55 -8.02 0.92
CA CYS D 293 -7.37 -7.27 1.34
C CYS D 293 -6.11 -7.92 0.80
N ASP D 294 -6.01 -9.24 0.91
CA ASP D 294 -4.81 -9.92 0.42
C ASP D 294 -4.56 -9.60 -1.04
N LEU D 295 -5.62 -9.65 -1.85
CA LEU D 295 -5.46 -9.44 -3.29
C LEU D 295 -5.22 -7.98 -3.62
N THR D 296 -5.82 -7.06 -2.86
CA THR D 296 -5.76 -5.64 -3.19
C THR D 296 -4.49 -4.98 -2.67
N TYR D 297 -3.99 -5.40 -1.51
CA TYR D 297 -2.85 -4.73 -0.90
C TYR D 297 -1.60 -5.59 -0.78
N HIS D 298 -1.73 -6.91 -0.70
CA HIS D 298 -0.57 -7.76 -0.45
C HIS D 298 -0.13 -8.58 -1.66
N ASN D 299 -0.92 -8.57 -2.74
CA ASN D 299 -0.56 -9.28 -3.97
C ASN D 299 -0.19 -10.73 -3.68
N VAL D 300 -0.95 -11.35 -2.79
CA VAL D 300 -0.61 -12.69 -2.29
C VAL D 300 -0.41 -13.68 -3.44
N TYR D 301 -1.23 -13.60 -4.48
CA TYR D 301 -1.11 -14.55 -5.58
C TYR D 301 0.27 -14.49 -6.21
N SER D 302 0.88 -13.31 -6.25
CA SER D 302 2.20 -13.15 -6.82
C SER D 302 3.27 -13.77 -5.94
N ARG D 303 2.96 -14.05 -4.68
CA ARG D 303 3.87 -14.76 -3.79
C ARG D 303 3.61 -16.25 -3.83
N ASP D 304 2.33 -16.65 -3.86
CA ASP D 304 1.94 -18.05 -3.87
C ASP D 304 0.87 -18.28 -4.93
N PRO D 305 1.23 -18.83 -6.09
CA PRO D 305 0.23 -19.15 -7.12
C PRO D 305 -0.79 -20.20 -6.71
N ASN D 306 -0.63 -20.84 -5.54
CA ASN D 306 -1.66 -21.75 -5.06
C ASN D 306 -2.85 -21.04 -4.43
N TYR D 307 -2.74 -19.73 -4.23
CA TYR D 307 -3.83 -19.00 -3.58
C TYR D 307 -5.16 -19.25 -4.29
N LEU D 308 -5.10 -19.47 -5.59
CA LEU D 308 -6.33 -19.70 -6.36
C LEU D 308 -7.13 -20.90 -5.83
N ASN D 309 -6.45 -21.83 -5.19
CA ASN D 309 -7.12 -23.00 -4.64
C ASN D 309 -8.31 -22.59 -3.78
N LEU D 310 -8.17 -21.50 -3.03
CA LEU D 310 -9.25 -21.07 -2.15
C LEU D 310 -10.55 -20.96 -2.93
N PHE D 311 -10.51 -20.20 -4.03
CA PHE D 311 -11.73 -19.98 -4.79
C PHE D 311 -12.25 -21.28 -5.38
N ILE D 312 -11.35 -22.12 -5.88
CA ILE D 312 -11.82 -23.40 -6.41
C ILE D 312 -12.56 -24.18 -5.31
N ILE D 313 -12.00 -24.21 -4.10
CA ILE D 313 -12.64 -24.94 -3.00
C ILE D 313 -14.03 -24.41 -2.75
N VAL D 314 -14.16 -23.08 -2.66
CA VAL D 314 -15.48 -22.52 -2.31
C VAL D 314 -16.49 -22.76 -3.43
N MET D 315 -16.07 -22.61 -4.69
CA MET D 315 -17.06 -22.68 -5.76
C MET D 315 -17.67 -24.06 -5.91
N GLU D 316 -17.03 -25.11 -5.41
CA GLU D 316 -17.65 -26.43 -5.52
C GLU D 316 -18.79 -26.63 -4.53
N ASN D 317 -19.06 -25.66 -3.66
CA ASN D 317 -20.22 -25.73 -2.77
C ASN D 317 -21.51 -25.57 -3.58
N ARG D 318 -22.37 -26.58 -3.52
CA ARG D 318 -23.59 -26.59 -4.33
C ARG D 318 -24.65 -25.62 -3.83
N ASN D 319 -24.58 -25.18 -2.58
CA ASN D 319 -25.66 -24.40 -2.01
C ASN D 319 -25.45 -22.90 -2.12
N LEU D 320 -24.40 -22.45 -2.81
CA LEU D 320 -24.17 -21.02 -2.94
C LEU D 320 -25.34 -20.28 -3.56
N HIS D 321 -26.18 -20.95 -4.32
CA HIS D 321 -27.27 -20.27 -4.99
C HIS D 321 -28.56 -20.26 -4.19
N SER D 322 -28.58 -20.80 -2.96
CA SER D 322 -29.80 -20.67 -2.18
C SER D 322 -29.89 -19.26 -1.57
N PRO D 323 -31.10 -18.73 -1.39
CA PRO D 323 -31.24 -17.31 -0.99
C PRO D 323 -30.39 -16.88 0.21
N GLU D 324 -30.18 -17.79 1.17
CA GLU D 324 -29.40 -17.42 2.34
C GLU D 324 -28.03 -16.95 1.93
N TYR D 325 -27.44 -17.58 0.92
CA TYR D 325 -26.14 -17.16 0.45
C TYR D 325 -26.24 -15.89 -0.38
N LEU D 326 -27.31 -15.77 -1.17
CA LEU D 326 -27.42 -14.63 -2.08
C LEU D 326 -27.46 -13.31 -1.34
N GLU D 327 -28.00 -13.29 -0.12
CA GLU D 327 -28.19 -11.98 0.50
C GLU D 327 -26.86 -11.35 0.94
N MET D 328 -25.93 -12.13 1.49
CA MET D 328 -24.67 -11.56 1.99
C MET D 328 -23.45 -12.37 1.61
N ALA D 329 -23.47 -13.68 1.82
CA ALA D 329 -22.25 -14.47 1.62
C ALA D 329 -21.74 -14.38 0.20
N LEU D 330 -22.60 -14.66 -0.77
CA LEU D 330 -22.14 -14.63 -2.16
C LEU D 330 -21.70 -13.25 -2.62
N PRO D 331 -22.42 -12.17 -2.33
CA PRO D 331 -21.88 -10.84 -2.70
C PRO D 331 -20.48 -10.59 -2.20
N LEU D 332 -20.22 -10.86 -0.93
CA LEU D 332 -18.89 -10.63 -0.41
C LEU D 332 -17.87 -11.48 -1.14
N PHE D 333 -18.21 -12.73 -1.41
CA PHE D 333 -17.29 -13.59 -2.13
C PHE D 333 -17.04 -13.08 -3.53
N CYS D 334 -18.05 -12.49 -4.15
CA CYS D 334 -17.86 -11.91 -5.48
C CYS D 334 -16.94 -10.72 -5.41
N LYS D 335 -17.10 -9.87 -4.40
CA LYS D 335 -16.20 -8.74 -4.26
C LYS D 335 -14.76 -9.22 -4.20
N ALA D 336 -14.50 -10.24 -3.40
CA ALA D 336 -13.14 -10.77 -3.34
C ALA D 336 -12.71 -11.33 -4.69
N MET D 337 -13.48 -12.27 -5.24
CA MET D 337 -13.08 -12.94 -6.47
C MET D 337 -12.83 -11.96 -7.61
N SER D 338 -13.68 -10.96 -7.76
CA SER D 338 -13.57 -10.03 -8.89
C SER D 338 -12.29 -9.22 -8.86
N LYS D 339 -11.48 -9.31 -7.81
CA LYS D 339 -10.21 -8.61 -7.73
C LYS D 339 -9.03 -9.46 -8.16
N LEU D 340 -9.23 -10.72 -8.56
CA LEU D 340 -8.12 -11.58 -8.91
C LEU D 340 -7.32 -10.96 -10.05
N PRO D 341 -5.99 -11.12 -10.06
CA PRO D 341 -5.20 -10.60 -11.19
C PRO D 341 -5.44 -11.42 -12.45
N LEU D 342 -5.28 -10.76 -13.60
CA LEU D 342 -5.68 -11.37 -14.87
C LEU D 342 -5.13 -12.78 -15.04
N ALA D 343 -3.85 -12.99 -14.72
CA ALA D 343 -3.26 -14.30 -14.92
C ALA D 343 -3.98 -15.36 -14.11
N ALA D 344 -4.42 -15.01 -12.91
CA ALA D 344 -5.16 -15.97 -12.11
C ALA D 344 -6.50 -16.26 -12.75
N GLN D 345 -7.22 -15.22 -13.17
CA GLN D 345 -8.49 -15.44 -13.85
C GLN D 345 -8.29 -16.37 -15.04
N GLY D 346 -7.25 -16.14 -15.82
CA GLY D 346 -6.98 -17.01 -16.94
C GLY D 346 -6.80 -18.46 -16.51
N LYS D 347 -6.12 -18.67 -15.39
CA LYS D 347 -5.94 -20.03 -14.92
C LYS D 347 -7.29 -20.65 -14.55
N LEU D 348 -8.13 -19.88 -13.88
CA LEU D 348 -9.41 -20.38 -13.42
C LEU D 348 -10.35 -20.67 -14.59
N ILE D 349 -10.44 -19.72 -15.53
CA ILE D 349 -11.31 -19.86 -16.68
C ILE D 349 -10.93 -21.09 -17.47
N ARG D 350 -9.63 -21.31 -17.67
CA ARG D 350 -9.24 -22.51 -18.39
C ARG D 350 -9.70 -23.77 -17.68
N LEU D 351 -9.74 -23.75 -16.36
CA LEU D 351 -10.27 -24.94 -15.68
C LEU D 351 -11.77 -25.09 -15.91
N TRP D 352 -12.53 -24.02 -15.69
CA TRP D 352 -13.97 -24.09 -15.84
C TRP D 352 -14.38 -24.57 -17.24
N SER D 353 -13.60 -24.22 -18.25
CA SER D 353 -13.97 -24.61 -19.61
C SER D 353 -14.00 -26.11 -19.83
N LYS D 354 -13.60 -26.92 -18.85
CA LYS D 354 -13.70 -28.37 -18.94
C LYS D 354 -14.94 -28.94 -18.27
N TYR D 355 -15.75 -28.11 -17.63
CA TYR D 355 -16.92 -28.57 -16.89
C TYR D 355 -18.09 -28.93 -17.81
N ASN D 356 -19.04 -29.70 -17.28
CA ASN D 356 -20.24 -30.07 -18.02
C ASN D 356 -21.17 -28.88 -18.19
N ALA D 357 -21.96 -28.92 -19.27
CA ALA D 357 -22.88 -27.82 -19.56
C ALA D 357 -23.78 -27.49 -18.38
N ASP D 358 -24.30 -28.52 -17.69
CA ASP D 358 -25.16 -28.24 -16.55
C ASP D 358 -24.41 -27.49 -15.45
N GLN D 359 -23.11 -27.74 -15.32
CA GLN D 359 -22.33 -27.04 -14.31
C GLN D 359 -22.10 -25.60 -14.71
N ILE D 360 -21.79 -25.35 -15.99
CA ILE D 360 -21.72 -23.97 -16.44
C ILE D 360 -23.04 -23.28 -16.18
N ARG D 361 -24.13 -23.97 -16.51
CA ARG D 361 -25.45 -23.44 -16.24
C ARG D 361 -25.61 -23.12 -14.76
N ARG D 362 -25.16 -24.01 -13.88
CA ARG D 362 -25.29 -23.73 -12.46
C ARG D 362 -24.51 -22.49 -12.07
N MET D 363 -23.27 -22.36 -12.55
CA MET D 363 -22.46 -21.21 -12.17
C MET D 363 -23.07 -19.93 -12.72
N MET D 364 -23.44 -19.97 -13.99
CA MET D 364 -24.14 -18.85 -14.61
C MET D 364 -25.35 -18.49 -13.78
N GLU D 365 -26.14 -19.48 -13.43
CA GLU D 365 -27.35 -19.24 -12.65
C GLU D 365 -27.00 -18.64 -11.29
N THR D 366 -25.90 -19.11 -10.69
CA THR D 366 -25.51 -18.62 -9.37
C THR D 366 -25.29 -17.11 -9.40
N PHE D 367 -24.65 -16.62 -10.44
CA PHE D 367 -24.47 -15.17 -10.52
C PHE D 367 -25.69 -14.48 -11.09
N GLN D 368 -26.39 -15.11 -12.03
CA GLN D 368 -27.58 -14.51 -12.59
C GLN D 368 -28.60 -14.24 -11.49
N GLN D 369 -28.81 -15.20 -10.61
CA GLN D 369 -29.73 -14.98 -9.52
C GLN D 369 -29.29 -13.80 -8.68
N LEU D 370 -27.98 -13.67 -8.46
CA LEU D 370 -27.49 -12.56 -7.65
C LEU D 370 -27.73 -11.23 -8.32
N ILE D 371 -27.39 -11.11 -9.60
CA ILE D 371 -27.61 -9.86 -10.29
C ILE D 371 -29.09 -9.52 -10.29
N THR D 372 -29.92 -10.52 -10.61
CA THR D 372 -31.36 -10.33 -10.57
C THR D 372 -31.80 -9.87 -9.18
N TYR D 373 -31.33 -10.57 -8.15
CA TYR D 373 -31.77 -10.28 -6.78
C TYR D 373 -31.42 -8.85 -6.41
N LYS D 374 -30.21 -8.42 -6.70
CA LYS D 374 -29.82 -7.08 -6.30
C LYS D 374 -30.52 -6.02 -7.13
N VAL D 375 -30.74 -6.28 -8.43
CA VAL D 375 -31.47 -5.31 -9.24
C VAL D 375 -32.90 -5.16 -8.73
N ILE D 376 -33.51 -6.27 -8.36
CA ILE D 376 -34.90 -6.22 -7.90
C ILE D 376 -34.99 -5.62 -6.50
N SER D 377 -34.02 -5.91 -5.64
CA SER D 377 -34.10 -5.48 -4.25
C SER D 377 -33.78 -4.00 -4.06
N ASN D 378 -32.98 -3.40 -4.94
CA ASN D 378 -32.57 -2.00 -4.78
C ASN D 378 -33.31 -1.11 -5.77
N GLU D 379 -33.59 0.12 -5.34
CA GLU D 379 -34.25 1.12 -6.19
C GLU D 379 -33.21 1.91 -6.97
N PHE D 380 -33.16 1.71 -8.28
CA PHE D 380 -32.23 2.42 -9.15
C PHE D 380 -32.95 3.52 -9.93
N ASN D 381 -32.28 4.66 -10.09
CA ASN D 381 -32.85 5.81 -10.78
C ASN D 381 -31.70 6.64 -11.34
N SER D 382 -32.06 7.73 -12.04
CA SER D 382 -31.05 8.54 -12.72
C SER D 382 -30.03 9.16 -11.79
N ARG D 383 -30.26 9.10 -10.47
CA ARG D 383 -29.28 9.56 -9.49
C ARG D 383 -28.60 8.43 -8.76
N ASN D 384 -29.21 7.25 -8.71
CA ASN D 384 -28.63 6.04 -8.14
C ASN D 384 -28.47 5.02 -9.28
N LEU D 385 -27.29 5.02 -9.89
CA LEU D 385 -27.02 4.19 -11.07
C LEU D 385 -26.60 2.78 -10.67
N VAL D 386 -26.96 1.81 -11.51
CA VAL D 386 -26.50 0.44 -11.30
C VAL D 386 -24.98 0.41 -11.35
N ASN D 387 -24.38 1.36 -12.09
CA ASN D 387 -22.94 1.45 -12.21
C ASN D 387 -22.24 1.76 -10.88
N ASP D 388 -22.95 2.29 -9.90
CA ASP D 388 -22.37 2.65 -8.61
C ASP D 388 -22.48 1.55 -7.56
N ASP D 389 -23.11 0.40 -7.88
CA ASP D 389 -23.30 -0.68 -6.92
C ASP D 389 -22.13 -1.69 -7.03
N ASP D 390 -21.28 -1.74 -6.00
CA ASP D 390 -20.19 -2.72 -6.02
C ASP D 390 -20.69 -4.15 -6.11
N ALA D 391 -21.85 -4.47 -5.55
CA ALA D 391 -22.28 -5.86 -5.57
C ALA D 391 -22.59 -6.32 -6.98
N ILE D 392 -23.37 -5.54 -7.73
CA ILE D 392 -23.71 -5.90 -9.10
C ILE D 392 -22.48 -5.87 -10.00
N VAL D 393 -21.63 -4.85 -9.85
CA VAL D 393 -20.41 -4.79 -10.66
C VAL D 393 -19.52 -5.98 -10.38
N ALA D 394 -19.33 -6.31 -9.11
CA ALA D 394 -18.51 -7.47 -8.78
C ALA D 394 -19.13 -8.74 -9.34
N ALA D 395 -20.44 -8.90 -9.15
CA ALA D 395 -21.10 -10.08 -9.69
C ALA D 395 -20.94 -10.15 -11.20
N SER D 396 -21.06 -9.02 -11.88
CA SER D 396 -20.93 -9.02 -13.33
C SER D 396 -19.53 -9.46 -13.73
N LYS D 397 -18.52 -8.98 -13.02
CA LYS D 397 -17.17 -9.38 -13.36
C LYS D 397 -16.99 -10.87 -13.13
N CYS D 398 -17.55 -11.41 -12.05
CA CYS D 398 -17.55 -12.86 -11.91
C CYS D 398 -18.23 -13.52 -13.10
N LEU D 399 -19.43 -13.06 -13.44
CA LEU D 399 -20.18 -13.68 -14.53
C LEU D 399 -19.39 -13.61 -15.81
N LYS D 400 -18.65 -12.53 -16.01
CA LYS D 400 -17.77 -12.45 -17.18
C LYS D 400 -16.79 -13.59 -17.15
N MET D 401 -16.26 -13.87 -15.98
CA MET D 401 -15.34 -14.99 -15.85
C MET D 401 -16.01 -16.29 -16.32
N VAL D 402 -17.26 -16.50 -15.92
CA VAL D 402 -17.96 -17.70 -16.40
C VAL D 402 -18.15 -17.64 -17.90
N TYR D 403 -18.50 -16.46 -18.41
CA TYR D 403 -18.82 -16.32 -19.82
C TYR D 403 -17.65 -16.78 -20.68
N TYR D 404 -16.46 -16.32 -20.35
CA TYR D 404 -15.31 -16.77 -21.13
C TYR D 404 -15.06 -18.25 -20.93
N ALA D 405 -15.41 -18.80 -19.78
CA ALA D 405 -15.29 -20.25 -19.68
C ALA D 405 -16.21 -20.92 -20.68
N ASN D 406 -17.41 -20.39 -20.84
CA ASN D 406 -18.36 -20.95 -21.81
C ASN D 406 -17.81 -20.84 -23.22
N VAL D 407 -17.22 -19.70 -23.54
CA VAL D 407 -16.62 -19.49 -24.86
C VAL D 407 -15.54 -20.53 -25.12
N VAL D 408 -14.56 -20.60 -24.22
CA VAL D 408 -13.42 -21.47 -24.44
C VAL D 408 -13.83 -22.93 -24.38
N GLY D 409 -14.92 -23.25 -23.67
CA GLY D 409 -15.37 -24.62 -23.57
C GLY D 409 -16.14 -25.11 -24.78
N GLY D 410 -16.55 -24.20 -25.66
CA GLY D 410 -17.27 -24.56 -26.88
C GLY D 410 -16.33 -25.02 -27.99
N GLU D 411 -16.92 -25.23 -29.17
CA GLU D 411 -16.15 -25.60 -30.35
C GLU D 411 -15.52 -24.34 -30.93
N VAL D 412 -14.20 -24.32 -31.08
CA VAL D 412 -13.48 -23.13 -31.54
C VAL D 412 -12.67 -23.48 -32.79
N ASP D 413 -12.92 -22.75 -33.90
CA ASP D 413 -12.22 -22.96 -35.18
C ASP D 413 -11.38 -21.73 -35.52
N THR D 414 -10.08 -21.77 -35.18
CA THR D 414 -9.19 -20.62 -35.40
C THR D 414 -8.24 -20.74 -36.59
N ASN D 415 -7.99 -21.94 -37.13
CA ASN D 415 -6.92 -22.12 -38.09
C ASN D 415 -7.34 -22.10 -39.56
N HIS D 416 -8.64 -22.08 -39.89
CA HIS D 416 -9.07 -22.18 -41.28
C HIS D 416 -10.10 -21.14 -41.68
N ASN D 417 -10.24 -20.05 -40.92
CA ASN D 417 -11.36 -19.16 -41.18
C ASN D 417 -11.07 -17.65 -41.04
N GLU D 418 -9.83 -17.21 -40.93
CA GLU D 418 -9.56 -15.78 -40.75
C GLU D 418 -9.41 -15.07 -42.10
N GLU D 419 -10.06 -13.92 -42.23
CA GLU D 419 -9.92 -13.03 -43.39
C GLU D 419 -9.26 -11.71 -42.97
N ASP D 420 -8.46 -11.14 -43.89
CA ASP D 420 -7.71 -9.92 -43.60
C ASP D 420 -8.64 -8.72 -43.39
N ASP D 421 -8.32 -7.90 -42.37
CA ASP D 421 -9.03 -6.65 -42.10
C ASP D 421 -8.62 -5.60 -43.14
N GLU D 422 -9.50 -5.32 -44.10
CA GLU D 422 -9.24 -4.32 -45.12
C GLU D 422 -9.71 -2.95 -44.64
N GLU D 423 -8.75 -2.00 -44.47
CA GLU D 423 -9.11 -0.67 -43.99
C GLU D 423 -9.05 0.37 -45.10
N PRO D 424 -10.03 1.25 -45.19
CA PRO D 424 -9.97 2.35 -46.17
C PRO D 424 -8.94 3.38 -45.75
N ILE D 425 -8.10 3.77 -46.70
CA ILE D 425 -7.03 4.74 -46.43
C ILE D 425 -7.64 6.08 -46.03
N PRO D 426 -7.16 6.74 -44.95
CA PRO D 426 -7.78 8.00 -44.51
C PRO D 426 -7.52 9.15 -45.47
N GLU D 427 -8.13 10.30 -45.20
CA GLU D 427 -7.96 11.46 -46.06
C GLU D 427 -6.53 11.97 -46.00
N SER D 428 -6.15 12.72 -47.04
CA SER D 428 -4.77 13.19 -47.18
C SER D 428 -4.26 13.90 -45.94
N SER D 429 -5.12 14.67 -45.26
CA SER D 429 -4.69 15.40 -44.08
C SER D 429 -4.17 14.45 -43.01
N GLU D 430 -4.97 13.46 -42.65
CA GLU D 430 -4.53 12.51 -41.63
C GLU D 430 -3.33 11.72 -42.14
N LEU D 431 -3.29 11.43 -43.43
CA LEU D 431 -2.12 10.74 -43.98
C LEU D 431 -0.86 11.58 -43.77
N THR D 432 -0.92 12.87 -44.09
CA THR D 432 0.26 13.72 -43.90
C THR D 432 0.68 13.74 -42.45
N LEU D 433 -0.29 13.83 -41.53
CA LEU D 433 0.09 13.82 -40.11
C LEU D 433 0.71 12.48 -39.72
N GLN D 434 0.21 11.39 -40.30
CA GLN D 434 0.77 10.08 -40.03
C GLN D 434 2.17 9.95 -40.63
N GLU D 435 2.39 10.58 -41.78
CA GLU D 435 3.71 10.60 -42.40
C GLU D 435 4.68 11.48 -41.62
N LEU D 436 4.19 12.58 -41.04
CA LEU D 436 5.03 13.45 -40.23
C LEU D 436 5.44 12.77 -38.96
N LEU D 437 4.69 11.76 -38.55
CA LEU D 437 5.02 10.87 -37.44
C LEU D 437 5.62 9.62 -38.05
N GLY D 438 6.07 8.68 -37.20
CA GLY D 438 6.71 7.50 -37.74
C GLY D 438 5.77 6.36 -38.09
N GLU D 439 4.58 6.66 -38.62
CA GLU D 439 3.52 5.66 -38.77
C GLU D 439 3.13 5.33 -40.21
N GLU D 440 4.04 5.43 -41.18
CA GLU D 440 3.65 5.20 -42.58
C GLU D 440 3.07 3.80 -42.83
N ARG D 441 3.54 2.77 -42.14
CA ARG D 441 3.08 1.39 -42.39
C ARG D 441 2.25 0.83 -41.24
N ARG D 442 1.93 1.64 -40.24
CA ARG D 442 1.21 1.15 -39.06
C ARG D 442 -0.27 1.50 -39.08
N ASN D 443 -0.93 1.32 -40.23
CA ASN D 443 -2.35 1.64 -40.38
C ASN D 443 -3.28 0.63 -39.70
N LYS D 444 -2.80 -0.56 -39.29
CA LYS D 444 -3.64 -1.64 -38.75
C LYS D 444 -3.38 -1.84 -37.26
N LYS D 445 -4.32 -1.37 -36.40
CA LYS D 445 -4.16 -1.46 -34.95
C LYS D 445 -5.30 -2.18 -34.20
N GLY D 446 -6.40 -2.51 -34.85
CA GLY D 446 -7.50 -3.21 -34.19
C GLY D 446 -8.34 -2.36 -33.26
N PRO D 447 -9.60 -2.77 -33.02
CA PRO D 447 -10.44 -2.05 -32.04
C PRO D 447 -10.03 -2.35 -30.61
N ARG D 448 -10.72 -1.74 -29.64
CA ARG D 448 -10.47 -1.96 -28.22
C ARG D 448 -10.64 -3.44 -27.88
N VAL D 449 -9.54 -4.15 -27.58
CA VAL D 449 -9.61 -5.60 -27.31
C VAL D 449 -9.76 -5.83 -25.81
N ASP D 450 -10.57 -6.83 -25.47
CA ASP D 450 -10.81 -7.16 -24.06
C ASP D 450 -9.58 -7.81 -23.45
N PRO D 451 -9.11 -7.35 -22.29
CA PRO D 451 -7.93 -7.98 -21.68
C PRO D 451 -8.05 -9.49 -21.55
N LEU D 452 -9.22 -10.01 -21.19
CA LEU D 452 -9.34 -11.45 -21.04
C LEU D 452 -9.18 -12.15 -22.38
N GLU D 453 -9.64 -11.54 -23.47
CA GLU D 453 -9.43 -12.16 -24.77
C GLU D 453 -7.95 -12.24 -25.09
N THR D 454 -7.19 -11.26 -24.63
CA THR D 454 -5.75 -11.28 -24.84
C THR D 454 -5.12 -12.38 -24.01
N GLU D 455 -5.51 -12.48 -22.74
CA GLU D 455 -4.93 -13.48 -21.86
C GLU D 455 -5.28 -14.90 -22.30
N LEU D 456 -6.50 -15.11 -22.80
CA LEU D 456 -6.93 -16.44 -23.22
C LEU D 456 -6.52 -16.75 -24.65
N GLY D 457 -6.29 -15.75 -25.48
CA GLY D 457 -5.94 -15.97 -26.87
C GLY D 457 -7.08 -16.43 -27.74
N VAL D 458 -8.33 -16.31 -27.29
CA VAL D 458 -9.50 -16.74 -28.04
C VAL D 458 -10.54 -15.62 -27.99
N LYS D 459 -11.06 -15.23 -29.15
CA LYS D 459 -12.04 -14.16 -29.27
C LYS D 459 -13.46 -14.73 -29.20
N THR D 460 -14.41 -13.86 -28.80
CA THR D 460 -15.82 -14.28 -28.77
C THR D 460 -16.26 -14.77 -30.12
N LEU D 461 -15.71 -14.20 -31.19
CA LEU D 461 -16.04 -14.56 -32.54
C LEU D 461 -15.43 -15.90 -32.97
N ASP D 462 -14.47 -16.44 -32.23
CA ASP D 462 -13.83 -17.69 -32.63
C ASP D 462 -14.65 -18.92 -32.27
N CYS D 463 -15.51 -18.81 -31.26
CA CYS D 463 -16.28 -19.96 -30.81
C CYS D 463 -17.47 -20.17 -31.75
N ARG D 464 -17.46 -21.32 -32.45
CA ARG D 464 -18.54 -21.66 -33.37
C ARG D 464 -19.79 -22.12 -32.63
N LYS D 465 -19.63 -22.79 -31.49
CA LYS D 465 -20.76 -23.30 -30.71
C LYS D 465 -20.41 -23.37 -29.23
N PRO D 466 -21.07 -22.58 -28.39
CA PRO D 466 -20.78 -22.61 -26.95
C PRO D 466 -21.47 -23.78 -26.27
N LEU D 467 -21.13 -23.98 -24.99
CA LEU D 467 -21.80 -25.00 -24.20
C LEU D 467 -23.21 -24.57 -23.84
N ILE D 468 -23.39 -23.29 -23.52
CA ILE D 468 -24.69 -22.73 -23.16
C ILE D 468 -24.94 -21.55 -24.10
N PRO D 469 -26.14 -21.41 -24.68
CA PRO D 469 -26.37 -20.30 -25.62
C PRO D 469 -26.05 -18.94 -25.03
N PHE D 470 -25.39 -18.09 -25.84
CA PHE D 470 -24.98 -16.78 -25.38
C PHE D 470 -26.16 -15.96 -24.91
N GLU D 471 -27.35 -16.23 -25.43
CA GLU D 471 -28.51 -15.46 -25.03
C GLU D 471 -28.85 -15.66 -23.57
N GLU D 472 -28.49 -16.80 -22.98
CA GLU D 472 -28.83 -17.00 -21.58
C GLU D 472 -27.99 -16.14 -20.66
N PHE D 473 -26.91 -15.54 -21.15
CA PHE D 473 -26.13 -14.62 -20.33
C PHE D 473 -26.75 -13.24 -20.25
N ILE D 474 -27.74 -12.97 -21.08
CA ILE D 474 -28.42 -11.68 -21.05
C ILE D 474 -29.27 -11.63 -19.80
N ASN D 475 -29.08 -10.59 -18.99
CA ASN D 475 -29.89 -10.40 -17.79
C ASN D 475 -30.94 -9.34 -18.06
N GLU D 476 -32.15 -9.78 -18.38
CA GLU D 476 -33.19 -8.82 -18.76
C GLU D 476 -33.50 -7.80 -17.67
N PRO D 477 -33.66 -8.17 -16.40
CA PRO D 477 -33.91 -7.14 -15.37
C PRO D 477 -32.86 -6.03 -15.38
N LEU D 478 -31.60 -6.43 -15.48
CA LEU D 478 -30.53 -5.44 -15.55
C LEU D 478 -30.74 -4.52 -16.75
N ASN D 479 -31.04 -5.11 -17.91
CA ASN D 479 -31.19 -4.31 -19.11
C ASN D 479 -32.33 -3.32 -18.97
N GLU D 480 -33.40 -3.71 -18.27
CA GLU D 480 -34.53 -2.79 -18.07
C GLU D 480 -34.14 -1.60 -17.21
N VAL D 481 -33.11 -1.74 -16.38
CA VAL D 481 -32.73 -0.64 -15.48
C VAL D 481 -31.54 0.21 -15.96
N LEU D 482 -30.70 -0.31 -16.87
CA LEU D 482 -29.43 0.33 -17.23
C LEU D 482 -29.58 1.57 -18.14
N GLU D 483 -28.96 2.70 -17.75
CA GLU D 483 -29.00 3.95 -18.53
C GLU D 483 -27.79 4.04 -19.47
N MET D 484 -28.00 3.75 -20.76
CA MET D 484 -26.90 3.57 -21.70
C MET D 484 -26.11 4.84 -21.99
N ASP D 485 -26.71 6.03 -21.93
CA ASP D 485 -25.91 7.21 -22.24
C ASP D 485 -24.77 7.35 -21.23
N LYS D 486 -25.06 7.12 -19.96
CA LYS D 486 -24.03 7.21 -18.95
C LYS D 486 -23.06 6.04 -19.05
N ASP D 487 -23.55 4.85 -19.35
CA ASP D 487 -22.63 3.74 -19.49
C ASP D 487 -21.65 4.00 -20.63
N TYR D 488 -22.16 4.47 -21.77
CA TYR D 488 -21.26 4.77 -22.88
C TYR D 488 -20.25 5.82 -22.47
N THR D 489 -20.68 6.81 -21.68
CA THR D 489 -19.73 7.80 -21.19
C THR D 489 -18.63 7.12 -20.39
N PHE D 490 -18.99 6.27 -19.43
CA PHE D 490 -17.98 5.58 -18.64
C PHE D 490 -17.14 4.63 -19.49
N PHE D 491 -17.69 4.13 -20.57
CA PHE D 491 -16.94 3.29 -21.49
C PHE D 491 -15.88 4.10 -22.21
N LYS D 492 -16.23 5.31 -22.60
CA LYS D 492 -15.30 6.18 -23.31
C LYS D 492 -14.28 6.83 -22.36
N VAL D 493 -14.72 7.28 -21.19
CA VAL D 493 -13.85 7.98 -20.23
C VAL D 493 -13.77 7.15 -18.95
N GLU D 494 -12.60 6.59 -18.67
CA GLU D 494 -12.43 5.76 -17.49
C GLU D 494 -12.45 6.60 -16.21
N THR D 495 -13.35 6.27 -15.28
CA THR D 495 -13.41 6.92 -13.96
C THR D 495 -13.19 5.88 -12.86
N GLU D 496 -12.31 6.21 -11.91
CA GLU D 496 -11.91 5.23 -10.87
C GLU D 496 -13.08 4.68 -10.08
N ASN D 497 -14.16 5.45 -9.93
CA ASN D 497 -15.24 5.11 -9.03
C ASN D 497 -16.47 4.53 -9.74
N LYS D 498 -16.45 4.39 -11.06
CA LYS D 498 -17.62 3.94 -11.81
C LYS D 498 -17.22 2.87 -12.83
N PHE D 499 -18.11 1.91 -13.03
CA PHE D 499 -17.93 0.81 -13.97
C PHE D 499 -18.75 1.05 -15.22
N SER D 500 -18.44 0.29 -16.28
CA SER D 500 -19.20 0.36 -17.53
C SER D 500 -19.61 -1.04 -17.97
N PHE D 501 -20.91 -1.26 -18.14
CA PHE D 501 -21.39 -2.58 -18.54
C PHE D 501 -21.07 -2.88 -20.00
N MET D 502 -20.78 -1.86 -20.80
CA MET D 502 -20.32 -2.13 -22.15
C MET D 502 -19.03 -2.93 -22.15
N THR D 503 -18.24 -2.87 -21.08
CA THR D 503 -17.06 -3.74 -21.01
C THR D 503 -17.46 -5.18 -20.79
N CYS D 504 -18.74 -5.45 -20.51
CA CYS D 504 -19.26 -6.79 -20.31
C CYS D 504 -20.41 -7.01 -21.29
N PRO D 505 -20.13 -6.97 -22.59
CA PRO D 505 -21.20 -6.94 -23.60
C PRO D 505 -22.13 -8.15 -23.58
N PHE D 506 -21.66 -9.31 -23.12
CA PHE D 506 -22.50 -10.51 -23.12
C PHE D 506 -23.77 -10.33 -22.30
N ILE D 507 -23.77 -9.42 -21.32
CA ILE D 507 -24.92 -9.26 -20.44
C ILE D 507 -26.00 -8.34 -21.00
N LEU D 508 -25.72 -7.59 -22.05
CA LEU D 508 -26.66 -6.63 -22.60
C LEU D 508 -27.47 -7.24 -23.74
N ASN D 509 -28.77 -6.93 -23.80
CA ASN D 509 -29.58 -7.40 -24.91
C ASN D 509 -29.42 -6.50 -26.14
N ALA D 510 -29.86 -6.98 -27.30
CA ALA D 510 -29.60 -6.27 -28.55
C ALA D 510 -30.13 -4.84 -28.52
N VAL D 511 -31.26 -4.59 -27.84
CA VAL D 511 -31.77 -3.22 -27.77
C VAL D 511 -30.77 -2.33 -27.06
N THR D 512 -30.33 -2.76 -25.90
CA THR D 512 -29.40 -1.97 -25.13
C THR D 512 -28.10 -1.75 -25.88
N LYS D 513 -27.58 -2.79 -26.54
CA LYS D 513 -26.37 -2.63 -27.33
C LYS D 513 -26.60 -1.61 -28.44
N ASN D 514 -27.69 -1.76 -29.18
CA ASN D 514 -27.95 -0.86 -30.29
C ASN D 514 -28.03 0.58 -29.79
N LEU D 515 -28.60 0.78 -28.62
CA LEU D 515 -28.66 2.14 -28.10
C LEU D 515 -27.27 2.67 -27.81
N GLY D 516 -26.37 1.81 -27.34
CA GLY D 516 -24.98 2.24 -27.17
C GLY D 516 -24.34 2.60 -28.49
N LEU D 517 -24.51 1.73 -29.48
CA LEU D 517 -23.94 1.99 -30.81
C LEU D 517 -24.51 3.27 -31.40
N TYR D 518 -25.81 3.51 -31.20
CA TYR D 518 -26.44 4.73 -31.67
C TYR D 518 -25.86 5.95 -31.00
N TYR D 519 -25.51 5.84 -29.72
CA TYR D 519 -24.81 6.96 -29.09
C TYR D 519 -23.44 7.16 -29.74
N ASP D 520 -22.74 6.07 -30.07
CA ASP D 520 -21.45 6.21 -30.75
C ASP D 520 -21.62 6.92 -32.09
N ASN D 521 -22.54 6.42 -32.92
CA ASN D 521 -22.78 7.02 -34.22
C ASN D 521 -23.15 8.50 -34.09
N ARG D 522 -24.06 8.83 -33.17
CA ARG D 522 -24.47 10.21 -33.03
C ARG D 522 -23.33 11.08 -32.53
N ILE D 523 -22.53 10.59 -31.59
CA ILE D 523 -21.41 11.39 -31.10
C ILE D 523 -20.39 11.63 -32.21
N ARG D 524 -20.20 10.65 -33.08
CA ARG D 524 -19.30 10.86 -34.22
C ARG D 524 -19.89 11.85 -35.22
N MET D 525 -21.16 11.66 -35.59
CA MET D 525 -21.77 12.59 -36.51
C MET D 525 -21.61 14.01 -36.01
N TYR D 526 -21.78 14.18 -34.71
CA TYR D 526 -21.64 15.49 -34.09
C TYR D 526 -20.19 15.96 -34.11
N SER D 527 -19.24 15.04 -33.95
CA SER D 527 -17.83 15.42 -34.06
C SER D 527 -17.51 15.90 -35.47
N GLU D 528 -17.99 15.17 -36.48
CA GLU D 528 -17.75 15.58 -37.85
C GLU D 528 -18.37 16.95 -38.11
N ARG D 529 -19.52 17.22 -37.52
CA ARG D 529 -20.11 18.55 -37.63
C ARG D 529 -19.18 19.61 -37.03
N ARG D 530 -18.59 19.30 -35.86
CA ARG D 530 -17.64 20.25 -35.27
C ARG D 530 -16.43 20.47 -36.16
N ILE D 531 -15.91 19.40 -36.76
CA ILE D 531 -14.77 19.51 -37.67
C ILE D 531 -15.13 20.38 -38.86
N THR D 532 -16.33 20.15 -39.43
CA THR D 532 -16.82 20.96 -40.53
C THR D 532 -16.76 22.44 -40.15
N VAL D 533 -17.29 22.77 -38.97
CA VAL D 533 -17.30 24.15 -38.52
C VAL D 533 -15.88 24.69 -38.33
N LEU D 534 -15.00 23.88 -37.73
CA LEU D 534 -13.63 24.35 -37.48
C LEU D 534 -12.89 24.62 -38.77
N TYR D 535 -13.05 23.73 -39.75
CA TYR D 535 -12.47 23.96 -41.08
C TYR D 535 -12.98 25.27 -41.67
N SER D 536 -14.29 25.52 -41.55
CA SER D 536 -14.86 26.76 -42.08
C SER D 536 -14.30 28.00 -41.38
N LEU D 537 -14.03 27.89 -40.08
CA LEU D 537 -13.52 29.06 -39.35
C LEU D 537 -12.07 29.37 -39.71
N VAL D 538 -11.24 28.34 -39.90
CA VAL D 538 -9.82 28.59 -40.08
C VAL D 538 -9.42 28.77 -41.55
N GLN D 539 -10.10 28.07 -42.48
CA GLN D 539 -9.73 28.14 -43.89
C GLN D 539 -10.83 28.68 -44.79
N GLY D 540 -11.99 29.04 -44.24
CA GLY D 540 -13.07 29.61 -45.02
C GLY D 540 -13.82 28.64 -45.91
N GLN D 541 -13.34 27.42 -46.07
CA GLN D 541 -13.99 26.43 -46.94
C GLN D 541 -15.31 25.96 -46.33
N GLN D 542 -16.35 25.87 -47.16
CA GLN D 542 -17.72 25.53 -46.71
C GLN D 542 -18.05 24.08 -47.06
N LEU D 543 -18.01 23.20 -46.05
CA LEU D 543 -18.33 21.78 -46.22
C LEU D 543 -19.72 21.46 -45.64
N ASN D 544 -20.40 20.49 -46.26
CA ASN D 544 -21.76 20.13 -45.82
C ASN D 544 -21.70 19.25 -44.57
N PRO D 545 -22.44 19.58 -43.50
CA PRO D 545 -22.43 18.73 -42.30
C PRO D 545 -23.20 17.43 -42.45
N TYR D 546 -24.02 17.27 -43.49
CA TYR D 546 -24.79 16.06 -43.71
C TYR D 546 -24.25 15.32 -44.92
N LEU D 547 -24.51 14.01 -44.96
CA LEU D 547 -24.21 13.22 -46.15
C LEU D 547 -25.41 13.36 -47.07
N ARG D 548 -25.43 14.45 -47.82
CA ARG D 548 -26.57 14.81 -48.63
C ARG D 548 -26.49 14.08 -49.97
N LEU D 549 -27.37 13.12 -50.18
CA LEU D 549 -27.47 12.41 -51.45
C LEU D 549 -28.62 12.96 -52.27
N LYS D 550 -28.36 13.24 -53.55
CA LYS D 550 -29.37 13.71 -54.49
C LYS D 550 -29.38 12.73 -55.66
N VAL D 551 -30.54 12.14 -55.94
CA VAL D 551 -30.65 11.06 -56.91
C VAL D 551 -31.94 11.19 -57.71
N ARG D 552 -31.93 10.65 -58.93
CA ARG D 552 -33.09 10.62 -59.80
C ARG D 552 -33.79 9.27 -59.73
N ARG D 553 -35.13 9.31 -59.64
CA ARG D 553 -35.91 8.07 -59.51
C ARG D 553 -35.66 7.09 -60.64
N ASP D 554 -35.24 7.56 -61.82
CA ASP D 554 -34.99 6.69 -62.96
C ASP D 554 -33.56 6.17 -63.01
N HIS D 555 -32.68 6.64 -62.13
CA HIS D 555 -31.27 6.28 -62.13
C HIS D 555 -30.74 6.17 -60.70
N ILE D 556 -31.50 5.54 -59.82
CA ILE D 556 -31.13 5.53 -58.40
C ILE D 556 -29.77 4.86 -58.18
N ILE D 557 -29.52 3.73 -58.84
CA ILE D 557 -28.27 3.01 -58.59
C ILE D 557 -27.08 3.81 -59.12
N ASP D 558 -27.18 4.34 -60.34
CA ASP D 558 -26.07 5.10 -60.92
C ASP D 558 -25.79 6.38 -60.13
N ASP D 559 -26.83 7.18 -59.88
CA ASP D 559 -26.61 8.43 -59.17
C ASP D 559 -26.01 8.15 -57.80
N ALA D 560 -26.53 7.14 -57.11
CA ALA D 560 -26.03 6.83 -55.79
C ALA D 560 -24.58 6.36 -55.85
N LEU D 561 -24.23 5.55 -56.85
CA LEU D 561 -22.85 5.10 -56.99
C LEU D 561 -21.90 6.27 -57.22
N VAL D 562 -22.14 7.03 -58.27
CA VAL D 562 -21.23 8.12 -58.61
C VAL D 562 -21.05 9.03 -57.41
N ARG D 563 -22.15 9.34 -56.72
CA ARG D 563 -22.06 10.28 -55.62
C ARG D 563 -21.30 9.68 -54.45
N LEU D 564 -21.63 8.44 -54.05
CA LEU D 564 -20.97 7.81 -52.92
C LEU D 564 -19.51 7.53 -53.23
N GLU D 565 -19.19 7.24 -54.48
CA GLU D 565 -17.81 6.96 -54.85
C GLU D 565 -16.99 8.25 -54.93
N MET D 566 -17.53 9.30 -55.53
CA MET D 566 -16.85 10.59 -55.50
C MET D 566 -16.61 11.02 -54.06
N ILE D 567 -17.58 10.77 -53.18
CA ILE D 567 -17.43 11.12 -51.78
C ILE D 567 -16.37 10.23 -51.13
N ALA D 568 -16.39 8.93 -51.41
CA ALA D 568 -15.43 8.02 -50.80
C ALA D 568 -14.00 8.30 -51.27
N MET D 569 -13.85 8.74 -52.52
CA MET D 569 -12.52 9.02 -53.08
C MET D 569 -12.01 10.40 -52.68
N GLU D 570 -12.89 11.40 -52.68
CA GLU D 570 -12.49 12.74 -52.29
C GLU D 570 -12.31 12.83 -50.78
N ASN D 571 -13.21 12.22 -50.03
CA ASN D 571 -13.12 12.27 -48.58
C ASN D 571 -13.81 11.07 -47.94
N PRO D 572 -13.08 10.00 -47.63
CA PRO D 572 -13.70 8.83 -47.01
C PRO D 572 -14.28 9.10 -45.64
N ALA D 573 -13.97 10.24 -45.02
CA ALA D 573 -14.59 10.56 -43.74
C ALA D 573 -16.02 11.06 -43.90
N ASP D 574 -16.39 11.55 -45.09
CA ASP D 574 -17.75 12.07 -45.28
C ASP D 574 -18.80 10.99 -45.12
N LEU D 575 -18.47 9.73 -45.42
CA LEU D 575 -19.46 8.66 -45.31
C LEU D 575 -19.95 8.51 -43.89
N LYS D 576 -19.31 9.16 -42.93
CA LYS D 576 -19.68 9.06 -41.53
C LYS D 576 -20.57 10.20 -41.08
N LYS D 577 -21.09 11.00 -42.02
CA LYS D 577 -22.03 12.06 -41.70
C LYS D 577 -23.46 11.53 -41.71
N GLN D 578 -24.39 12.32 -41.16
CA GLN D 578 -25.78 11.89 -41.09
C GLN D 578 -26.37 11.86 -42.50
N LEU D 579 -27.05 10.76 -42.84
CA LEU D 579 -27.61 10.62 -44.17
C LEU D 579 -28.80 11.55 -44.37
N TYR D 580 -28.89 12.13 -45.56
CA TYR D 580 -30.00 13.02 -45.91
C TYR D 580 -30.24 12.85 -47.42
N VAL D 581 -31.43 12.42 -47.81
CA VAL D 581 -31.72 12.07 -49.20
C VAL D 581 -32.70 13.06 -49.83
N GLU D 582 -32.47 13.36 -51.11
CA GLU D 582 -33.33 14.24 -51.90
C GLU D 582 -33.55 13.61 -53.28
N PHE D 583 -34.81 13.30 -53.61
CA PHE D 583 -35.13 12.81 -54.94
C PHE D 583 -35.27 13.99 -55.89
N GLU D 584 -34.50 13.97 -56.98
CA GLU D 584 -34.50 15.10 -57.90
C GLU D 584 -35.88 15.27 -58.54
N GLY D 585 -36.55 16.38 -58.21
CA GLY D 585 -37.89 16.66 -58.67
C GLY D 585 -38.92 16.66 -57.57
N GLU D 586 -38.60 16.06 -56.42
CA GLU D 586 -39.49 15.98 -55.28
C GLU D 586 -39.04 16.93 -54.18
N GLN D 587 -39.97 17.26 -53.28
CA GLN D 587 -39.75 18.30 -52.30
C GLN D 587 -40.34 17.90 -50.96
N GLY D 588 -39.49 17.91 -49.94
CA GLY D 588 -39.82 17.49 -48.59
C GLY D 588 -38.55 17.52 -47.77
N VAL D 589 -38.71 17.48 -46.45
CA VAL D 589 -37.59 17.45 -45.52
C VAL D 589 -37.38 16.00 -45.10
N ASP D 590 -36.14 15.50 -45.23
CA ASP D 590 -35.87 14.09 -44.93
C ASP D 590 -35.79 13.90 -43.42
N GLU D 591 -36.95 13.59 -42.82
CA GLU D 591 -37.04 13.20 -41.42
C GLU D 591 -36.90 11.70 -41.22
N GLY D 592 -36.31 11.01 -42.21
CA GLY D 592 -36.14 9.58 -42.20
C GLY D 592 -37.06 8.87 -43.17
N GLY D 593 -38.24 9.43 -43.44
CA GLY D 593 -39.16 8.82 -44.38
C GLY D 593 -38.62 8.76 -45.79
N VAL D 594 -37.99 9.86 -46.24
CA VAL D 594 -37.40 9.85 -47.58
C VAL D 594 -36.25 8.85 -47.64
N SER D 595 -35.42 8.83 -46.60
CA SER D 595 -34.35 7.85 -46.54
C SER D 595 -34.91 6.43 -46.58
N LYS D 596 -35.94 6.16 -45.79
CA LYS D 596 -36.50 4.81 -45.79
C LYS D 596 -36.97 4.44 -47.18
N GLU D 597 -37.66 5.37 -47.85
CA GLU D 597 -38.10 5.10 -49.20
C GLU D 597 -36.92 4.85 -50.13
N PHE D 598 -35.87 5.65 -50.00
CA PHE D 598 -34.67 5.44 -50.80
C PHE D 598 -34.12 4.03 -50.60
N PHE D 599 -34.05 3.59 -49.35
CA PHE D 599 -33.55 2.24 -49.08
C PHE D 599 -34.44 1.19 -49.75
N GLN D 600 -35.78 1.35 -49.65
CA GLN D 600 -36.67 0.38 -50.29
C GLN D 600 -36.38 0.29 -51.78
N LEU D 601 -36.27 1.45 -52.43
CA LEU D 601 -36.04 1.46 -53.87
C LEU D 601 -34.72 0.80 -54.21
N VAL D 602 -33.65 1.17 -53.49
CA VAL D 602 -32.34 0.63 -53.78
C VAL D 602 -32.35 -0.88 -53.63
N VAL D 603 -32.89 -1.35 -52.50
CA VAL D 603 -32.88 -2.79 -52.25
C VAL D 603 -33.68 -3.53 -53.31
N GLU D 604 -34.85 -2.99 -53.68
CA GLU D 604 -35.65 -3.66 -54.70
C GLU D 604 -34.89 -3.71 -56.02
N GLU D 605 -34.27 -2.60 -56.41
CA GLU D 605 -33.58 -2.56 -57.69
C GLU D 605 -32.38 -3.50 -57.70
N ILE D 606 -31.61 -3.52 -56.63
CA ILE D 606 -30.38 -4.33 -56.58
C ILE D 606 -30.70 -5.81 -56.61
N PHE D 607 -31.80 -6.23 -56.03
CA PHE D 607 -32.12 -7.66 -55.98
C PHE D 607 -32.94 -8.14 -57.19
N ASN D 608 -33.25 -7.26 -58.14
CA ASN D 608 -34.00 -7.67 -59.34
C ASN D 608 -33.16 -8.64 -60.16
N PRO D 609 -33.68 -9.81 -60.52
CA PRO D 609 -32.85 -10.75 -61.28
C PRO D 609 -32.32 -10.19 -62.58
N ASP D 610 -32.95 -9.16 -63.12
CA ASP D 610 -32.48 -8.55 -64.37
C ASP D 610 -31.11 -7.90 -64.21
N ILE D 611 -30.74 -7.49 -63.00
CA ILE D 611 -29.41 -6.91 -62.77
C ILE D 611 -28.36 -8.01 -62.62
N GLY D 612 -28.78 -9.26 -62.39
CA GLY D 612 -27.91 -10.42 -62.31
C GLY D 612 -26.94 -10.47 -61.16
N MET D 613 -26.95 -9.48 -60.26
CA MET D 613 -25.99 -9.48 -59.16
C MET D 613 -26.25 -10.59 -58.15
N PHE D 614 -27.51 -10.93 -57.89
CA PHE D 614 -27.84 -11.90 -56.86
C PHE D 614 -28.75 -12.98 -57.42
N THR D 615 -28.66 -14.17 -56.82
CA THR D 615 -29.55 -15.29 -57.10
C THR D 615 -30.47 -15.48 -55.91
N TYR D 616 -31.75 -15.71 -56.18
CA TYR D 616 -32.76 -15.83 -55.15
C TYR D 616 -33.18 -17.28 -54.99
N ASP D 617 -33.21 -17.78 -53.76
CA ASP D 617 -33.64 -19.15 -53.50
C ASP D 617 -35.11 -19.18 -53.09
N GLU D 618 -35.92 -19.87 -53.89
CA GLU D 618 -37.35 -19.99 -53.64
C GLU D 618 -37.62 -20.69 -52.31
N SER D 619 -36.75 -21.62 -51.92
CA SER D 619 -37.00 -22.44 -50.74
C SER D 619 -36.82 -21.62 -49.46
N THR D 620 -35.65 -21.03 -49.28
CA THR D 620 -35.33 -20.27 -48.08
C THR D 620 -35.76 -18.81 -48.17
N LYS D 621 -36.08 -18.32 -49.36
CA LYS D 621 -36.37 -16.91 -49.57
C LYS D 621 -35.19 -16.04 -49.13
N LEU D 622 -33.97 -16.48 -49.47
CA LEU D 622 -32.72 -15.77 -49.19
C LEU D 622 -31.98 -15.48 -50.49
N PHE D 623 -31.19 -14.40 -50.48
CA PHE D 623 -30.41 -13.97 -51.63
C PHE D 623 -28.93 -14.33 -51.44
N TRP D 624 -28.25 -14.68 -52.53
CA TRP D 624 -26.83 -15.02 -52.48
C TRP D 624 -26.12 -14.44 -53.71
N PHE D 625 -24.82 -14.15 -53.55
CA PHE D 625 -24.04 -13.49 -54.59
C PHE D 625 -23.91 -14.34 -55.85
N ASN D 626 -24.18 -13.72 -57.01
CA ASN D 626 -24.08 -14.44 -58.28
C ASN D 626 -22.63 -14.57 -58.70
N PRO D 627 -22.06 -15.79 -58.71
CA PRO D 627 -20.66 -15.93 -59.12
C PRO D 627 -20.40 -15.46 -60.55
N SER D 628 -21.39 -15.58 -61.42
CA SER D 628 -21.23 -15.28 -62.84
C SER D 628 -21.47 -13.82 -63.20
N SER D 629 -21.71 -12.95 -62.22
CA SER D 629 -22.01 -11.55 -62.47
C SER D 629 -20.88 -10.83 -63.21
N PHE D 630 -21.17 -10.27 -64.40
CA PHE D 630 -20.22 -9.39 -65.09
C PHE D 630 -20.27 -7.96 -64.56
N GLU D 631 -21.29 -7.61 -63.77
CA GLU D 631 -21.45 -6.23 -63.32
C GLU D 631 -20.21 -5.77 -62.57
N THR D 632 -19.99 -4.46 -62.55
CA THR D 632 -18.74 -3.97 -62.00
C THR D 632 -18.73 -4.11 -60.49
N GLU D 633 -17.50 -4.14 -59.95
CA GLU D 633 -17.33 -4.22 -58.51
C GLU D 633 -17.94 -3.01 -57.81
N GLY D 634 -18.25 -1.95 -58.56
CA GLY D 634 -18.93 -0.78 -58.05
C GLY D 634 -20.27 -1.11 -57.42
N GLN D 635 -21.17 -1.78 -58.14
CA GLN D 635 -22.47 -2.06 -57.58
C GLN D 635 -22.36 -2.84 -56.26
N PHE D 636 -21.46 -3.83 -56.22
CA PHE D 636 -21.28 -4.57 -54.97
C PHE D 636 -20.81 -3.65 -53.86
N THR D 637 -19.92 -2.70 -54.19
CA THR D 637 -19.50 -1.73 -53.19
C THR D 637 -20.68 -0.89 -52.73
N LEU D 638 -21.57 -0.53 -53.66
CA LEU D 638 -22.70 0.29 -53.30
C LEU D 638 -23.59 -0.41 -52.29
N ILE D 639 -23.96 -1.67 -52.58
CA ILE D 639 -24.84 -2.39 -51.65
C ILE D 639 -24.17 -2.53 -50.29
N GLY D 640 -22.85 -2.76 -50.29
CA GLY D 640 -22.13 -2.77 -49.02
C GLY D 640 -22.29 -1.47 -48.25
N ILE D 641 -22.09 -0.35 -48.94
CA ILE D 641 -22.21 0.95 -48.28
C ILE D 641 -23.62 1.15 -47.76
N VAL D 642 -24.63 0.75 -48.55
CA VAL D 642 -26.02 0.92 -48.12
C VAL D 642 -26.26 0.20 -46.81
N LEU D 643 -25.79 -1.05 -46.70
CA LEU D 643 -25.97 -1.75 -45.43
C LEU D 643 -25.34 -0.97 -44.29
N GLY D 644 -24.13 -0.48 -44.52
CA GLY D 644 -23.49 0.32 -43.48
C GLY D 644 -24.34 1.51 -43.09
N LEU D 645 -24.79 2.26 -44.08
CA LEU D 645 -25.59 3.44 -43.81
C LEU D 645 -26.87 3.08 -43.06
N ALA D 646 -27.44 1.93 -43.34
CA ALA D 646 -28.67 1.54 -42.66
C ALA D 646 -28.41 1.34 -41.16
N ILE D 647 -27.36 0.59 -40.80
CA ILE D 647 -27.02 0.46 -39.38
C ILE D 647 -26.77 1.83 -38.77
N TYR D 648 -25.98 2.63 -39.46
CA TYR D 648 -25.61 3.94 -38.96
C TYR D 648 -26.81 4.83 -38.72
N ASN D 649 -27.86 4.69 -39.52
CA ASN D 649 -29.08 5.49 -39.39
C ASN D 649 -30.26 4.74 -38.77
N ASN D 650 -30.02 3.57 -38.18
CA ASN D 650 -31.03 2.78 -37.47
C ASN D 650 -32.29 2.55 -38.31
N CYS D 651 -32.13 2.20 -39.58
CA CYS D 651 -33.25 1.90 -40.44
C CYS D 651 -33.25 0.43 -40.85
N ILE D 652 -34.38 -0.26 -40.66
CA ILE D 652 -34.45 -1.66 -41.02
C ILE D 652 -34.64 -1.81 -42.52
N LEU D 653 -33.93 -2.77 -43.12
CA LEU D 653 -33.99 -3.04 -44.55
C LEU D 653 -34.55 -4.44 -44.78
N ASP D 654 -35.33 -4.61 -45.83
CA ASP D 654 -35.91 -5.92 -46.10
C ASP D 654 -34.95 -6.81 -46.91
N VAL D 655 -33.72 -6.98 -46.39
CA VAL D 655 -32.69 -7.82 -47.02
C VAL D 655 -32.71 -9.20 -46.36
N HIS D 656 -32.47 -10.24 -47.14
CA HIS D 656 -32.60 -11.61 -46.67
C HIS D 656 -31.33 -12.41 -46.93
N PHE D 657 -30.27 -12.19 -46.12
CA PHE D 657 -29.03 -12.93 -46.35
C PHE D 657 -28.86 -14.08 -45.36
N PRO D 658 -28.30 -15.21 -45.80
CA PRO D 658 -27.99 -16.31 -44.89
C PRO D 658 -26.88 -15.93 -43.94
N MET D 659 -26.77 -16.69 -42.86
CA MET D 659 -25.83 -16.33 -41.80
C MET D 659 -24.38 -16.21 -42.30
N VAL D 660 -24.00 -16.96 -43.33
CA VAL D 660 -22.62 -16.87 -43.82
C VAL D 660 -22.24 -15.45 -44.15
N VAL D 661 -23.17 -14.68 -44.71
CA VAL D 661 -22.82 -13.33 -45.16
C VAL D 661 -22.38 -12.48 -43.97
N TYR D 662 -23.14 -12.52 -42.87
CA TYR D 662 -22.75 -11.72 -41.73
C TYR D 662 -21.45 -12.23 -41.11
N ARG D 663 -21.18 -13.54 -41.21
CA ARG D 663 -19.88 -14.02 -40.74
C ARG D 663 -18.74 -13.50 -41.61
N LYS D 664 -18.89 -13.55 -42.92
CA LYS D 664 -17.87 -13.02 -43.81
C LYS D 664 -17.65 -11.53 -43.57
N LEU D 665 -18.72 -10.77 -43.32
CA LEU D 665 -18.54 -9.35 -43.02
C LEU D 665 -17.68 -9.14 -41.79
N MET D 666 -17.82 -10.00 -40.80
CA MET D 666 -17.01 -9.85 -39.59
C MET D 666 -15.59 -10.35 -39.75
N GLY D 667 -15.22 -10.86 -40.91
CA GLY D 667 -13.86 -11.33 -41.11
C GLY D 667 -13.64 -12.81 -40.91
N LYS D 668 -14.71 -13.61 -40.91
CA LYS D 668 -14.60 -15.06 -40.81
C LYS D 668 -15.10 -15.69 -42.10
N LYS D 669 -14.31 -16.60 -42.67
CA LYS D 669 -14.72 -17.27 -43.89
C LYS D 669 -15.88 -18.21 -43.61
N GLY D 670 -16.74 -18.41 -44.60
CA GLY D 670 -17.84 -19.35 -44.45
C GLY D 670 -17.30 -20.78 -44.47
N THR D 671 -17.72 -21.59 -43.52
CA THR D 671 -17.27 -22.97 -43.41
C THR D 671 -18.38 -23.91 -43.86
N PHE D 672 -18.03 -25.18 -44.06
CA PHE D 672 -18.99 -26.17 -44.55
C PHE D 672 -20.31 -26.06 -43.80
N ARG D 673 -20.25 -25.86 -42.49
CA ARG D 673 -21.45 -25.83 -41.69
C ARG D 673 -22.35 -24.66 -42.02
N ASP D 674 -21.82 -23.61 -42.66
CA ASP D 674 -22.67 -22.47 -42.99
C ASP D 674 -23.51 -22.70 -44.23
N LEU D 675 -23.24 -23.75 -44.99
CA LEU D 675 -24.09 -24.06 -46.13
C LEU D 675 -25.50 -24.45 -45.70
N GLY D 676 -25.70 -24.73 -44.41
CA GLY D 676 -26.97 -25.22 -43.91
C GLY D 676 -28.12 -24.26 -44.12
N ASP D 677 -27.80 -22.99 -44.38
CA ASP D 677 -28.77 -21.94 -44.64
C ASP D 677 -28.73 -21.44 -46.07
N SER D 678 -27.53 -21.30 -46.64
CA SER D 678 -27.40 -20.61 -47.91
C SER D 678 -27.75 -21.50 -49.08
N HIS D 679 -27.43 -22.79 -49.00
CA HIS D 679 -27.63 -23.72 -50.11
C HIS D 679 -28.10 -25.05 -49.55
N PRO D 680 -29.34 -25.12 -49.06
CA PRO D 680 -29.81 -26.40 -48.50
C PRO D 680 -29.67 -27.57 -49.45
N VAL D 681 -30.06 -27.39 -50.72
CA VAL D 681 -29.86 -28.44 -51.72
C VAL D 681 -28.41 -28.87 -51.79
N LEU D 682 -27.48 -27.95 -51.55
CA LEU D 682 -26.06 -28.31 -51.56
C LEU D 682 -25.63 -28.89 -50.22
N TYR D 683 -25.97 -28.21 -49.12
CA TYR D 683 -25.54 -28.68 -47.81
C TYR D 683 -25.97 -30.13 -47.60
N GLN D 684 -27.23 -30.42 -47.90
CA GLN D 684 -27.72 -31.78 -47.73
C GLN D 684 -26.91 -32.75 -48.57
N SER D 685 -26.63 -32.39 -49.82
CA SER D 685 -25.90 -33.29 -50.69
C SER D 685 -24.50 -33.57 -50.16
N LEU D 686 -23.82 -32.54 -49.67
CA LEU D 686 -22.48 -32.72 -49.11
C LEU D 686 -22.54 -33.55 -47.83
N LYS D 687 -23.54 -33.30 -46.99
CA LYS D 687 -23.69 -34.09 -45.78
C LYS D 687 -23.90 -35.56 -46.11
N ASP D 688 -24.74 -35.83 -47.11
CA ASP D 688 -24.93 -37.19 -47.58
C ASP D 688 -23.61 -37.80 -48.02
N LEU D 689 -22.83 -37.05 -48.79
CA LEU D 689 -21.54 -37.54 -49.29
C LEU D 689 -20.60 -37.88 -48.14
N LEU D 690 -20.63 -37.09 -47.06
CA LEU D 690 -19.78 -37.37 -45.91
C LEU D 690 -20.26 -38.59 -45.15
N GLU D 691 -21.56 -38.80 -45.08
CA GLU D 691 -22.14 -39.90 -44.33
C GLU D 691 -22.05 -41.25 -45.04
N TYR D 692 -21.73 -41.26 -46.33
CA TYR D 692 -21.69 -42.51 -47.11
C TYR D 692 -20.49 -43.38 -46.73
N GLU D 693 -20.71 -44.70 -46.62
CA GLU D 693 -19.69 -45.66 -46.16
C GLU D 693 -19.10 -46.57 -47.25
N GLY D 694 -19.46 -46.40 -48.52
CA GLY D 694 -18.90 -47.21 -49.60
C GLY D 694 -17.74 -46.51 -50.32
N ASN D 695 -17.25 -47.16 -51.39
CA ASN D 695 -16.12 -46.60 -52.14
C ASN D 695 -16.59 -45.38 -52.93
N VAL D 696 -16.28 -44.18 -52.40
CA VAL D 696 -16.75 -42.94 -53.03
C VAL D 696 -16.30 -42.87 -54.48
N GLU D 697 -15.08 -43.34 -54.77
CA GLU D 697 -14.54 -43.24 -56.12
C GLU D 697 -15.34 -44.09 -57.10
N ASP D 698 -15.66 -45.33 -56.72
CA ASP D 698 -16.39 -46.22 -57.62
C ASP D 698 -17.88 -45.97 -57.60
N ASP D 699 -18.42 -45.56 -56.45
CA ASP D 699 -19.88 -45.44 -56.29
C ASP D 699 -20.42 -44.09 -56.73
N MET D 700 -19.64 -43.00 -56.60
CA MET D 700 -20.13 -41.68 -56.98
C MET D 700 -19.43 -41.10 -58.19
N MET D 701 -18.24 -41.58 -58.54
CA MET D 701 -17.51 -41.17 -59.74
C MET D 701 -17.41 -39.65 -59.88
N ILE D 702 -17.10 -38.96 -58.77
CA ILE D 702 -16.93 -37.51 -58.78
C ILE D 702 -15.44 -37.19 -58.68
N THR D 703 -15.05 -36.08 -59.32
CA THR D 703 -13.66 -35.63 -59.38
C THR D 703 -13.56 -34.25 -58.72
N PHE D 704 -12.34 -33.72 -58.67
CA PHE D 704 -12.12 -32.38 -58.11
C PHE D 704 -12.54 -31.28 -59.09
N GLN D 705 -13.49 -31.59 -59.96
CA GLN D 705 -14.07 -30.64 -60.92
C GLN D 705 -15.57 -30.52 -60.67
N ILE D 706 -16.09 -29.30 -60.74
CA ILE D 706 -17.49 -29.00 -60.46
C ILE D 706 -18.06 -28.15 -61.59
N SER D 707 -19.40 -28.11 -61.71
CA SER D 707 -20.08 -27.36 -62.76
C SER D 707 -20.87 -26.19 -62.17
N GLN D 708 -20.74 -25.00 -62.79
CA GLN D 708 -21.43 -23.78 -62.38
C GLN D 708 -22.16 -23.19 -63.58
N THR D 709 -23.36 -22.65 -63.35
CA THR D 709 -24.17 -22.08 -64.45
C THR D 709 -23.82 -20.61 -64.70
N ASP D 710 -23.49 -20.30 -65.94
CA ASP D 710 -23.28 -18.95 -66.43
C ASP D 710 -24.61 -18.21 -66.54
N LEU D 711 -24.54 -16.88 -66.69
CA LEU D 711 -25.76 -16.09 -66.86
C LEU D 711 -26.60 -16.60 -68.02
N PHE D 712 -25.95 -17.12 -69.04
CA PHE D 712 -26.61 -17.68 -70.22
C PHE D 712 -26.97 -19.15 -70.05
N GLY D 713 -26.90 -19.68 -68.82
CA GLY D 713 -27.25 -21.04 -68.51
C GLY D 713 -26.23 -22.09 -68.89
N ASN D 714 -25.06 -21.69 -69.39
CA ASN D 714 -24.03 -22.64 -69.80
C ASN D 714 -23.31 -23.21 -68.58
N PRO D 715 -23.08 -24.55 -68.52
CA PRO D 715 -22.32 -25.12 -67.39
C PRO D 715 -20.82 -24.90 -67.55
N MET D 716 -20.25 -24.07 -66.69
CA MET D 716 -18.82 -23.77 -66.67
C MET D 716 -18.14 -24.75 -65.71
N MET D 717 -17.13 -25.47 -66.20
CA MET D 717 -16.42 -26.44 -65.37
C MET D 717 -15.29 -25.73 -64.63
N TYR D 718 -15.28 -25.86 -63.30
CA TYR D 718 -14.26 -25.26 -62.45
C TYR D 718 -13.47 -26.35 -61.74
N ASP D 719 -12.14 -26.27 -61.80
CA ASP D 719 -11.26 -27.25 -61.17
C ASP D 719 -10.91 -26.76 -59.76
N LEU D 720 -11.36 -27.51 -58.74
CA LEU D 720 -10.99 -27.20 -57.36
C LEU D 720 -9.50 -27.41 -57.11
N LYS D 721 -8.87 -28.27 -57.91
CA LYS D 721 -7.45 -28.56 -57.84
C LYS D 721 -6.96 -28.74 -59.28
N GLU D 722 -5.68 -28.47 -59.52
CA GLU D 722 -5.19 -28.35 -60.90
C GLU D 722 -5.41 -29.65 -61.67
N ASN D 723 -5.87 -29.51 -62.91
CA ASN D 723 -6.41 -30.62 -63.72
C ASN D 723 -7.33 -31.52 -62.89
N GLY D 724 -8.30 -30.87 -62.22
CA GLY D 724 -9.22 -31.54 -61.32
C GLY D 724 -10.06 -32.63 -61.95
N ASP D 725 -10.24 -32.61 -63.28
CA ASP D 725 -11.02 -33.65 -63.94
C ASP D 725 -10.31 -35.00 -63.91
N LYS D 726 -8.98 -34.99 -63.80
CA LYS D 726 -8.19 -36.21 -63.75
C LYS D 726 -7.95 -36.71 -62.33
N ILE D 727 -8.45 -36.00 -61.32
CA ILE D 727 -8.20 -36.33 -59.92
C ILE D 727 -9.51 -36.86 -59.32
N PRO D 728 -9.58 -38.14 -58.95
CA PRO D 728 -10.82 -38.69 -58.38
C PRO D 728 -10.93 -38.41 -56.88
N ILE D 729 -12.17 -38.37 -56.40
CA ILE D 729 -12.46 -38.16 -54.99
C ILE D 729 -12.53 -39.53 -54.31
N THR D 730 -11.70 -39.72 -53.28
CA THR D 730 -11.61 -40.97 -52.55
C THR D 730 -12.06 -40.74 -51.11
N ASN D 731 -12.34 -41.84 -50.41
CA ASN D 731 -12.80 -41.74 -49.03
C ASN D 731 -11.80 -40.97 -48.15
N GLU D 732 -10.50 -41.08 -48.43
CA GLU D 732 -9.51 -40.38 -47.62
C GLU D 732 -9.48 -38.88 -47.90
N ASN D 733 -9.86 -38.46 -49.11
CA ASN D 733 -9.78 -37.06 -49.48
C ASN D 733 -11.14 -36.36 -49.52
N ARG D 734 -12.24 -37.10 -49.23
CA ARG D 734 -13.56 -36.49 -49.32
C ARG D 734 -13.75 -35.34 -48.34
N LYS D 735 -13.24 -35.45 -47.11
CA LYS D 735 -13.39 -34.32 -46.20
C LYS D 735 -12.64 -33.11 -46.73
N GLU D 736 -11.47 -33.34 -47.32
CA GLU D 736 -10.76 -32.24 -47.96
C GLU D 736 -11.55 -31.71 -49.14
N PHE D 737 -12.11 -32.59 -49.97
CA PHE D 737 -12.94 -32.14 -51.08
C PHE D 737 -14.10 -31.30 -50.58
N VAL D 738 -14.76 -31.72 -49.52
CA VAL D 738 -15.86 -30.92 -48.97
C VAL D 738 -15.35 -29.58 -48.49
N ASN D 739 -14.20 -29.56 -47.84
CA ASN D 739 -13.65 -28.28 -47.41
C ASN D 739 -13.34 -27.39 -48.61
N LEU D 740 -12.78 -27.97 -49.67
CA LEU D 740 -12.47 -27.19 -50.87
C LEU D 740 -13.74 -26.76 -51.60
N TYR D 741 -14.71 -27.65 -51.73
CA TYR D 741 -15.95 -27.32 -52.42
C TYR D 741 -16.72 -26.25 -51.65
N SER D 742 -16.77 -26.39 -50.33
CA SER D 742 -17.35 -25.35 -49.49
C SER D 742 -16.58 -24.06 -49.65
N ASP D 743 -15.26 -24.15 -49.65
CA ASP D 743 -14.44 -22.96 -49.84
C ASP D 743 -14.68 -22.35 -51.21
N TYR D 744 -14.93 -23.17 -52.22
CA TYR D 744 -15.20 -22.62 -53.54
C TYR D 744 -16.53 -21.89 -53.55
N ILE D 745 -17.60 -22.57 -53.11
CA ILE D 745 -18.93 -21.98 -53.17
C ILE D 745 -19.03 -20.78 -52.24
N LEU D 746 -18.51 -20.88 -51.02
CA LEU D 746 -18.65 -19.80 -50.05
C LEU D 746 -17.61 -18.71 -50.23
N ASN D 747 -16.45 -19.00 -50.83
CA ASN D 747 -15.41 -18.01 -51.01
C ASN D 747 -14.96 -17.91 -52.46
N LYS D 748 -14.27 -18.91 -52.99
CA LYS D 748 -13.49 -18.69 -54.21
C LYS D 748 -14.34 -18.49 -55.45
N SER D 749 -15.63 -18.82 -55.41
CA SER D 749 -16.48 -18.53 -56.57
C SER D 749 -17.00 -17.11 -56.58
N VAL D 750 -17.24 -16.50 -55.41
CA VAL D 750 -17.76 -15.13 -55.33
C VAL D 750 -16.72 -14.14 -54.86
N GLU D 751 -15.51 -14.61 -54.54
CA GLU D 751 -14.53 -13.77 -53.88
C GLU D 751 -14.34 -12.44 -54.60
N LYS D 752 -14.37 -12.44 -55.93
CA LYS D 752 -14.22 -11.20 -56.68
C LYS D 752 -15.29 -10.19 -56.26
N GLN D 753 -16.55 -10.63 -56.29
CA GLN D 753 -17.67 -9.76 -55.93
C GLN D 753 -17.68 -9.49 -54.43
N PHE D 754 -17.56 -10.56 -53.64
CA PHE D 754 -17.71 -10.38 -52.20
C PHE D 754 -16.65 -9.43 -51.65
N LYS D 755 -15.41 -9.53 -52.13
CA LYS D 755 -14.38 -8.64 -51.60
C LYS D 755 -14.78 -7.18 -51.79
N ALA D 756 -15.39 -6.86 -52.93
CA ALA D 756 -15.86 -5.51 -53.16
C ALA D 756 -16.98 -5.15 -52.21
N PHE D 757 -17.92 -6.07 -52.01
CA PHE D 757 -19.02 -5.83 -51.09
C PHE D 757 -18.49 -5.52 -49.68
N ARG D 758 -17.61 -6.38 -49.20
CA ARG D 758 -17.07 -6.21 -47.86
C ARG D 758 -16.35 -4.88 -47.74
N ARG D 759 -15.59 -4.49 -48.75
CA ARG D 759 -14.93 -3.19 -48.72
C ARG D 759 -15.96 -2.09 -48.54
N GLY D 760 -17.02 -2.13 -49.33
CA GLY D 760 -18.06 -1.12 -49.19
C GLY D 760 -18.57 -1.03 -47.76
N PHE D 761 -18.85 -2.17 -47.15
CA PHE D 761 -19.37 -2.16 -45.79
C PHE D 761 -18.37 -1.56 -44.79
N HIS D 762 -17.10 -1.97 -44.89
CA HIS D 762 -16.12 -1.45 -43.93
C HIS D 762 -15.91 0.05 -44.10
N MET D 763 -16.16 0.60 -45.29
CA MET D 763 -15.97 2.03 -45.43
C MET D 763 -16.86 2.82 -44.50
N VAL D 764 -17.92 2.21 -43.98
CA VAL D 764 -18.81 2.90 -43.06
C VAL D 764 -18.57 2.46 -41.63
N THR D 765 -18.18 1.20 -41.43
CA THR D 765 -18.09 0.66 -40.08
C THR D 765 -16.67 0.45 -39.52
N ASN D 766 -15.62 0.90 -40.21
CA ASN D 766 -14.25 0.56 -39.79
C ASN D 766 -13.91 0.93 -38.35
N GLU D 767 -14.36 2.09 -37.86
CA GLU D 767 -14.03 2.54 -36.51
C GLU D 767 -15.12 2.25 -35.47
N SER D 768 -16.14 1.52 -35.82
CA SER D 768 -17.29 1.31 -34.96
C SER D 768 -17.02 0.22 -33.91
N PRO D 769 -17.60 0.34 -32.71
CA PRO D 769 -17.44 -0.75 -31.72
C PRO D 769 -18.19 -2.02 -32.13
N LEU D 770 -18.75 -1.99 -33.33
CA LEU D 770 -19.53 -3.10 -33.86
C LEU D 770 -18.80 -4.43 -33.71
N LYS D 771 -17.53 -4.50 -34.11
CA LYS D 771 -16.83 -5.79 -34.06
C LYS D 771 -16.68 -6.31 -32.63
N TYR D 772 -16.79 -5.43 -31.63
CA TYR D 772 -16.60 -5.75 -30.23
C TYR D 772 -17.92 -6.06 -29.52
N LEU D 773 -18.98 -5.32 -29.84
CA LEU D 773 -20.25 -5.50 -29.15
C LEU D 773 -21.12 -6.60 -29.74
N PHE D 774 -21.11 -6.80 -31.05
CA PHE D 774 -22.07 -7.68 -31.68
C PHE D 774 -21.40 -8.92 -32.28
N ARG D 775 -22.24 -9.88 -32.62
CA ARG D 775 -21.90 -11.14 -33.27
C ARG D 775 -22.69 -11.26 -34.57
N PRO D 776 -22.30 -12.14 -35.48
CA PRO D 776 -23.04 -12.24 -36.75
C PRO D 776 -24.54 -12.31 -36.56
N GLU D 777 -24.99 -13.12 -35.62
CA GLU D 777 -26.42 -13.28 -35.41
C GLU D 777 -27.05 -11.96 -34.96
N GLU D 778 -26.30 -11.12 -34.28
CA GLU D 778 -26.85 -9.84 -33.85
C GLU D 778 -26.75 -8.78 -34.96
N ILE D 779 -25.76 -8.88 -35.84
CA ILE D 779 -25.72 -7.98 -36.99
C ILE D 779 -27.00 -8.13 -37.77
N GLU D 780 -27.40 -9.39 -38.04
CA GLU D 780 -28.63 -9.57 -38.80
C GLU D 780 -29.75 -8.77 -38.15
N LEU D 781 -29.85 -8.84 -36.83
CA LEU D 781 -30.93 -8.15 -36.16
C LEU D 781 -30.83 -6.65 -36.35
N LEU D 782 -29.62 -6.10 -36.37
CA LEU D 782 -29.50 -4.67 -36.56
C LEU D 782 -29.98 -4.25 -37.95
N ILE D 783 -29.67 -5.06 -38.96
CA ILE D 783 -29.97 -4.68 -40.35
C ILE D 783 -31.43 -4.96 -40.69
N CYS D 784 -31.90 -6.17 -40.42
CA CYS D 784 -33.21 -6.63 -40.88
C CYS D 784 -34.32 -6.46 -39.85
N GLY D 785 -33.99 -6.35 -38.57
CA GLY D 785 -35.01 -6.31 -37.53
C GLY D 785 -35.41 -7.70 -37.05
N SER D 786 -36.14 -7.73 -35.94
CA SER D 786 -36.49 -8.97 -35.25
C SER D 786 -37.77 -9.61 -35.80
N ARG D 787 -37.85 -10.93 -35.61
CA ARG D 787 -38.96 -11.77 -36.04
C ARG D 787 -40.03 -11.97 -34.97
N ASN D 788 -39.84 -11.43 -33.76
CA ASN D 788 -40.78 -11.54 -32.65
C ASN D 788 -41.75 -10.36 -32.67
N LEU D 789 -43.05 -10.66 -32.67
CA LEU D 789 -44.10 -9.67 -32.93
C LEU D 789 -45.03 -9.46 -31.72
N ASP D 790 -44.67 -8.53 -30.83
CA ASP D 790 -45.47 -8.23 -29.63
C ASP D 790 -46.48 -7.12 -29.93
N PHE D 791 -47.73 -7.52 -30.20
CA PHE D 791 -48.78 -6.56 -30.52
C PHE D 791 -49.34 -5.83 -29.30
N GLN D 792 -49.13 -6.33 -28.09
CA GLN D 792 -49.51 -5.57 -26.91
C GLN D 792 -48.66 -4.31 -26.79
N ALA D 793 -47.35 -4.45 -26.98
CA ALA D 793 -46.46 -3.30 -26.98
C ALA D 793 -46.81 -2.32 -28.10
N LEU D 794 -47.23 -2.85 -29.26
CA LEU D 794 -47.66 -1.99 -30.35
C LEU D 794 -48.89 -1.18 -29.95
N GLU D 795 -49.87 -1.82 -29.31
CA GLU D 795 -51.05 -1.08 -28.84
C GLU D 795 -50.65 0.02 -27.87
N GLU D 796 -49.74 -0.28 -26.93
CA GLU D 796 -49.35 0.70 -25.92
C GLU D 796 -48.70 1.93 -26.54
N THR D 797 -47.99 1.79 -27.66
CA THR D 797 -47.30 2.95 -28.25
C THR D 797 -47.99 3.56 -29.48
N THR D 798 -49.11 2.99 -29.94
CA THR D 798 -49.79 3.51 -31.13
C THR D 798 -50.42 4.88 -30.87
N GLU D 799 -50.26 5.78 -31.84
CA GLU D 799 -50.83 7.13 -31.79
C GLU D 799 -52.06 7.23 -32.70
N TYR D 800 -52.95 8.19 -32.39
CA TYR D 800 -54.24 8.31 -33.06
C TYR D 800 -54.44 9.72 -33.61
N ASP D 801 -55.02 9.80 -34.82
CA ASP D 801 -55.18 11.07 -35.53
C ASP D 801 -56.52 11.08 -36.29
N GLY D 802 -56.94 12.28 -36.69
CA GLY D 802 -58.21 12.45 -37.39
C GLY D 802 -59.44 12.34 -36.52
N GLY D 803 -59.29 12.44 -35.20
CA GLY D 803 -60.40 12.37 -34.27
C GLY D 803 -60.59 11.02 -33.58
N TYR D 804 -59.78 10.00 -33.91
CA TYR D 804 -59.76 8.79 -33.11
C TYR D 804 -59.03 9.04 -31.78
N THR D 805 -59.40 8.26 -30.77
CA THR D 805 -58.71 8.23 -29.47
C THR D 805 -58.63 6.78 -28.99
N ARG D 806 -57.74 6.55 -28.02
CA ARG D 806 -57.60 5.21 -27.43
C ARG D 806 -58.92 4.69 -26.86
N ASP D 807 -59.84 5.57 -26.46
CA ASP D 807 -61.13 5.17 -25.91
C ASP D 807 -62.25 5.05 -26.95
N SER D 808 -61.93 5.19 -28.24
CA SER D 808 -62.92 5.03 -29.30
C SER D 808 -63.31 3.56 -29.47
N VAL D 809 -64.61 3.32 -29.65
CA VAL D 809 -65.13 1.94 -29.78
C VAL D 809 -64.43 1.21 -30.93
N LEU D 810 -64.36 1.86 -32.10
CA LEU D 810 -63.74 1.25 -33.27
C LEU D 810 -62.28 0.86 -32.99
N ILE D 811 -61.56 1.67 -32.20
CA ILE D 811 -60.17 1.37 -31.89
C ILE D 811 -60.07 0.16 -30.95
N ARG D 812 -60.95 0.08 -29.95
CA ARG D 812 -60.95 -1.09 -29.08
C ARG D 812 -61.29 -2.37 -29.87
N GLU D 813 -62.29 -2.28 -30.75
CA GLU D 813 -62.63 -3.40 -31.61
C GLU D 813 -61.46 -3.77 -32.54
N PHE D 814 -60.75 -2.76 -33.05
CA PHE D 814 -59.56 -2.99 -33.87
C PHE D 814 -58.52 -3.80 -33.11
N TRP D 815 -58.24 -3.45 -31.86
CA TRP D 815 -57.25 -4.22 -31.09
C TRP D 815 -57.75 -5.63 -30.76
N GLU D 816 -59.05 -5.79 -30.48
CA GLU D 816 -59.58 -7.14 -30.30
C GLU D 816 -59.35 -8.00 -31.55
N ILE D 817 -59.63 -7.43 -32.72
CA ILE D 817 -59.41 -8.15 -33.98
C ILE D 817 -57.94 -8.49 -34.16
N VAL D 818 -57.08 -7.46 -34.09
CA VAL D 818 -55.65 -7.64 -34.36
C VAL D 818 -55.02 -8.63 -33.38
N HIS D 819 -55.44 -8.59 -32.11
CA HIS D 819 -54.94 -9.59 -31.16
C HIS D 819 -55.44 -10.99 -31.51
N SER D 820 -56.63 -11.12 -32.10
CA SER D 820 -57.13 -12.43 -32.49
C SER D 820 -56.54 -12.95 -33.81
N PHE D 821 -55.77 -12.15 -34.55
CA PHE D 821 -55.19 -12.58 -35.81
C PHE D 821 -54.13 -13.67 -35.60
N THR D 822 -53.91 -14.49 -36.64
CA THR D 822 -52.81 -15.45 -36.64
C THR D 822 -51.48 -14.74 -36.88
N ASP D 823 -50.37 -15.43 -36.59
CA ASP D 823 -49.06 -14.82 -36.78
C ASP D 823 -48.84 -14.42 -38.24
N GLU D 824 -49.37 -15.20 -39.19
CA GLU D 824 -49.24 -14.85 -40.60
C GLU D 824 -50.05 -13.60 -40.94
N GLN D 825 -51.29 -13.52 -40.45
CA GLN D 825 -52.09 -12.32 -40.64
C GLN D 825 -51.40 -11.12 -40.00
N LYS D 826 -50.78 -11.33 -38.85
CA LYS D 826 -50.04 -10.27 -38.17
C LYS D 826 -48.84 -9.80 -38.99
N ARG D 827 -48.08 -10.75 -39.55
CA ARG D 827 -46.97 -10.38 -40.44
C ARG D 827 -47.48 -9.58 -41.64
N LEU D 828 -48.57 -10.05 -42.25
CA LEU D 828 -49.16 -9.31 -43.38
C LEU D 828 -49.61 -7.91 -42.96
N PHE D 829 -50.22 -7.78 -41.78
CA PHE D 829 -50.65 -6.47 -41.32
C PHE D 829 -49.47 -5.53 -41.17
N LEU D 830 -48.35 -6.03 -40.62
CA LEU D 830 -47.16 -5.19 -40.50
C LEU D 830 -46.59 -4.84 -41.86
N GLN D 831 -46.48 -5.83 -42.75
CA GLN D 831 -45.99 -5.57 -44.10
C GLN D 831 -46.82 -4.47 -44.75
N PHE D 832 -48.15 -4.56 -44.62
CA PHE D 832 -49.06 -3.57 -45.18
C PHE D 832 -48.85 -2.19 -44.57
N THR D 833 -48.80 -2.11 -43.22
CA THR D 833 -48.75 -0.81 -42.55
C THR D 833 -47.34 -0.19 -42.54
N THR D 834 -46.29 -1.02 -42.57
CA THR D 834 -44.90 -0.59 -42.35
C THR D 834 -43.91 -0.93 -43.46
N GLY D 835 -44.30 -1.75 -44.45
CA GLY D 835 -43.38 -2.14 -45.51
C GLY D 835 -42.44 -3.29 -45.19
N THR D 836 -42.49 -3.84 -43.97
CA THR D 836 -41.68 -4.99 -43.57
C THR D 836 -42.51 -5.83 -42.62
N ASP D 837 -42.32 -7.15 -42.68
CA ASP D 837 -43.03 -8.06 -41.80
C ASP D 837 -42.28 -8.34 -40.50
N ARG D 838 -41.12 -7.71 -40.31
CA ARG D 838 -40.30 -7.83 -39.10
C ARG D 838 -40.46 -6.59 -38.23
N ALA D 839 -40.19 -6.77 -36.93
CA ALA D 839 -40.24 -5.69 -35.93
C ALA D 839 -38.85 -5.06 -35.74
N PRO D 840 -38.76 -3.74 -35.52
CA PRO D 840 -37.44 -3.09 -35.33
C PRO D 840 -36.69 -3.63 -34.13
N VAL D 841 -35.42 -3.22 -33.97
CA VAL D 841 -34.67 -3.66 -32.78
C VAL D 841 -35.40 -3.14 -31.54
N GLY D 842 -35.87 -4.07 -30.70
CA GLY D 842 -36.67 -3.75 -29.53
C GLY D 842 -38.14 -4.08 -29.66
N GLY D 843 -38.57 -4.68 -30.76
CA GLY D 843 -39.95 -5.11 -30.90
C GLY D 843 -40.87 -4.05 -31.47
N LEU D 844 -42.13 -4.45 -31.65
CA LEU D 844 -43.13 -3.59 -32.27
C LEU D 844 -43.41 -2.32 -31.46
N GLY D 845 -43.14 -2.34 -30.16
CA GLY D 845 -43.36 -1.15 -29.34
C GLY D 845 -42.52 0.04 -29.75
N LYS D 846 -41.42 -0.17 -30.48
CA LYS D 846 -40.61 0.95 -30.95
C LYS D 846 -41.16 1.57 -32.23
N LEU D 847 -42.15 0.93 -32.85
CA LEU D 847 -42.70 1.37 -34.12
C LEU D 847 -43.84 2.36 -33.84
N LYS D 848 -43.58 3.64 -34.09
CA LYS D 848 -44.58 4.67 -33.83
C LYS D 848 -45.70 4.59 -34.87
N MET D 849 -46.56 3.58 -34.75
CA MET D 849 -47.66 3.43 -35.69
C MET D 849 -48.72 4.49 -35.40
N ILE D 850 -49.28 5.06 -36.45
CA ILE D 850 -50.32 6.08 -36.33
C ILE D 850 -51.57 5.56 -37.03
N ILE D 851 -52.66 5.45 -36.29
CA ILE D 851 -53.96 5.09 -36.85
C ILE D 851 -54.75 6.39 -37.06
N ALA D 852 -54.92 6.78 -38.31
CA ALA D 852 -55.50 8.05 -38.69
C ALA D 852 -56.87 7.82 -39.34
N LYS D 853 -57.88 8.59 -38.92
CA LYS D 853 -59.24 8.38 -39.41
C LYS D 853 -59.35 8.83 -40.87
N ASN D 854 -59.80 7.90 -41.73
CA ASN D 854 -59.96 8.15 -43.15
C ASN D 854 -61.44 8.25 -43.51
N GLY D 855 -62.16 9.16 -42.83
CA GLY D 855 -63.56 9.41 -43.08
C GLY D 855 -64.51 8.46 -42.35
N PRO D 856 -65.83 8.63 -42.59
CA PRO D 856 -66.85 7.78 -41.94
C PRO D 856 -66.94 6.37 -42.54
N ASP D 857 -67.94 5.60 -42.13
CA ASP D 857 -68.14 4.24 -42.63
C ASP D 857 -68.30 4.25 -44.15
N THR D 858 -67.51 3.41 -44.83
CA THR D 858 -67.56 3.27 -46.29
C THR D 858 -67.23 1.83 -46.66
N GLU D 859 -67.46 1.48 -47.92
CA GLU D 859 -67.13 0.15 -48.44
C GLU D 859 -65.66 0.00 -48.80
N ARG D 860 -64.87 1.08 -48.71
CA ARG D 860 -63.47 1.07 -49.09
C ARG D 860 -62.63 0.23 -48.13
N LEU D 861 -61.50 -0.29 -48.66
CA LEU D 861 -60.47 -0.93 -47.84
C LEU D 861 -59.64 0.14 -47.13
N PRO D 862 -59.02 -0.18 -46.00
CA PRO D 862 -58.05 0.76 -45.40
C PRO D 862 -56.82 0.89 -46.30
N THR D 863 -56.08 1.99 -46.13
CA THR D 863 -54.88 2.26 -46.93
C THR D 863 -53.72 2.63 -46.00
N SER D 864 -52.49 2.61 -46.53
CA SER D 864 -51.30 2.83 -45.69
C SER D 864 -50.24 3.70 -46.36
N HIS D 865 -49.45 4.35 -45.52
CA HIS D 865 -48.25 5.09 -45.92
C HIS D 865 -47.05 4.45 -45.21
N THR D 866 -46.42 3.47 -45.87
CA THR D 866 -45.35 2.67 -45.28
C THR D 866 -44.11 3.50 -44.90
N CYS D 867 -43.91 4.66 -45.53
CA CYS D 867 -42.75 5.50 -45.24
C CYS D 867 -42.84 6.17 -43.87
N PHE D 868 -44.05 6.31 -43.32
CA PHE D 868 -44.28 6.92 -42.00
C PHE D 868 -45.09 6.02 -41.07
N ASN D 869 -45.37 4.79 -41.48
CA ASN D 869 -46.13 3.80 -40.69
C ASN D 869 -47.54 4.29 -40.33
N VAL D 870 -48.21 5.00 -41.24
CA VAL D 870 -49.55 5.51 -41.00
C VAL D 870 -50.58 4.57 -41.62
N LEU D 871 -51.58 4.18 -40.83
CA LEU D 871 -52.71 3.39 -41.29
C LEU D 871 -53.94 4.29 -41.41
N LEU D 872 -54.44 4.45 -42.64
CA LEU D 872 -55.60 5.29 -42.93
C LEU D 872 -56.86 4.42 -42.82
N LEU D 873 -57.54 4.50 -41.67
CA LEU D 873 -58.60 3.56 -41.30
C LEU D 873 -59.98 4.22 -41.33
N PRO D 874 -60.91 3.78 -42.18
CA PRO D 874 -62.28 4.32 -42.15
C PRO D 874 -63.02 3.94 -40.88
N GLU D 875 -63.97 4.78 -40.47
CA GLU D 875 -64.74 4.59 -39.23
C GLU D 875 -65.92 3.64 -39.48
N TYR D 876 -65.59 2.36 -39.65
CA TYR D 876 -66.60 1.35 -40.00
C TYR D 876 -67.66 1.20 -38.91
N SER D 877 -68.87 0.83 -39.35
CA SER D 877 -70.04 0.69 -38.47
C SER D 877 -70.07 -0.60 -37.64
N SER D 878 -69.24 -1.60 -37.93
CA SER D 878 -69.30 -2.83 -37.15
C SER D 878 -67.95 -3.54 -37.09
N LYS D 879 -67.76 -4.32 -36.01
CA LYS D 879 -66.54 -5.11 -35.81
C LYS D 879 -66.33 -6.12 -36.93
N GLU D 880 -67.40 -6.80 -37.36
CA GLU D 880 -67.28 -7.75 -38.45
C GLU D 880 -66.85 -7.08 -39.75
N LYS D 881 -67.40 -5.91 -40.04
CA LYS D 881 -67.01 -5.17 -41.24
C LYS D 881 -65.55 -4.72 -41.16
N LEU D 882 -65.14 -4.18 -40.02
CA LEU D 882 -63.74 -3.82 -39.82
C LEU D 882 -62.85 -5.03 -40.05
N LYS D 883 -63.17 -6.17 -39.44
CA LYS D 883 -62.35 -7.37 -39.58
C LYS D 883 -62.28 -7.81 -41.03
N GLU D 884 -63.41 -7.86 -41.73
CA GLU D 884 -63.44 -8.33 -43.11
C GLU D 884 -62.66 -7.39 -44.04
N ARG D 885 -62.84 -6.07 -43.90
CA ARG D 885 -62.11 -5.13 -44.73
C ARG D 885 -60.62 -5.15 -44.43
N LEU D 886 -60.24 -5.21 -43.15
CA LEU D 886 -58.83 -5.24 -42.80
C LEU D 886 -58.15 -6.53 -43.29
N LEU D 887 -58.79 -7.68 -43.08
CA LEU D 887 -58.26 -8.94 -43.59
C LEU D 887 -58.08 -8.88 -45.10
N LYS D 888 -59.11 -8.36 -45.81
CA LYS D 888 -59.01 -8.29 -47.27
C LYS D 888 -57.87 -7.36 -47.70
N ALA D 889 -57.72 -6.20 -47.06
CA ALA D 889 -56.63 -5.29 -47.40
C ALA D 889 -55.27 -5.96 -47.24
N ILE D 890 -55.01 -6.53 -46.05
CA ILE D 890 -53.69 -7.12 -45.79
C ILE D 890 -53.43 -8.37 -46.64
N THR D 891 -54.48 -9.08 -47.10
CA THR D 891 -54.29 -10.26 -47.93
C THR D 891 -54.06 -9.91 -49.40
N TYR D 892 -54.77 -8.91 -49.91
CA TYR D 892 -54.73 -8.58 -51.33
C TYR D 892 -53.71 -7.50 -51.69
N ALA D 893 -53.01 -6.93 -50.70
CA ALA D 893 -51.93 -5.98 -50.93
C ALA D 893 -50.67 -6.68 -51.44
N MET E 116 19.78 15.50 -54.33
CA MET E 116 18.31 15.27 -54.40
C MET E 116 17.83 14.11 -53.53
N PHE E 117 16.57 14.19 -53.13
CA PHE E 117 15.92 13.21 -52.26
C PHE E 117 14.85 12.44 -53.01
N GLN E 118 15.08 12.24 -54.29
CA GLN E 118 14.15 11.56 -55.16
C GLN E 118 14.17 10.05 -54.98
N ASP E 119 15.03 9.53 -54.10
CA ASP E 119 14.99 8.12 -53.72
C ASP E 119 14.02 7.98 -52.55
N PRO E 120 12.88 7.31 -52.73
CA PRO E 120 11.88 7.28 -51.65
C PRO E 120 12.38 6.72 -50.34
N GLN E 121 13.33 5.79 -50.37
CA GLN E 121 13.74 5.08 -49.17
C GLN E 121 14.95 5.71 -48.48
N GLU E 122 15.83 6.38 -49.21
CA GLU E 122 17.17 6.66 -48.69
C GLU E 122 17.45 8.15 -48.49
N ARG E 123 16.43 8.91 -48.13
CA ARG E 123 16.54 10.32 -47.82
C ARG E 123 16.43 10.54 -46.31
N PRO E 124 17.19 11.48 -45.73
CA PRO E 124 17.18 11.62 -44.26
C PRO E 124 15.80 11.98 -43.74
N ARG E 125 15.49 11.50 -42.54
CA ARG E 125 14.15 11.67 -41.96
C ARG E 125 14.06 12.81 -40.97
N LYS E 126 15.09 13.03 -40.15
CA LYS E 126 15.05 14.01 -39.07
C LYS E 126 15.89 15.22 -39.45
N LEU E 127 15.41 16.40 -39.07
CA LEU E 127 16.06 17.63 -39.51
C LEU E 127 17.56 17.63 -39.28
N PRO E 128 18.09 17.28 -38.12
CA PRO E 128 19.55 17.30 -37.95
C PRO E 128 20.28 16.50 -39.05
N GLN E 129 19.69 15.36 -39.43
CA GLN E 129 20.29 14.57 -40.48
C GLN E 129 20.27 15.34 -41.79
N LEU E 130 19.15 16.00 -42.09
CA LEU E 130 19.05 16.77 -43.31
C LEU E 130 20.04 17.93 -43.32
N CYS E 131 20.31 18.53 -42.15
CA CYS E 131 21.32 19.58 -42.07
C CYS E 131 22.64 19.05 -42.60
N THR E 132 23.12 17.96 -42.03
CA THR E 132 24.41 17.44 -42.48
C THR E 132 24.35 16.93 -43.93
N GLU E 133 23.21 16.38 -44.34
CA GLU E 133 23.12 15.84 -45.69
C GLU E 133 23.23 16.95 -46.73
N LEU E 134 22.69 18.12 -46.45
CA LEU E 134 22.82 19.29 -47.30
C LEU E 134 24.02 20.15 -46.91
N GLN E 135 24.94 19.59 -46.13
CA GLN E 135 26.16 20.28 -45.70
C GLN E 135 25.87 21.68 -45.18
N THR E 136 24.82 21.79 -44.36
CA THR E 136 24.33 23.06 -43.84
C THR E 136 23.97 22.85 -42.37
N THR E 137 23.79 23.93 -41.61
CA THR E 137 23.37 23.82 -40.21
C THR E 137 21.93 24.28 -40.02
N ILE E 138 21.37 23.95 -38.86
CA ILE E 138 20.01 24.38 -38.55
C ILE E 138 19.91 25.90 -38.60
N HIS E 139 21.02 26.60 -38.40
CA HIS E 139 21.06 28.05 -38.43
C HIS E 139 21.09 28.60 -39.84
N ASP E 140 21.35 27.75 -40.82
CA ASP E 140 21.51 28.14 -42.20
C ASP E 140 20.33 27.74 -43.08
N ILE E 141 19.59 26.71 -42.71
CA ILE E 141 18.62 26.09 -43.60
C ILE E 141 17.27 26.79 -43.56
N ILE E 142 16.61 26.83 -44.72
CA ILE E 142 15.28 27.42 -44.91
C ILE E 142 14.37 26.34 -45.49
N LEU E 143 13.19 26.14 -44.89
CA LEU E 143 12.27 25.08 -45.32
C LEU E 143 10.82 25.56 -45.39
N GLU E 144 10.03 24.86 -46.21
CA GLU E 144 8.61 25.15 -46.40
C GLU E 144 7.74 24.22 -45.56
N CYS E 145 6.59 24.75 -45.11
CA CYS E 145 5.61 23.94 -44.39
C CYS E 145 4.76 23.15 -45.38
N VAL E 146 4.59 21.85 -45.09
CA VAL E 146 4.01 20.92 -46.05
C VAL E 146 2.59 21.29 -46.46
N TYR E 147 1.82 21.98 -45.62
CA TYR E 147 0.47 22.37 -46.03
C TYR E 147 0.45 23.69 -46.79
N CYS E 148 0.92 24.75 -46.16
CA CYS E 148 0.82 26.10 -46.72
C CYS E 148 1.98 26.48 -47.60
N LYS E 149 3.04 25.67 -47.62
CA LYS E 149 4.28 25.98 -48.33
C LYS E 149 4.84 27.36 -47.98
N GLN E 150 4.37 27.95 -46.88
CA GLN E 150 4.99 29.16 -46.35
C GLN E 150 6.31 28.80 -45.66
N GLN E 151 7.21 29.77 -45.60
CA GLN E 151 8.52 29.59 -44.96
C GLN E 151 8.39 29.63 -43.44
N LEU E 152 9.07 28.71 -42.76
CA LEU E 152 9.04 28.69 -41.29
C LEU E 152 9.89 29.81 -40.71
N LEU E 153 9.43 30.39 -39.62
CA LEU E 153 10.28 31.23 -38.79
C LEU E 153 11.33 30.35 -38.11
N ARG E 154 12.53 30.91 -37.91
CA ARG E 154 13.61 30.11 -37.32
C ARG E 154 13.19 29.52 -35.99
N ARG E 155 12.40 30.26 -35.21
CA ARG E 155 11.87 29.72 -33.96
C ARG E 155 11.10 28.44 -34.22
N GLU E 156 10.30 28.41 -35.28
CA GLU E 156 9.55 27.22 -35.61
C GLU E 156 10.47 26.10 -36.06
N VAL E 157 11.51 26.42 -36.81
CA VAL E 157 12.45 25.39 -37.25
C VAL E 157 13.06 24.70 -36.04
N TYR E 158 13.51 25.49 -35.07
CA TYR E 158 14.05 24.88 -33.86
C TYR E 158 13.01 23.97 -33.25
N ASP E 159 11.80 24.49 -33.03
CA ASP E 159 10.80 23.66 -32.39
C ASP E 159 10.53 22.37 -33.18
N PHE E 160 10.59 22.44 -34.51
CA PHE E 160 10.39 21.22 -35.29
C PHE E 160 11.47 20.22 -34.95
N ALA E 161 12.69 20.70 -34.75
CA ALA E 161 13.72 19.76 -34.34
C ALA E 161 13.45 19.23 -32.95
N PHE E 162 12.98 20.09 -32.04
CA PHE E 162 12.68 19.69 -30.66
C PHE E 162 11.47 18.77 -30.57
N ARG E 163 10.54 18.87 -31.51
CA ARG E 163 9.34 18.05 -31.46
C ARG E 163 9.51 16.65 -32.05
N ASP E 164 10.71 16.31 -32.48
CA ASP E 164 11.00 14.97 -33.01
C ASP E 164 10.01 14.55 -34.11
N LEU E 165 9.87 15.39 -35.13
CA LEU E 165 9.03 15.15 -36.28
C LEU E 165 9.87 14.75 -37.50
N CYS E 166 9.21 14.19 -38.51
CA CYS E 166 9.86 13.67 -39.70
C CYS E 166 9.72 14.62 -40.87
N ILE E 167 10.78 14.76 -41.67
CA ILE E 167 10.69 15.52 -42.92
C ILE E 167 9.78 14.78 -43.89
N VAL E 168 8.85 15.50 -44.51
CA VAL E 168 8.01 14.93 -45.58
C VAL E 168 8.62 15.36 -46.91
N TYR E 169 8.65 14.44 -47.87
CA TYR E 169 9.28 14.71 -49.16
C TYR E 169 8.27 14.62 -50.30
N ARG E 170 8.24 15.63 -51.14
CA ARG E 170 7.46 15.60 -52.37
C ARG E 170 8.39 15.86 -53.55
N ASP E 171 8.48 14.90 -54.46
CA ASP E 171 9.31 15.00 -55.66
C ASP E 171 10.77 15.30 -55.34
N GLY E 172 11.26 14.79 -54.21
CA GLY E 172 12.62 15.02 -53.77
C GLY E 172 12.84 16.31 -53.03
N ASN E 173 11.76 17.05 -52.70
CA ASN E 173 11.86 18.30 -51.97
C ASN E 173 11.45 18.09 -50.53
N PRO E 174 12.22 18.58 -49.56
CA PRO E 174 11.85 18.41 -48.14
C PRO E 174 10.84 19.46 -47.69
N TYR E 175 9.93 19.05 -46.81
CA TYR E 175 8.96 19.94 -46.19
C TYR E 175 8.91 19.65 -44.69
N ALA E 176 8.69 20.71 -43.91
CA ALA E 176 8.53 20.66 -42.47
C ALA E 176 7.07 21.01 -42.13
N VAL E 177 6.81 21.37 -40.87
CA VAL E 177 5.51 21.90 -40.51
C VAL E 177 5.64 23.04 -39.51
N CYS E 178 5.00 24.16 -39.80
CA CYS E 178 5.02 25.32 -38.93
C CYS E 178 4.10 25.11 -37.74
N ASP E 179 4.16 26.04 -36.79
CA ASP E 179 3.42 25.89 -35.54
C ASP E 179 1.92 25.94 -35.77
N LYS E 180 1.44 26.96 -36.49
CA LYS E 180 0.00 27.11 -36.68
C LYS E 180 -0.60 25.87 -37.35
N CYS E 181 0.04 25.39 -38.42
CA CYS E 181 -0.49 24.22 -39.12
C CYS E 181 -0.49 22.99 -38.22
N LEU E 182 0.60 22.77 -37.49
CA LEU E 182 0.67 21.58 -36.65
C LEU E 182 -0.43 21.58 -35.61
N LYS E 183 -0.57 22.69 -34.88
CA LYS E 183 -1.63 22.75 -33.88
C LYS E 183 -2.99 22.54 -34.52
N PHE E 184 -3.23 23.17 -35.67
CA PHE E 184 -4.52 23.06 -36.33
C PHE E 184 -4.83 21.62 -36.70
N TYR E 185 -3.95 20.98 -37.45
CA TYR E 185 -4.23 19.62 -37.88
C TYR E 185 -4.27 18.65 -36.70
N SER E 186 -3.48 18.89 -35.67
CA SER E 186 -3.57 18.01 -34.51
C SER E 186 -4.91 18.14 -33.86
N LYS E 187 -5.40 19.36 -33.70
CA LYS E 187 -6.69 19.56 -33.05
C LYS E 187 -7.79 18.91 -33.88
N ILE E 188 -7.70 19.02 -35.19
CA ILE E 188 -8.68 18.34 -36.04
C ILE E 188 -8.59 16.83 -35.85
N SER E 189 -7.38 16.29 -35.84
CA SER E 189 -7.22 14.86 -35.67
C SER E 189 -7.76 14.39 -34.32
N GLU E 190 -7.60 15.19 -33.28
CA GLU E 190 -8.25 14.87 -32.01
C GLU E 190 -9.75 14.77 -32.22
N TYR E 191 -10.36 15.81 -32.78
CA TYR E 191 -11.80 15.77 -32.97
C TYR E 191 -12.24 14.58 -33.83
N ARG E 192 -11.36 14.07 -34.68
CA ARG E 192 -11.81 13.01 -35.59
C ARG E 192 -11.57 11.59 -35.09
N HIS E 193 -10.39 11.27 -34.59
CA HIS E 193 -10.08 9.87 -34.29
C HIS E 193 -9.94 9.56 -32.80
N TYR E 194 -10.55 10.36 -31.92
CA TYR E 194 -10.56 10.08 -30.49
C TYR E 194 -11.15 8.70 -30.26
N SER E 195 -10.50 7.89 -29.44
CA SER E 195 -11.03 6.57 -29.14
C SER E 195 -11.47 6.44 -27.68
N TYR E 196 -10.53 6.32 -26.75
CA TYR E 196 -10.90 6.23 -25.35
C TYR E 196 -9.79 6.80 -24.48
N SER E 197 -10.14 7.14 -23.24
CA SER E 197 -9.21 7.78 -22.32
C SER E 197 -9.02 6.91 -21.09
N LEU E 198 -7.76 6.64 -20.72
CA LEU E 198 -7.43 5.79 -19.59
C LEU E 198 -6.54 6.55 -18.60
N TYR E 199 -6.55 6.09 -17.34
CA TYR E 199 -5.58 6.61 -16.38
C TYR E 199 -4.22 6.00 -16.66
N GLY E 200 -3.16 6.76 -16.38
CA GLY E 200 -1.83 6.24 -16.63
C GLY E 200 -1.62 4.88 -16.00
N THR E 201 -2.11 4.70 -14.77
CA THR E 201 -1.97 3.42 -14.10
C THR E 201 -2.61 2.29 -14.92
N THR E 202 -3.83 2.53 -15.37
CA THR E 202 -4.54 1.52 -16.15
C THR E 202 -3.79 1.25 -17.44
N LEU E 203 -3.28 2.33 -18.05
CA LEU E 203 -2.57 2.20 -19.31
C LEU E 203 -1.32 1.33 -19.15
N GLU E 204 -0.61 1.51 -18.04
CA GLU E 204 0.57 0.68 -17.78
C GLU E 204 0.18 -0.78 -17.75
N GLN E 205 -0.97 -1.09 -17.17
CA GLN E 205 -1.35 -2.50 -17.10
C GLN E 205 -1.77 -3.03 -18.46
N GLN E 206 -2.43 -2.20 -19.28
CA GLN E 206 -2.81 -2.68 -20.61
C GLN E 206 -1.58 -2.95 -21.48
N TYR E 207 -0.53 -2.16 -21.33
CA TYR E 207 0.67 -2.33 -22.14
C TYR E 207 1.79 -3.08 -21.42
N ASN E 208 1.58 -3.49 -20.17
CA ASN E 208 2.56 -4.27 -19.41
C ASN E 208 3.94 -3.60 -19.39
N LYS E 209 3.96 -2.27 -19.24
CA LYS E 209 5.20 -1.50 -19.16
C LYS E 209 4.96 -0.27 -18.31
N PRO E 210 5.99 0.25 -17.65
CA PRO E 210 5.81 1.48 -16.89
C PRO E 210 5.67 2.69 -17.81
N LEU E 211 4.85 3.64 -17.36
CA LEU E 211 4.56 4.82 -18.17
C LEU E 211 5.82 5.55 -18.60
N SER E 212 6.86 5.51 -17.77
CA SER E 212 8.13 6.14 -18.11
C SER E 212 8.59 5.75 -19.51
N ASP E 213 8.38 4.49 -19.89
CA ASP E 213 8.92 3.95 -21.12
C ASP E 213 7.98 4.08 -22.33
N LEU E 214 6.70 4.35 -22.10
CA LEU E 214 5.71 4.32 -23.18
C LEU E 214 5.71 5.61 -24.00
N LEU E 215 5.59 5.48 -25.33
CA LEU E 215 5.68 6.62 -26.24
C LEU E 215 4.37 7.41 -26.20
N ILE E 216 4.41 8.63 -25.68
CA ILE E 216 3.24 9.50 -25.60
C ILE E 216 3.65 10.90 -26.07
N ARG E 217 2.85 11.50 -26.94
CA ARG E 217 3.12 12.82 -27.48
C ARG E 217 2.07 13.83 -27.00
N CYS E 218 2.39 15.11 -27.15
CA CYS E 218 1.43 16.14 -26.79
C CYS E 218 0.28 16.15 -27.77
N ILE E 219 -0.95 16.14 -27.24
CA ILE E 219 -2.11 16.14 -28.10
C ILE E 219 -2.26 17.46 -28.85
N ASN E 220 -1.78 18.57 -28.28
CA ASN E 220 -1.89 19.85 -28.95
C ASN E 220 -0.73 20.15 -29.89
N CYS E 221 0.49 19.69 -29.56
CA CYS E 221 1.67 20.05 -30.35
C CYS E 221 2.67 18.92 -30.57
N GLN E 222 2.27 17.67 -30.36
CA GLN E 222 3.05 16.51 -30.78
C GLN E 222 4.39 16.33 -30.06
N LYS E 223 4.86 17.33 -29.33
CA LYS E 223 6.11 17.17 -28.59
C LYS E 223 6.03 15.93 -27.70
N PRO E 224 7.04 15.06 -27.71
CA PRO E 224 7.01 13.88 -26.82
C PRO E 224 7.02 14.30 -25.35
N LEU E 225 6.29 13.55 -24.52
CA LEU E 225 6.14 13.88 -23.11
C LEU E 225 7.29 13.32 -22.29
N SER E 226 7.85 14.17 -21.42
CA SER E 226 8.93 13.79 -20.52
C SER E 226 8.40 13.02 -19.32
N PRO E 227 9.21 12.15 -18.71
CA PRO E 227 8.74 11.43 -17.51
C PRO E 227 8.22 12.33 -16.42
N GLU E 228 8.74 13.56 -16.31
CA GLU E 228 8.19 14.51 -15.36
C GLU E 228 6.74 14.84 -15.71
N GLU E 229 6.48 15.14 -16.97
CA GLU E 229 5.12 15.41 -17.40
C GLU E 229 4.23 14.19 -17.24
N LYS E 230 4.77 13.00 -17.52
CA LYS E 230 4.02 11.77 -17.31
C LYS E 230 3.63 11.63 -15.85
N GLN E 231 4.58 11.90 -14.96
CA GLN E 231 4.28 11.87 -13.55
C GLN E 231 3.16 12.85 -13.22
N ARG E 232 3.25 14.07 -13.76
CA ARG E 232 2.19 15.04 -13.50
C ARG E 232 0.81 14.46 -13.82
N HIS E 233 0.69 13.78 -14.96
CA HIS E 233 -0.58 13.14 -15.29
C HIS E 233 -1.03 12.21 -14.17
N LEU E 234 -0.09 11.42 -13.63
CA LEU E 234 -0.49 10.54 -12.53
C LEU E 234 -0.86 11.33 -11.28
N ASP E 235 -0.10 12.38 -10.97
CA ASP E 235 -0.34 13.19 -9.79
C ASP E 235 -1.71 13.85 -9.82
N LYS E 236 -2.11 14.38 -10.97
CA LYS E 236 -3.37 15.11 -11.07
C LYS E 236 -4.50 14.23 -11.56
N LYS E 237 -4.33 12.91 -11.51
CA LYS E 237 -5.35 11.94 -11.89
C LYS E 237 -5.97 12.28 -13.25
N GLN E 238 -5.11 12.56 -14.22
CA GLN E 238 -5.55 12.91 -15.56
C GLN E 238 -5.32 11.74 -16.52
N ARG E 239 -6.18 11.61 -17.51
CA ARG E 239 -6.17 10.49 -18.43
C ARG E 239 -5.37 10.78 -19.70
N PHE E 240 -4.97 9.70 -20.35
CA PHE E 240 -4.27 9.73 -21.62
C PHE E 240 -5.22 9.27 -22.72
N HIS E 241 -5.20 9.95 -23.86
CA HIS E 241 -6.19 9.73 -24.91
C HIS E 241 -5.60 8.92 -26.05
N ASN E 242 -6.31 7.90 -26.48
CA ASN E 242 -5.93 7.11 -27.64
C ASN E 242 -6.58 7.74 -28.87
N ILE E 243 -5.75 8.13 -29.84
CA ILE E 243 -6.21 8.73 -31.08
C ILE E 243 -5.70 7.86 -32.22
N ARG E 244 -6.61 7.30 -33.01
CA ARG E 244 -6.28 6.45 -34.16
C ARG E 244 -5.32 5.33 -33.77
N GLY E 245 -5.21 5.01 -32.48
CA GLY E 245 -4.35 3.95 -32.03
C GLY E 245 -3.00 4.40 -31.47
N ARG E 246 -2.79 5.69 -31.29
CA ARG E 246 -1.57 6.21 -30.68
C ARG E 246 -1.95 7.06 -29.48
N TRP E 247 -1.10 7.12 -28.47
CA TRP E 247 -1.47 7.71 -27.17
C TRP E 247 -0.95 9.14 -27.01
N THR E 248 -1.75 9.99 -26.39
CA THR E 248 -1.37 11.39 -26.24
C THR E 248 -1.74 11.90 -24.85
N GLY E 249 -1.03 12.96 -24.42
CA GLY E 249 -1.24 13.65 -23.16
C GLY E 249 -1.03 15.14 -23.36
N ARG E 250 -1.00 15.96 -22.30
CA ARG E 250 -0.80 17.41 -22.42
C ARG E 250 0.47 17.83 -21.72
N CYS E 251 1.41 18.39 -22.49
CA CYS E 251 2.70 18.83 -21.95
C CYS E 251 2.52 20.11 -21.13
N MET E 252 3.56 20.42 -20.35
CA MET E 252 3.48 21.56 -19.44
C MET E 252 3.10 22.83 -20.20
N SER E 253 3.73 23.06 -21.33
CA SER E 253 3.46 24.25 -22.16
C SER E 253 2.09 24.22 -22.81
N CYS E 254 1.28 23.19 -22.58
CA CYS E 254 -0.08 23.16 -23.08
C CYS E 254 -1.12 22.97 -21.98
N SER E 255 -0.73 22.49 -20.81
CA SER E 255 -1.61 22.49 -19.65
C SER E 255 -1.57 23.83 -18.93
N ARG E 256 -0.53 24.62 -19.15
CA ARG E 256 -0.53 26.04 -18.87
C ARG E 256 -0.60 26.79 -20.19
N SER E 257 -1.53 27.73 -20.30
CA SER E 257 -1.72 28.51 -21.52
C SER E 257 -2.34 29.86 -21.19
N TRP F 115 49.09 2.77 -29.76
CA TRP F 115 47.78 2.87 -30.42
C TRP F 115 47.97 3.08 -31.92
N PRO F 116 47.03 2.60 -32.74
CA PRO F 116 47.10 2.88 -34.18
C PRO F 116 46.92 4.37 -34.43
N LEU F 117 47.86 4.97 -35.17
CA LEU F 117 47.90 6.42 -35.33
C LEU F 117 47.13 6.94 -36.54
N SER F 118 46.52 6.06 -37.36
CA SER F 118 45.76 6.53 -38.54
C SER F 118 44.71 5.49 -38.95
N SER F 119 43.65 5.96 -39.60
CA SER F 119 42.54 5.08 -39.99
C SER F 119 41.66 5.72 -41.07
N SER F 120 40.98 4.88 -41.85
CA SER F 120 40.04 5.32 -42.88
C SER F 120 38.74 5.84 -42.24
N VAL F 121 37.92 6.53 -43.03
CA VAL F 121 36.69 7.17 -42.54
C VAL F 121 35.48 6.36 -43.00
N PRO F 122 34.77 5.68 -42.10
CA PRO F 122 33.52 5.00 -42.49
C PRO F 122 32.40 5.99 -42.83
N SER F 123 31.61 5.66 -43.85
CA SER F 123 30.51 6.54 -44.24
C SER F 123 29.45 6.63 -43.15
N GLN F 124 29.05 7.85 -42.82
CA GLN F 124 28.10 8.14 -41.74
C GLN F 124 26.68 8.46 -42.22
N LYS F 125 26.40 8.40 -43.52
CA LYS F 125 25.10 8.85 -44.02
C LYS F 125 23.97 7.88 -43.68
N THR F 126 22.86 8.42 -43.18
CA THR F 126 21.67 7.62 -42.86
C THR F 126 21.13 6.93 -44.11
N TYR F 127 20.75 5.66 -43.94
CA TYR F 127 20.27 4.85 -45.05
C TYR F 127 19.33 3.79 -44.48
N GLN F 128 18.03 3.92 -44.77
CA GLN F 128 17.03 3.03 -44.19
C GLN F 128 16.99 1.67 -44.88
N GLY F 129 17.41 1.62 -46.14
CA GLY F 129 17.45 0.37 -46.89
C GLY F 129 16.08 -0.27 -47.08
N SER F 130 16.12 -1.50 -47.61
CA SER F 130 14.91 -2.24 -47.94
C SER F 130 14.10 -2.66 -46.71
N TYR F 131 14.57 -2.39 -45.49
CA TYR F 131 13.86 -2.78 -44.28
C TYR F 131 13.41 -1.59 -43.42
N GLY F 132 13.56 -0.36 -43.92
CA GLY F 132 13.10 0.80 -43.19
C GLY F 132 13.84 1.03 -41.87
N PHE F 133 15.09 0.60 -41.80
CA PHE F 133 15.84 0.63 -40.55
C PHE F 133 15.96 2.04 -39.98
N ARG F 134 15.40 2.24 -38.78
CA ARG F 134 15.44 3.52 -38.08
C ARG F 134 15.60 3.25 -36.58
N LEU F 135 16.04 4.28 -35.84
CA LEU F 135 16.29 4.16 -34.41
C LEU F 135 15.22 4.88 -33.59
N GLY F 136 15.25 4.63 -32.27
CA GLY F 136 14.38 5.29 -31.32
C GLY F 136 15.06 5.30 -29.96
N PHE F 137 14.60 6.20 -29.08
CA PHE F 137 15.23 6.37 -27.77
C PHE F 137 14.16 6.66 -26.72
N LEU F 138 14.31 6.11 -25.52
CA LEU F 138 13.32 6.36 -24.48
C LEU F 138 13.36 7.82 -24.06
N HIS F 139 12.25 8.49 -24.23
CA HIS F 139 12.17 9.93 -23.94
C HIS F 139 12.33 10.16 -22.45
N SER F 140 13.49 10.69 -22.07
CA SER F 140 13.89 10.87 -20.68
C SER F 140 13.93 12.34 -20.31
N GLY F 141 13.73 12.62 -19.02
CA GLY F 141 13.74 13.98 -18.52
C GLY F 141 15.15 14.54 -18.42
N THR F 142 15.27 15.72 -17.80
CA THR F 142 16.54 16.40 -17.63
C THR F 142 16.87 16.68 -16.16
N ALA F 143 16.29 15.94 -15.23
CA ALA F 143 16.53 16.13 -13.81
C ALA F 143 17.97 15.73 -13.43
N LYS F 144 18.43 16.26 -12.29
CA LYS F 144 19.81 16.02 -11.85
C LYS F 144 20.10 14.53 -11.67
N SER F 145 19.08 13.74 -11.38
CA SER F 145 19.24 12.32 -11.12
C SER F 145 19.25 11.44 -12.37
N VAL F 146 19.00 11.98 -13.58
CA VAL F 146 18.89 11.11 -14.74
C VAL F 146 20.25 10.55 -15.13
N THR F 147 20.32 9.22 -15.25
CA THR F 147 21.55 8.54 -15.65
C THR F 147 21.80 8.64 -17.15
N CYS F 148 20.72 8.75 -17.94
CA CYS F 148 20.79 8.78 -19.41
C CYS F 148 19.65 9.64 -19.95
N THR F 149 19.89 10.40 -21.01
CA THR F 149 18.83 11.25 -21.58
C THR F 149 19.19 11.70 -22.99
N TYR F 150 18.21 11.65 -23.91
CA TYR F 150 18.41 11.90 -25.33
C TYR F 150 17.79 13.22 -25.76
N SER F 151 18.45 13.93 -26.67
CA SER F 151 17.95 15.20 -27.23
C SER F 151 17.65 15.05 -28.72
N PRO F 152 16.38 15.10 -29.15
CA PRO F 152 16.11 15.07 -30.60
C PRO F 152 16.62 16.30 -31.33
N ALA F 153 16.66 17.46 -30.68
CA ALA F 153 17.09 18.67 -31.36
C ALA F 153 18.56 18.60 -31.73
N LEU F 154 19.38 18.02 -30.86
CA LEU F 154 20.80 17.84 -31.11
C LEU F 154 21.13 16.48 -31.70
N ASN F 155 20.12 15.62 -31.86
CA ASN F 155 20.29 14.21 -32.20
C ASN F 155 21.39 13.60 -31.35
N LYS F 156 21.31 13.81 -30.04
CA LYS F 156 22.45 13.55 -29.18
C LYS F 156 22.06 12.84 -27.89
N MET F 157 22.88 11.86 -27.49
CA MET F 157 22.71 11.11 -26.26
C MET F 157 23.65 11.63 -25.18
N PHE F 158 23.11 11.87 -23.98
CA PHE F 158 23.87 12.30 -22.82
C PHE F 158 23.73 11.22 -21.77
N CYS F 159 24.85 10.70 -21.27
CA CYS F 159 24.78 9.58 -20.33
C CYS F 159 25.93 9.62 -19.33
N GLN F 160 25.75 8.90 -18.22
CA GLN F 160 26.82 8.73 -17.23
C GLN F 160 27.69 7.54 -17.56
N LEU F 161 28.95 7.62 -17.13
CA LEU F 161 29.92 6.55 -17.35
C LEU F 161 29.36 5.20 -16.91
N ALA F 162 29.39 4.23 -17.83
CA ALA F 162 28.99 2.85 -17.55
C ALA F 162 27.57 2.75 -16.97
N LYS F 163 26.67 3.64 -17.38
CA LYS F 163 25.25 3.54 -17.08
C LYS F 163 24.49 3.15 -18.34
N THR F 164 23.42 2.36 -18.16
CA THR F 164 22.69 1.79 -19.28
C THR F 164 22.01 2.86 -20.13
N CYS F 165 22.26 2.78 -21.44
CA CYS F 165 21.67 3.68 -22.44
C CYS F 165 20.79 2.85 -23.36
N PRO F 166 19.47 2.86 -23.17
CA PRO F 166 18.60 2.03 -24.03
C PRO F 166 18.36 2.65 -25.39
N VAL F 167 18.45 1.80 -26.41
CA VAL F 167 18.26 2.17 -27.81
C VAL F 167 17.20 1.26 -28.40
N GLN F 168 16.21 1.84 -29.07
CA GLN F 168 15.16 1.07 -29.75
C GLN F 168 15.52 0.93 -31.23
N LEU F 169 15.29 -0.27 -31.77
CA LEU F 169 15.47 -0.55 -33.20
C LEU F 169 14.11 -0.73 -33.85
N TRP F 170 13.90 -0.08 -34.97
CA TRP F 170 12.63 -0.11 -35.69
C TRP F 170 12.88 -0.52 -37.14
N VAL F 171 12.05 -1.43 -37.65
CA VAL F 171 12.11 -1.90 -39.04
C VAL F 171 10.69 -2.04 -39.58
N ASP F 172 10.54 -1.79 -40.88
CA ASP F 172 9.25 -1.97 -41.54
C ASP F 172 8.96 -3.44 -41.82
N SER F 173 9.99 -4.22 -42.11
CA SER F 173 9.88 -5.63 -42.42
C SER F 173 11.06 -6.35 -41.76
N THR F 174 10.84 -7.60 -41.36
CA THR F 174 11.87 -8.34 -40.61
C THR F 174 13.08 -8.65 -41.49
N PRO F 175 14.30 -8.29 -41.08
CA PRO F 175 15.50 -8.62 -41.88
C PRO F 175 15.73 -10.12 -41.95
N PRO F 176 16.59 -10.57 -42.87
CA PRO F 176 16.81 -12.03 -43.05
C PRO F 176 17.47 -12.65 -41.83
N PRO F 177 17.33 -13.97 -41.66
CA PRO F 177 18.02 -14.65 -40.55
C PRO F 177 19.51 -14.41 -40.59
N GLY F 178 20.11 -14.30 -39.41
CA GLY F 178 21.53 -14.02 -39.29
C GLY F 178 21.91 -12.56 -39.39
N THR F 179 20.94 -11.67 -39.57
CA THR F 179 21.21 -10.23 -39.57
C THR F 179 21.85 -9.83 -38.24
N ARG F 180 22.71 -8.80 -38.29
CA ARG F 180 23.44 -8.35 -37.11
C ARG F 180 23.36 -6.83 -36.98
N VAL F 181 23.62 -6.36 -35.76
CA VAL F 181 23.59 -4.94 -35.41
C VAL F 181 24.99 -4.59 -34.88
N ARG F 182 25.67 -3.67 -35.58
CA ARG F 182 27.03 -3.26 -35.25
C ARG F 182 27.05 -1.79 -34.82
N ALA F 183 27.81 -1.50 -33.77
CA ALA F 183 28.02 -0.15 -33.27
C ALA F 183 29.49 0.22 -33.44
N MET F 184 29.76 1.35 -34.10
CA MET F 184 31.12 1.82 -34.33
C MET F 184 31.20 3.32 -34.08
N ALA F 185 32.30 3.77 -33.45
CA ALA F 185 32.45 5.16 -33.03
C ALA F 185 33.50 5.90 -33.86
N ILE F 186 33.20 7.15 -34.23
CA ILE F 186 34.12 8.03 -34.95
C ILE F 186 34.02 9.43 -34.35
N TYR F 187 35.09 10.22 -34.53
CA TYR F 187 35.04 11.62 -34.11
C TYR F 187 34.24 12.44 -35.10
N LYS F 188 33.39 13.35 -34.58
CA LYS F 188 32.47 14.09 -35.43
C LYS F 188 33.18 15.19 -36.23
N GLN F 189 34.25 15.76 -35.68
CA GLN F 189 34.97 16.85 -36.33
C GLN F 189 35.85 16.32 -37.45
N SER F 190 35.69 16.91 -38.65
CA SER F 190 36.28 16.33 -39.86
C SER F 190 37.79 16.22 -39.77
N GLN F 191 38.44 17.16 -39.08
CA GLN F 191 39.89 17.12 -38.89
C GLN F 191 40.35 15.92 -38.06
N HIS F 192 39.43 15.26 -37.35
CA HIS F 192 39.76 14.11 -36.52
C HIS F 192 39.10 12.81 -36.99
N MET F 193 38.31 12.85 -38.07
CA MET F 193 37.57 11.67 -38.50
C MET F 193 38.46 10.48 -38.83
N THR F 194 39.75 10.72 -39.12
CA THR F 194 40.67 9.64 -39.40
C THR F 194 41.25 8.99 -38.15
N GLU F 195 40.93 9.48 -36.96
CA GLU F 195 41.47 8.92 -35.72
C GLU F 195 40.53 7.86 -35.16
N VAL F 196 41.11 6.84 -34.51
CA VAL F 196 40.34 5.77 -33.89
C VAL F 196 39.96 6.20 -32.47
N VAL F 197 38.69 6.04 -32.13
CA VAL F 197 38.21 6.39 -30.79
C VAL F 197 38.58 5.25 -29.85
N ARG F 198 39.49 5.51 -28.90
CA ARG F 198 39.92 4.52 -27.92
C ARG F 198 39.68 5.00 -26.50
N ARG F 199 39.46 4.04 -25.60
CA ARG F 199 39.21 4.35 -24.19
C ARG F 199 40.43 5.04 -23.60
N CYS F 200 40.19 6.04 -22.75
CA CYS F 200 41.30 6.85 -22.27
C CYS F 200 42.20 6.04 -21.33
N PRO F 201 43.51 6.24 -21.40
CA PRO F 201 44.45 5.33 -20.69
C PRO F 201 44.13 5.06 -19.23
N HIS F 202 43.66 6.06 -18.47
CA HIS F 202 43.37 5.78 -17.07
C HIS F 202 42.26 4.75 -16.92
N HIS F 203 41.32 4.74 -17.85
CA HIS F 203 40.24 3.75 -17.83
C HIS F 203 40.66 2.47 -18.53
N GLU F 204 41.60 2.56 -19.47
CA GLU F 204 42.19 1.37 -20.05
C GLU F 204 42.96 0.59 -19.00
N ARG F 205 43.49 1.29 -17.98
CA ARG F 205 44.23 0.72 -16.87
C ARG F 205 43.35 0.31 -15.70
N CYS F 206 42.03 0.46 -15.81
CA CYS F 206 41.13 0.23 -14.69
C CYS F 206 40.66 -1.22 -14.64
N SER F 207 40.48 -1.73 -13.41
CA SER F 207 40.07 -3.12 -13.21
C SER F 207 38.67 -3.41 -13.74
N ASP F 208 37.87 -2.37 -14.01
CA ASP F 208 36.50 -2.55 -14.46
C ASP F 208 36.38 -3.26 -15.81
N SER F 209 37.47 -3.43 -16.56
CA SER F 209 37.43 -4.15 -17.84
C SER F 209 37.43 -5.67 -17.66
N ASP F 210 36.69 -6.18 -16.67
CA ASP F 210 36.65 -7.61 -16.36
C ASP F 210 35.79 -8.43 -17.31
N GLY F 211 35.03 -7.79 -18.21
CA GLY F 211 34.17 -8.48 -19.14
C GLY F 211 34.90 -9.07 -20.34
N LEU F 212 34.15 -9.24 -21.44
CA LEU F 212 34.64 -9.85 -22.67
C LEU F 212 34.97 -8.83 -23.76
N ALA F 213 35.15 -7.54 -23.39
CA ALA F 213 35.46 -6.44 -24.29
C ALA F 213 36.85 -5.87 -24.02
N PRO F 214 37.65 -5.58 -25.05
CA PRO F 214 39.04 -5.09 -24.82
C PRO F 214 39.07 -3.83 -23.98
N PRO F 215 40.10 -3.67 -23.11
CA PRO F 215 40.20 -2.44 -22.30
C PRO F 215 40.18 -1.15 -23.12
N GLN F 216 40.54 -1.25 -24.41
CA GLN F 216 40.57 -0.10 -25.30
C GLN F 216 39.23 0.16 -25.99
N HIS F 217 38.26 -0.74 -25.83
CA HIS F 217 36.93 -0.54 -26.43
C HIS F 217 36.10 0.38 -25.55
N LEU F 218 35.61 1.46 -26.15
CA LEU F 218 34.80 2.45 -25.46
C LEU F 218 33.37 1.98 -25.22
N ILE F 219 32.81 1.23 -26.16
CA ILE F 219 31.40 0.84 -26.13
C ILE F 219 31.29 -0.61 -25.68
N ARG F 220 30.33 -0.88 -24.81
CA ARG F 220 30.01 -2.23 -24.35
C ARG F 220 28.50 -2.43 -24.37
N VAL F 221 28.06 -3.67 -24.54
CA VAL F 221 26.66 -4.01 -24.65
C VAL F 221 26.25 -4.79 -23.41
N GLU F 222 25.14 -4.41 -22.80
CA GLU F 222 24.70 -5.00 -21.54
C GLU F 222 23.55 -5.97 -21.79
N GLY F 223 23.59 -7.12 -21.09
CA GLY F 223 22.55 -8.12 -21.15
C GLY F 223 22.57 -9.09 -22.31
N ASN F 224 23.49 -8.96 -23.28
CA ASN F 224 23.53 -9.86 -24.43
C ASN F 224 24.91 -10.50 -24.55
N LEU F 225 24.98 -11.80 -24.27
CA LEU F 225 26.24 -12.54 -24.29
C LEU F 225 26.65 -13.01 -25.68
N ARG F 226 25.81 -12.83 -26.70
CA ARG F 226 26.20 -13.10 -28.09
C ARG F 226 26.94 -11.93 -28.72
N VAL F 227 27.51 -11.08 -27.87
CA VAL F 227 28.21 -9.87 -28.30
C VAL F 227 29.61 -10.23 -28.77
N GLU F 228 30.02 -9.62 -29.89
CA GLU F 228 31.34 -9.80 -30.46
C GLU F 228 32.04 -8.45 -30.49
N TYR F 229 33.15 -8.35 -29.77
CA TYR F 229 33.95 -7.14 -29.76
C TYR F 229 35.00 -7.26 -30.85
N LEU F 230 34.79 -6.53 -31.95
CA LEU F 230 35.54 -6.73 -33.18
C LEU F 230 36.42 -5.53 -33.51
N ASP F 231 37.66 -5.82 -33.89
CA ASP F 231 38.62 -4.82 -34.33
C ASP F 231 38.72 -4.90 -35.85
N ASP F 232 38.46 -3.79 -36.52
CA ASP F 232 38.51 -3.76 -37.98
C ASP F 232 39.92 -4.06 -38.47
N ARG F 233 40.08 -5.17 -39.18
CA ARG F 233 41.40 -5.59 -39.65
C ARG F 233 42.02 -4.54 -40.57
N ASN F 234 41.19 -3.77 -41.29
CA ASN F 234 41.67 -2.84 -42.29
C ASN F 234 41.75 -1.41 -41.79
N THR F 235 40.88 -1.00 -40.87
CA THR F 235 40.89 0.35 -40.31
C THR F 235 41.22 0.40 -38.84
N PHE F 236 41.36 -0.74 -38.15
CA PHE F 236 41.73 -0.84 -36.75
C PHE F 236 40.65 -0.30 -35.81
N ARG F 237 39.49 0.09 -36.33
CA ARG F 237 38.46 0.70 -35.51
C ARG F 237 37.78 -0.34 -34.62
N HIS F 238 37.41 0.10 -33.41
CA HIS F 238 36.78 -0.75 -32.41
C HIS F 238 35.27 -0.73 -32.60
N SER F 239 34.65 -1.92 -32.64
CA SER F 239 33.21 -2.02 -32.87
C SER F 239 32.62 -3.15 -32.02
N VAL F 240 31.33 -3.04 -31.72
CA VAL F 240 30.59 -4.04 -30.96
C VAL F 240 29.45 -4.56 -31.84
N VAL F 241 29.31 -5.89 -31.93
CA VAL F 241 28.27 -6.50 -32.77
C VAL F 241 27.42 -7.47 -31.96
N VAL F 242 26.10 -7.44 -32.19
CA VAL F 242 25.17 -8.45 -31.67
C VAL F 242 24.33 -8.98 -32.82
N PRO F 243 23.74 -10.17 -32.66
CA PRO F 243 22.73 -10.62 -33.62
C PRO F 243 21.49 -9.75 -33.58
N TYR F 244 20.82 -9.61 -34.73
CA TYR F 244 19.54 -8.92 -34.74
C TYR F 244 18.46 -9.84 -34.19
N GLU F 245 17.60 -9.29 -33.32
CA GLU F 245 16.54 -10.07 -32.69
C GLU F 245 15.19 -9.39 -32.94
N PRO F 246 14.19 -10.11 -33.46
CA PRO F 246 12.88 -9.49 -33.73
C PRO F 246 12.22 -9.01 -32.44
N PRO F 247 11.30 -8.05 -32.55
CA PRO F 247 10.61 -7.54 -31.35
C PRO F 247 9.85 -8.61 -30.59
N GLU F 248 9.70 -8.42 -29.29
CA GLU F 248 8.94 -9.33 -28.44
C GLU F 248 7.45 -9.27 -28.77
N VAL F 249 6.72 -10.31 -28.34
CA VAL F 249 5.28 -10.39 -28.61
C VAL F 249 4.59 -9.19 -27.96
N GLY F 250 3.94 -8.38 -28.80
CA GLY F 250 3.29 -7.16 -28.37
C GLY F 250 4.12 -5.91 -28.60
N SER F 251 5.38 -6.05 -29.02
CA SER F 251 6.26 -4.92 -29.27
C SER F 251 6.45 -4.68 -30.76
N ASP F 252 6.71 -3.41 -31.08
CA ASP F 252 6.94 -2.88 -32.41
C ASP F 252 8.42 -2.71 -32.72
N CYS F 253 9.28 -2.79 -31.71
CA CYS F 253 10.69 -2.46 -31.84
C CYS F 253 11.48 -3.31 -30.85
N THR F 254 12.78 -3.45 -31.12
CA THR F 254 13.69 -4.23 -30.28
C THR F 254 14.58 -3.27 -29.49
N THR F 255 14.70 -3.47 -28.18
CA THR F 255 15.53 -2.60 -27.35
C THR F 255 16.87 -3.26 -27.01
N ILE F 256 17.97 -2.56 -27.33
CA ILE F 256 19.33 -2.96 -26.97
C ILE F 256 19.84 -1.97 -25.92
N HIS F 257 20.69 -2.46 -25.02
CA HIS F 257 21.25 -1.67 -23.94
C HIS F 257 22.75 -1.48 -24.14
N TYR F 258 23.17 -0.22 -24.33
CA TYR F 258 24.59 0.11 -24.53
C TYR F 258 25.15 0.85 -23.32
N ASN F 259 26.47 0.70 -23.12
CA ASN F 259 27.19 1.34 -22.03
C ASN F 259 28.48 1.95 -22.57
N TYR F 260 28.75 3.20 -22.20
CA TYR F 260 29.97 3.90 -22.62
C TYR F 260 30.93 3.93 -21.44
N MET F 261 32.13 3.39 -21.63
CA MET F 261 33.06 3.12 -20.53
C MET F 261 34.14 4.19 -20.35
N CYS F 262 33.96 5.38 -20.91
CA CYS F 262 34.94 6.46 -20.78
C CYS F 262 34.19 7.80 -20.86
N ASN F 263 34.69 8.81 -20.14
CA ASN F 263 34.04 10.12 -20.16
C ASN F 263 34.56 10.96 -21.31
N SER F 264 33.66 11.67 -21.99
CA SER F 264 34.05 12.41 -23.20
C SER F 264 35.12 13.44 -22.91
N SER F 265 35.16 13.94 -21.67
CA SER F 265 36.13 14.96 -21.27
C SER F 265 37.52 14.38 -21.01
N CYS F 266 37.71 13.07 -21.18
CA CYS F 266 38.94 12.41 -20.76
C CYS F 266 40.13 12.86 -21.59
N MET F 267 41.21 13.25 -20.91
CA MET F 267 42.48 13.50 -21.58
C MET F 267 43.09 12.19 -22.04
N GLY F 268 43.82 12.25 -23.15
CA GLY F 268 44.41 11.05 -23.73
C GLY F 268 43.43 10.12 -24.39
N GLY F 269 42.13 10.46 -24.37
CA GLY F 269 41.10 9.69 -25.01
C GLY F 269 40.26 10.58 -25.91
N MET F 270 38.99 10.77 -25.56
CA MET F 270 38.12 11.64 -26.34
C MET F 270 38.53 13.11 -26.23
N ASN F 271 38.99 13.52 -25.04
CA ASN F 271 39.52 14.87 -24.81
C ASN F 271 38.58 15.96 -25.35
N ARG F 272 37.31 15.89 -24.94
CA ARG F 272 36.23 16.84 -25.25
C ARG F 272 35.82 16.85 -26.72
N ARG F 273 36.45 16.07 -27.58
CA ARG F 273 36.04 16.01 -28.99
C ARG F 273 34.74 15.22 -29.13
N PRO F 274 33.72 15.78 -29.79
CA PRO F 274 32.46 15.04 -29.92
C PRO F 274 32.62 13.79 -30.74
N ILE F 275 31.88 12.74 -30.38
CA ILE F 275 31.93 11.47 -31.08
C ILE F 275 30.54 11.08 -31.57
N LEU F 276 30.52 10.42 -32.73
CA LEU F 276 29.30 9.95 -33.36
C LEU F 276 29.30 8.43 -33.29
N THR F 277 28.20 7.87 -32.78
CA THR F 277 27.99 6.42 -32.77
C THR F 277 27.19 6.08 -34.01
N ILE F 278 27.73 5.20 -34.84
CA ILE F 278 27.07 4.77 -36.06
C ILE F 278 26.54 3.35 -35.80
N ILE F 279 25.24 3.16 -35.99
CA ILE F 279 24.61 1.84 -35.84
C ILE F 279 24.34 1.32 -37.24
N THR F 280 24.87 0.15 -37.55
CA THR F 280 24.66 -0.47 -38.86
C THR F 280 23.94 -1.80 -38.72
N LEU F 281 22.94 -1.98 -39.58
CA LEU F 281 22.23 -3.23 -39.73
C LEU F 281 22.89 -3.97 -40.89
N GLU F 282 23.38 -5.17 -40.64
CA GLU F 282 24.20 -5.89 -41.60
C GLU F 282 23.70 -7.33 -41.75
N ASP F 283 23.99 -7.95 -42.89
CA ASP F 283 23.64 -9.36 -43.05
C ASP F 283 24.69 -10.23 -42.36
N SER F 284 24.52 -11.55 -42.46
CA SER F 284 25.44 -12.47 -41.80
C SER F 284 26.87 -12.36 -42.31
N SER F 285 27.09 -11.71 -43.46
CA SER F 285 28.41 -11.54 -44.04
C SER F 285 28.95 -10.13 -43.87
N GLY F 286 28.19 -9.22 -43.27
CA GLY F 286 28.61 -7.86 -43.07
C GLY F 286 28.16 -6.87 -44.13
N ASN F 287 27.31 -7.29 -45.07
CA ASN F 287 26.82 -6.38 -46.10
C ASN F 287 25.77 -5.45 -45.51
N LEU F 288 25.78 -4.19 -45.95
CA LEU F 288 24.95 -3.15 -45.32
C LEU F 288 23.49 -3.27 -45.73
N LEU F 289 22.63 -3.58 -44.76
CA LEU F 289 21.18 -3.59 -44.95
C LEU F 289 20.53 -2.27 -44.50
N GLY F 290 21.15 -1.55 -43.56
CA GLY F 290 20.66 -0.26 -43.12
C GLY F 290 21.68 0.42 -42.22
N ARG F 291 21.57 1.75 -42.12
CA ARG F 291 22.51 2.54 -41.31
C ARG F 291 21.84 3.78 -40.73
N ASN F 292 22.17 4.12 -39.48
CA ASN F 292 21.76 5.37 -38.85
C ASN F 292 22.78 5.74 -37.78
N SER F 293 22.70 6.96 -37.26
CA SER F 293 23.76 7.43 -36.36
C SER F 293 23.28 8.54 -35.42
N PHE F 294 24.02 8.73 -34.33
CA PHE F 294 23.70 9.77 -33.34
C PHE F 294 24.95 10.13 -32.53
N GLU F 295 24.95 11.35 -31.97
CA GLU F 295 26.07 11.88 -31.21
C GLU F 295 25.97 11.48 -29.73
N VAL F 296 27.12 11.38 -29.07
CA VAL F 296 27.19 10.91 -27.68
C VAL F 296 28.05 11.84 -26.83
N ARG F 297 27.61 12.06 -25.58
CA ARG F 297 28.38 12.80 -24.58
C ARG F 297 28.30 12.06 -23.26
N VAL F 298 29.42 11.47 -22.83
CA VAL F 298 29.47 10.74 -21.57
C VAL F 298 29.93 11.72 -20.49
N CYS F 299 29.09 11.94 -19.48
CA CYS F 299 29.32 13.03 -18.53
C CYS F 299 28.65 12.73 -17.20
N ALA F 300 29.15 13.40 -16.15
CA ALA F 300 28.67 13.14 -14.79
C ALA F 300 27.24 13.60 -14.54
N CYS F 301 26.75 14.59 -15.29
CA CYS F 301 25.43 15.20 -15.07
C CYS F 301 24.67 15.35 -16.39
N PRO F 302 24.17 14.25 -16.96
CA PRO F 302 23.48 14.34 -18.25
C PRO F 302 22.38 15.39 -18.33
N GLY F 303 21.46 15.42 -17.37
CA GLY F 303 20.37 16.38 -17.45
C GLY F 303 20.86 17.81 -17.55
N ARG F 304 21.94 18.11 -16.82
CA ARG F 304 22.48 19.46 -16.81
C ARG F 304 23.14 19.79 -18.14
N ASP F 305 24.01 18.89 -18.59
CA ASP F 305 24.73 19.12 -19.84
C ASP F 305 23.77 19.19 -21.02
N ARG F 306 22.77 18.31 -21.04
CA ARG F 306 21.76 18.37 -22.09
C ARG F 306 21.06 19.71 -22.09
N ARG F 307 20.54 20.15 -20.94
CA ARG F 307 19.90 21.45 -20.90
C ARG F 307 20.84 22.55 -21.38
N THR F 308 22.12 22.45 -21.03
CA THR F 308 23.07 23.50 -21.41
C THR F 308 23.23 23.56 -22.92
N GLU F 309 23.52 22.42 -23.55
CA GLU F 309 23.73 22.44 -25.00
C GLU F 309 22.45 22.80 -25.73
N GLU F 310 21.31 22.33 -25.24
CA GLU F 310 20.04 22.67 -25.87
C GLU F 310 19.77 24.16 -25.78
N GLU F 311 20.05 24.77 -24.63
CA GLU F 311 19.85 26.20 -24.47
C GLU F 311 20.79 26.98 -25.39
N ASN F 312 22.04 26.54 -25.49
CA ASN F 312 22.97 27.21 -26.41
C ASN F 312 22.45 27.13 -27.84
N LEU F 313 21.86 26.00 -28.20
CA LEU F 313 21.30 25.87 -29.54
C LEU F 313 20.14 26.85 -29.73
N ARG F 314 19.23 26.91 -28.76
CA ARG F 314 18.07 27.79 -28.87
C ARG F 314 18.47 29.26 -28.94
N LYS F 315 19.52 29.65 -28.20
CA LYS F 315 20.00 31.02 -28.22
C LYS F 315 20.54 31.45 -29.58
N LYS F 316 20.91 30.52 -30.45
CA LYS F 316 21.55 30.88 -31.71
C LYS F 316 20.55 31.20 -32.81
ZN ZN G . 30.77 -3.29 13.61
ZN ZN H . 43.19 -1.72 25.00
ZN ZN I . 32.82 30.00 -7.46
ZN ZN J . 1.92 20.67 -26.20
ZN ZN K . 2.01 25.65 -42.38
ZN ZN L . 38.75 8.09 -19.84
#